data_8RJF
#
_entry.id   8RJF
#
_cell.length_a   1.00
_cell.length_b   1.00
_cell.length_c   1.00
_cell.angle_alpha   90.00
_cell.angle_beta   90.00
_cell.angle_gamma   90.00
#
_symmetry.space_group_name_H-M   'P 1'
#
loop_
_entity.id
_entity.type
_entity.pdbx_description
1 polymer 'Pilus assembly ATPase CpaF'
2 non-polymer "ADENOSINE-5'-DIPHOSPHATE"
3 non-polymer 'MAGNESIUM ION'
4 non-polymer '4-(2-HYDROXYETHYL)-1-PIPERAZINE ETHANESULFONIC ACID'
#
_entity_poly.entity_id   1
_entity_poly.type   'polypeptide(L)'
_entity_poly.pdbx_seq_one_letter_code
;DYYHATKTTIFNALLNTIDLSQLAQLDLKQAGEEIRDIVAELVAIKNVSMSVAEQEHLVQDIINDVLGYGPLEPLLARDD
IADIMVNGAHRVFIEVGGKVQLTNVRFRDNLQLMNICQRIVSQVGRRVDESSPICDARLPDGSRVNVIAPPLALDGPTLT
IRKFKKDKLTMKNLVEFASISPEGARVLGVIGACRCNLVISGGTGSGKTTLLNTMTAFIDPTERVVTCEDAAELQLQQPH
VVRLETRPPNLEGSGAVTMRDLVKNCLRMRPERIIVGEVRGPEAFDLLQAMNTGHDGSMGTLHANSPREAISRIESMITM
GGYGLPSKTIKEMIVGSVDVIIQAARLRDGSRRITHITEVVGLEGDVIVTQDLFVYEITGEDEHGKVVGKHRSTGIARPR
FWDRARYYGLERELAEALDAAEAL
;
_entity_poly.pdbx_strand_id   A,B,C,D,E,F
#
# COMPACT_ATOMS: atom_id res chain seq x y z
N ASP A 1 46.01 24.22 -42.24
CA ASP A 1 45.25 24.88 -41.17
C ASP A 1 44.13 25.73 -41.76
N TYR A 2 44.32 26.19 -42.99
CA TYR A 2 43.31 27.02 -43.63
C TYR A 2 42.02 26.25 -43.89
N TYR A 3 42.06 24.92 -43.88
CA TYR A 3 40.86 24.14 -44.16
C TYR A 3 39.78 24.41 -43.13
N HIS A 4 40.14 24.42 -41.84
CA HIS A 4 39.15 24.65 -40.80
C HIS A 4 38.55 26.05 -40.90
N ALA A 5 39.40 27.06 -41.12
CA ALA A 5 38.90 28.43 -41.22
C ALA A 5 37.98 28.57 -42.42
N THR A 6 38.37 28.01 -43.57
CA THR A 6 37.53 28.09 -44.76
C THR A 6 36.19 27.38 -44.54
N LYS A 7 36.22 26.21 -43.89
CA LYS A 7 34.99 25.48 -43.61
C LYS A 7 34.09 26.28 -42.70
N THR A 8 34.65 26.90 -41.65
CA THR A 8 33.84 27.70 -40.74
C THR A 8 33.24 28.91 -41.45
N THR A 9 34.03 29.60 -42.27
CA THR A 9 33.51 30.75 -43.00
C THR A 9 32.41 30.33 -43.97
N ILE A 10 32.61 29.22 -44.67
CA ILE A 10 31.59 28.74 -45.61
C ILE A 10 30.33 28.32 -44.87
N PHE A 11 30.49 27.74 -43.68
CA PHE A 11 29.32 27.37 -42.89
C PHE A 11 28.54 28.61 -42.46
N ASN A 12 29.24 29.65 -42.02
CA ASN A 12 28.57 30.89 -41.66
C ASN A 12 27.87 31.50 -42.86
N ALA A 13 28.54 31.51 -44.02
CA ALA A 13 27.94 32.06 -45.22
C ALA A 13 26.70 31.26 -45.63
N LEU A 14 26.77 29.93 -45.52
CA LEU A 14 25.62 29.11 -45.84
C LEU A 14 24.46 29.37 -44.90
N LEU A 15 24.75 29.49 -43.60
CA LEU A 15 23.68 29.80 -42.64
C LEU A 15 23.06 31.15 -42.96
N ASN A 16 23.88 32.11 -43.37
CA ASN A 16 23.34 33.40 -43.80
C ASN A 16 22.44 33.24 -45.03
N THR A 17 22.88 32.46 -46.00
CA THR A 17 22.11 32.25 -47.23
C THR A 17 21.01 31.20 -47.02
N ILE A 18 21.40 29.97 -46.71
CA ILE A 18 20.46 28.87 -46.47
C ILE A 18 20.46 28.59 -44.98
N ASP A 19 19.40 29.00 -44.30
CA ASP A 19 19.32 28.88 -42.85
C ASP A 19 18.82 27.49 -42.47
N LEU A 20 19.57 26.81 -41.60
CA LEU A 20 19.13 25.51 -41.10
C LEU A 20 17.85 25.64 -40.30
N SER A 21 17.56 26.84 -39.79
CA SER A 21 16.30 27.09 -39.10
C SER A 21 15.12 27.14 -40.07
N GLN A 22 15.37 27.08 -41.37
CA GLN A 22 14.34 27.12 -42.39
C GLN A 22 13.69 25.76 -42.63
N LEU A 23 13.80 24.83 -41.68
CA LEU A 23 13.21 23.51 -41.81
C LEU A 23 11.81 23.60 -42.40
N ALA A 24 11.48 22.65 -43.27
CA ALA A 24 10.28 22.59 -44.10
C ALA A 24 10.37 23.55 -45.27
N GLN A 25 11.40 24.40 -45.34
CA GLN A 25 11.69 25.21 -46.51
C GLN A 25 13.13 24.95 -46.91
N LEU A 26 13.35 24.50 -48.14
CA LEU A 26 14.64 23.97 -48.56
C LEU A 26 15.02 22.77 -47.69
N ASP A 27 14.24 21.70 -47.85
CA ASP A 27 14.41 20.49 -47.05
C ASP A 27 15.56 19.63 -47.56
N LEU A 28 15.66 18.40 -47.05
CA LEU A 28 16.83 17.56 -47.26
C LEU A 28 17.42 17.66 -48.66
N LYS A 29 16.64 17.31 -49.69
CA LYS A 29 17.17 17.33 -51.05
C LYS A 29 17.39 18.76 -51.53
N GLN A 30 16.40 19.64 -51.31
CA GLN A 30 16.58 21.04 -51.65
C GLN A 30 17.72 21.64 -50.86
N ALA A 31 17.88 21.22 -49.60
CA ALA A 31 18.99 21.70 -48.79
C ALA A 31 20.33 21.27 -49.38
N GLY A 32 20.42 20.03 -49.83
CA GLY A 32 21.66 19.57 -50.44
C GLY A 32 21.99 20.34 -51.71
N GLU A 33 20.99 20.54 -52.57
CA GLU A 33 21.21 21.28 -53.80
C GLU A 33 21.64 22.71 -53.50
N GLU A 34 20.95 23.37 -52.55
CA GLU A 34 21.30 24.73 -52.19
C GLU A 34 22.68 24.80 -51.57
N ILE A 35 23.06 23.80 -50.78
CA ILE A 35 24.40 23.79 -50.18
C ILE A 35 25.45 23.66 -51.26
N ARG A 36 25.23 22.77 -52.24
CA ARG A 36 26.19 22.64 -53.33
C ARG A 36 26.34 23.95 -54.09
N ASP A 37 25.21 24.58 -54.43
CA ASP A 37 25.27 25.85 -55.15
C ASP A 37 25.96 26.92 -54.33
N ILE A 38 25.66 27.00 -53.03
CA ILE A 38 26.24 28.02 -52.18
C ILE A 38 27.74 27.81 -52.02
N VAL A 39 28.17 26.55 -51.88
CA VAL A 39 29.59 26.27 -51.77
C VAL A 39 30.30 26.65 -53.07
N ALA A 40 29.69 26.33 -54.21
CA ALA A 40 30.30 26.72 -55.48
C ALA A 40 30.42 28.24 -55.58
N GLU A 41 29.38 28.97 -55.18
CA GLU A 41 29.41 30.42 -55.25
C GLU A 41 30.46 31.00 -54.30
N LEU A 42 30.51 30.50 -53.07
CA LEU A 42 31.43 31.03 -52.07
C LEU A 42 32.87 30.62 -52.33
N VAL A 43 33.10 29.60 -53.17
CA VAL A 43 34.45 29.27 -53.56
C VAL A 43 35.12 30.47 -54.20
N ALA A 44 34.38 31.21 -55.02
CA ALA A 44 34.86 32.44 -55.64
C ALA A 44 34.60 33.66 -54.77
N ILE A 45 33.40 33.78 -54.20
CA ILE A 45 33.10 34.90 -53.31
C ILE A 45 34.02 34.87 -52.09
N LYS A 46 34.20 33.69 -51.50
CA LYS A 46 35.12 33.48 -50.40
C LYS A 46 36.33 32.74 -50.96
N ASN A 47 37.36 33.50 -51.32
CA ASN A 47 38.56 32.92 -51.92
C ASN A 47 39.17 31.89 -50.98
N VAL A 48 39.15 30.63 -51.40
CA VAL A 48 39.68 29.53 -50.62
C VAL A 48 40.66 28.76 -51.50
N SER A 49 41.82 28.42 -50.94
CA SER A 49 42.79 27.63 -51.69
C SER A 49 42.24 26.27 -52.08
N MET A 50 41.18 25.82 -51.42
CA MET A 50 40.58 24.53 -51.73
C MET A 50 40.22 24.46 -53.21
N SER A 51 40.78 23.46 -53.89
CA SER A 51 40.52 23.27 -55.31
C SER A 51 39.18 22.56 -55.49
N VAL A 52 38.92 22.05 -56.70
CA VAL A 52 37.66 21.39 -56.97
C VAL A 52 37.45 20.22 -56.00
N ALA A 53 38.49 19.43 -55.77
CA ALA A 53 38.37 18.29 -54.86
C ALA A 53 38.02 18.76 -53.45
N GLU A 54 38.77 19.73 -52.93
CA GLU A 54 38.47 20.25 -51.60
C GLU A 54 37.15 20.98 -51.56
N GLN A 55 36.78 21.65 -52.66
CA GLN A 55 35.47 22.29 -52.71
C GLN A 55 34.35 21.26 -52.57
N GLU A 56 34.46 20.13 -53.27
CA GLU A 56 33.47 19.07 -53.15
C GLU A 56 33.48 18.45 -51.76
N HIS A 57 34.67 18.29 -51.18
CA HIS A 57 34.77 17.77 -49.82
C HIS A 57 34.01 18.68 -48.85
N LEU A 58 34.22 19.99 -48.97
CA LEU A 58 33.51 20.93 -48.11
C LEU A 58 32.01 20.92 -48.38
N VAL A 59 31.61 20.79 -49.64
CA VAL A 59 30.19 20.69 -49.96
C VAL A 59 29.58 19.52 -49.21
N GLN A 60 30.23 18.35 -49.29
CA GLN A 60 29.69 17.16 -48.63
C GLN A 60 29.69 17.33 -47.12
N ASP A 61 30.73 17.94 -46.56
CA ASP A 61 30.78 18.13 -45.12
C ASP A 61 29.65 19.05 -44.65
N ILE A 62 29.36 20.10 -45.41
CA ILE A 62 28.23 20.96 -45.10
C ILE A 62 26.93 20.16 -45.17
N ILE A 63 26.78 19.35 -46.22
CA ILE A 63 25.57 18.55 -46.36
C ILE A 63 25.39 17.61 -45.18
N ASN A 64 26.49 17.07 -44.66
CA ASN A 64 26.42 16.16 -43.51
C ASN A 64 26.06 16.92 -42.24
N ASP A 65 26.92 17.87 -41.84
CA ASP A 65 26.70 18.56 -40.57
C ASP A 65 25.34 19.24 -40.53
N VAL A 66 24.89 19.82 -41.64
CA VAL A 66 23.55 20.38 -41.67
C VAL A 66 22.50 19.30 -41.44
N LEU A 67 22.69 18.13 -42.03
CA LEU A 67 21.69 17.07 -42.03
C LEU A 67 22.16 15.80 -41.33
N GLY A 68 23.29 15.24 -41.75
CA GLY A 68 23.66 13.89 -41.37
C GLY A 68 24.18 13.77 -39.95
N TYR A 69 24.77 12.59 -39.68
CA TYR A 69 25.26 12.27 -38.34
C TYR A 69 26.72 12.68 -38.19
N GLY A 70 26.95 13.97 -38.45
CA GLY A 70 28.24 14.57 -38.21
C GLY A 70 29.42 13.70 -38.63
N PRO A 71 30.53 13.77 -37.89
CA PRO A 71 31.72 13.00 -38.27
C PRO A 71 31.60 11.50 -38.07
N LEU A 72 30.45 10.99 -37.62
CA LEU A 72 30.31 9.56 -37.43
C LEU A 72 30.09 8.81 -38.73
N GLU A 73 29.61 9.47 -39.77
CA GLU A 73 29.22 8.77 -40.99
C GLU A 73 30.30 7.84 -41.53
N PRO A 74 31.57 8.24 -41.61
CA PRO A 74 32.59 7.27 -42.03
C PRO A 74 32.63 6.04 -41.14
N LEU A 75 32.65 6.24 -39.82
CA LEU A 75 32.79 5.11 -38.91
C LEU A 75 31.62 4.14 -39.05
N LEU A 76 30.40 4.66 -39.12
CA LEU A 76 29.24 3.80 -39.31
C LEU A 76 29.26 3.15 -40.69
N ALA A 77 29.96 3.74 -41.66
CA ALA A 77 29.97 3.17 -43.00
C ALA A 77 30.81 1.89 -43.06
N ARG A 78 31.98 1.90 -42.42
CA ARG A 78 32.86 0.76 -42.51
C ARG A 78 32.21 -0.50 -41.95
N ASP A 79 32.68 -1.65 -42.43
CA ASP A 79 32.15 -2.94 -42.00
C ASP A 79 33.03 -3.64 -40.98
N ASP A 80 34.33 -3.34 -40.95
CA ASP A 80 35.20 -3.98 -39.96
C ASP A 80 34.98 -3.39 -38.56
N ILE A 81 34.57 -2.13 -38.47
CA ILE A 81 34.31 -1.48 -37.19
C ILE A 81 33.13 -2.16 -36.52
N ALA A 82 33.38 -2.81 -35.38
CA ALA A 82 32.31 -3.50 -34.66
C ALA A 82 31.58 -2.58 -33.68
N ASP A 83 32.31 -1.69 -33.00
CA ASP A 83 31.74 -0.80 -32.01
C ASP A 83 32.26 0.62 -32.24
N ILE A 84 31.49 1.59 -31.78
CA ILE A 84 31.90 2.99 -31.77
C ILE A 84 31.62 3.53 -30.38
N MET A 85 32.65 3.99 -29.69
CA MET A 85 32.55 4.44 -28.31
C MET A 85 33.07 5.87 -28.23
N VAL A 86 32.17 6.81 -28.02
CA VAL A 86 32.49 8.23 -27.95
C VAL A 86 32.35 8.66 -26.50
N ASN A 87 33.46 9.09 -25.90
CA ASN A 87 33.49 9.59 -24.52
C ASN A 87 33.72 11.09 -24.59
N GLY A 88 32.63 11.84 -24.62
CA GLY A 88 32.74 13.26 -24.85
C GLY A 88 32.98 13.55 -26.31
N ALA A 89 33.36 14.80 -26.59
CA ALA A 89 33.51 15.27 -27.95
C ALA A 89 34.96 15.21 -28.44
N HIS A 90 35.84 14.49 -27.75
CA HIS A 90 37.25 14.51 -28.10
C HIS A 90 37.94 13.16 -28.05
N ARG A 91 37.25 12.07 -27.70
CA ARG A 91 37.90 10.78 -27.47
C ARG A 91 37.13 9.65 -28.14
N VAL A 92 36.83 9.80 -29.43
CA VAL A 92 36.10 8.77 -30.15
C VAL A 92 37.02 7.55 -30.32
N PHE A 93 36.66 6.44 -29.68
CA PHE A 93 37.33 5.16 -29.87
C PHE A 93 36.53 4.30 -30.84
N ILE A 94 37.15 3.22 -31.31
CA ILE A 94 36.45 2.24 -32.14
C ILE A 94 37.07 0.87 -31.88
N GLU A 95 36.25 -0.17 -32.02
CA GLU A 95 36.72 -1.55 -31.91
C GLU A 95 36.86 -2.14 -33.30
N VAL A 96 38.07 -2.59 -33.62
CA VAL A 96 38.37 -3.22 -34.90
C VAL A 96 39.09 -4.53 -34.61
N GLY A 97 38.58 -5.62 -35.18
CA GLY A 97 39.23 -6.91 -35.01
C GLY A 97 39.42 -7.30 -33.55
N GLY A 98 38.50 -6.89 -32.69
CA GLY A 98 38.58 -7.23 -31.28
C GLY A 98 39.44 -6.30 -30.45
N LYS A 99 40.09 -5.31 -31.05
CA LYS A 99 40.95 -4.38 -30.34
C LYS A 99 40.32 -2.99 -30.35
N VAL A 100 40.21 -2.39 -29.17
CA VAL A 100 39.70 -1.03 -29.05
C VAL A 100 40.87 -0.07 -29.21
N GLN A 101 40.68 0.94 -30.04
CA GLN A 101 41.76 1.87 -30.36
C GLN A 101 41.19 3.26 -30.54
N LEU A 102 41.95 4.25 -30.09
CA LEU A 102 41.58 5.64 -30.29
C LEU A 102 41.75 6.03 -31.75
N THR A 103 40.97 7.00 -32.19
CA THR A 103 41.04 7.50 -33.56
C THR A 103 41.01 9.01 -33.55
N ASN A 104 41.68 9.59 -34.55
CA ASN A 104 41.77 11.05 -34.66
C ASN A 104 40.47 11.62 -35.24
N VAL A 105 39.37 11.34 -34.53
CA VAL A 105 38.05 11.85 -34.87
C VAL A 105 37.56 12.67 -33.70
N ARG A 106 37.14 13.91 -33.98
CA ARG A 106 36.68 14.82 -32.95
C ARG A 106 35.43 15.53 -33.44
N PHE A 107 34.61 15.97 -32.51
CA PHE A 107 33.45 16.80 -32.80
C PHE A 107 33.76 18.26 -32.49
N ARG A 108 32.98 19.14 -33.11
CA ARG A 108 33.19 20.57 -32.88
C ARG A 108 33.20 20.90 -31.39
N ASP A 109 32.22 20.38 -30.66
CA ASP A 109 32.10 20.62 -29.23
C ASP A 109 31.07 19.63 -28.68
N ASN A 110 30.72 19.78 -27.40
CA ASN A 110 29.75 18.87 -26.80
C ASN A 110 28.34 19.12 -27.30
N LEU A 111 28.01 20.36 -27.65
CA LEU A 111 26.66 20.63 -28.14
C LEU A 111 26.41 19.92 -29.47
N GLN A 112 27.38 19.94 -30.37
CA GLN A 112 27.22 19.21 -31.62
C GLN A 112 27.04 17.73 -31.37
N LEU A 113 27.83 17.16 -30.46
CA LEU A 113 27.72 15.73 -30.18
C LEU A 113 26.35 15.41 -29.59
N MET A 114 25.85 16.26 -28.69
CA MET A 114 24.54 16.00 -28.11
C MET A 114 23.45 16.09 -29.16
N ASN A 115 23.55 17.05 -30.07
CA ASN A 115 22.57 17.14 -31.15
C ASN A 115 22.63 15.90 -32.03
N ILE A 116 23.84 15.41 -32.33
CA ILE A 116 23.98 14.21 -33.13
C ILE A 116 23.33 13.02 -32.42
N CYS A 117 23.56 12.90 -31.11
CA CYS A 117 22.96 11.81 -30.36
C CYS A 117 21.44 11.91 -30.39
N GLN A 118 20.90 13.12 -30.23
CA GLN A 118 19.46 13.29 -30.28
C GLN A 118 18.90 12.88 -31.64
N ARG A 119 19.60 13.24 -32.72
CA ARG A 119 19.17 12.82 -34.04
C ARG A 119 19.21 11.29 -34.18
N ILE A 120 20.27 10.67 -33.66
CA ILE A 120 20.41 9.22 -33.80
C ILE A 120 19.30 8.50 -33.05
N VAL A 121 19.06 8.88 -31.79
CA VAL A 121 18.05 8.19 -30.99
C VAL A 121 16.64 8.57 -31.37
N SER A 122 16.45 9.54 -32.26
CA SER A 122 15.12 9.91 -32.73
C SER A 122 14.61 9.01 -33.84
N GLN A 123 15.46 8.16 -34.42
CA GLN A 123 15.00 7.24 -35.45
C GLN A 123 13.93 6.31 -34.92
N VAL A 124 14.11 5.81 -33.71
CA VAL A 124 13.15 4.89 -33.10
C VAL A 124 12.16 5.65 -32.20
N GLY A 125 12.09 6.97 -32.33
CA GLY A 125 11.10 7.74 -31.61
C GLY A 125 11.46 8.10 -30.19
N ARG A 126 12.64 7.70 -29.70
CA ARG A 126 13.05 8.04 -28.35
C ARG A 126 13.86 9.34 -28.36
N ARG A 127 13.92 9.98 -27.20
CA ARG A 127 14.61 11.24 -27.03
C ARG A 127 15.50 11.19 -25.81
N VAL A 128 16.66 11.84 -25.90
CA VAL A 128 17.62 11.92 -24.82
C VAL A 128 17.97 13.39 -24.61
N ASP A 129 17.91 13.83 -23.37
CA ASP A 129 18.23 15.21 -23.02
C ASP A 129 18.34 15.28 -21.50
N GLU A 130 18.54 16.49 -20.97
CA GLU A 130 18.69 16.64 -19.53
C GLU A 130 17.46 16.19 -18.77
N SER A 131 16.31 16.09 -19.43
CA SER A 131 15.11 15.60 -18.77
C SER A 131 15.18 14.10 -18.53
N SER A 132 15.60 13.34 -19.54
CA SER A 132 15.78 11.89 -19.44
C SER A 132 17.15 11.55 -20.01
N PRO A 133 18.21 11.63 -19.19
CA PRO A 133 19.57 11.63 -19.74
C PRO A 133 20.04 10.29 -20.28
N ILE A 134 19.35 9.19 -20.01
CA ILE A 134 19.79 7.85 -20.39
C ILE A 134 18.84 7.34 -21.47
N CYS A 135 19.41 6.79 -22.54
CA CYS A 135 18.61 6.25 -23.63
C CYS A 135 19.29 5.03 -24.22
N ASP A 136 18.62 3.87 -24.16
CA ASP A 136 19.09 2.65 -24.79
C ASP A 136 18.06 2.22 -25.81
N ALA A 137 18.49 1.99 -27.04
CA ALA A 137 17.57 1.70 -28.13
C ALA A 137 18.25 0.78 -29.14
N ARG A 138 17.42 0.16 -29.99
CA ARG A 138 17.89 -0.67 -31.09
C ARG A 138 17.46 -0.03 -32.39
N LEU A 139 18.43 0.33 -33.23
CA LEU A 139 18.11 0.93 -34.50
C LEU A 139 17.58 -0.12 -35.47
N PRO A 140 16.87 0.30 -36.51
CA PRO A 140 16.28 -0.68 -37.43
C PRO A 140 17.30 -1.59 -38.08
N ASP A 141 18.55 -1.16 -38.22
CA ASP A 141 19.55 -1.98 -38.90
C ASP A 141 20.20 -3.00 -37.99
N GLY A 142 19.76 -3.12 -36.74
CA GLY A 142 20.27 -4.11 -35.83
C GLY A 142 21.27 -3.57 -34.82
N SER A 143 21.85 -2.41 -35.07
CA SER A 143 22.80 -1.83 -34.13
C SER A 143 22.07 -1.32 -32.90
N ARG A 144 22.80 -1.27 -31.78
CA ARG A 144 22.25 -0.81 -30.51
C ARG A 144 22.94 0.48 -30.11
N VAL A 145 22.15 1.48 -29.72
CA VAL A 145 22.66 2.79 -29.33
C VAL A 145 22.39 2.98 -27.85
N ASN A 146 23.42 3.41 -27.13
CA ASN A 146 23.30 3.77 -25.72
C ASN A 146 23.88 5.16 -25.55
N VAL A 147 23.09 6.08 -25.02
CA VAL A 147 23.47 7.47 -24.90
C VAL A 147 23.27 7.92 -23.45
N ILE A 148 24.25 8.63 -22.92
CA ILE A 148 24.14 9.25 -21.59
C ILE A 148 24.46 10.73 -21.73
N ALA A 149 23.69 11.55 -21.05
CA ALA A 149 23.67 13.00 -21.24
C ALA A 149 24.63 13.68 -20.27
N PRO A 150 24.90 14.96 -20.48
CA PRO A 150 25.91 15.66 -19.68
C PRO A 150 25.59 15.67 -18.20
N PRO A 151 24.32 15.80 -17.80
CA PRO A 151 24.01 15.85 -16.36
C PRO A 151 24.60 14.67 -15.59
N LEU A 152 24.60 13.48 -16.19
CA LEU A 152 25.20 12.31 -15.56
C LEU A 152 26.64 12.12 -15.99
N ALA A 153 26.91 12.18 -17.30
CA ALA A 153 28.26 12.02 -17.81
C ALA A 153 29.01 13.33 -17.61
N LEU A 154 30.04 13.30 -16.77
CA LEU A 154 30.75 14.54 -16.44
C LEU A 154 31.52 15.07 -17.64
N ASP A 155 32.09 14.19 -18.45
CA ASP A 155 32.92 14.62 -19.58
C ASP A 155 32.12 15.09 -20.77
N GLY A 156 30.80 14.93 -20.76
CA GLY A 156 29.98 15.25 -21.90
C GLY A 156 29.18 14.04 -22.33
N PRO A 157 28.40 14.18 -23.39
CA PRO A 157 27.60 13.05 -23.85
C PRO A 157 28.48 11.85 -24.14
N THR A 158 28.03 10.67 -23.72
CA THR A 158 28.72 9.43 -24.03
C THR A 158 27.81 8.59 -24.92
N LEU A 159 28.36 8.15 -26.05
CA LEU A 159 27.63 7.40 -27.05
C LEU A 159 28.30 6.05 -27.25
N THR A 160 27.49 5.02 -27.39
CA THR A 160 28.00 3.66 -27.62
C THR A 160 27.11 3.01 -28.67
N ILE A 161 27.67 2.75 -29.85
CA ILE A 161 26.95 2.11 -30.94
C ILE A 161 27.59 0.76 -31.16
N ARG A 162 26.85 -0.30 -30.86
CA ARG A 162 27.31 -1.67 -31.06
C ARG A 162 26.58 -2.25 -32.26
N LYS A 163 27.29 -2.38 -33.37
CA LYS A 163 26.69 -2.92 -34.57
C LYS A 163 26.45 -4.42 -34.43
N PHE A 164 25.56 -4.93 -35.27
CA PHE A 164 25.17 -6.33 -35.23
C PHE A 164 26.25 -7.16 -35.92
N LYS A 165 26.95 -7.99 -35.16
CA LYS A 165 28.01 -8.84 -35.71
C LYS A 165 27.35 -9.89 -36.59
N LYS A 166 27.44 -9.70 -37.90
CA LYS A 166 26.66 -10.49 -38.84
C LYS A 166 27.35 -11.77 -39.28
N ASP A 167 28.52 -12.09 -38.74
CA ASP A 167 29.22 -13.33 -39.04
C ASP A 167 29.39 -14.13 -37.76
N LYS A 168 29.00 -15.39 -37.79
CA LYS A 168 29.06 -16.27 -36.63
C LYS A 168 29.96 -17.46 -36.94
N LEU A 169 30.36 -18.16 -35.89
CA LEU A 169 31.13 -19.39 -36.04
C LEU A 169 30.18 -20.54 -36.36
N THR A 170 30.54 -21.33 -37.37
CA THR A 170 29.81 -22.54 -37.70
C THR A 170 30.34 -23.69 -36.87
N MET A 171 29.66 -24.84 -36.96
CA MET A 171 30.10 -26.00 -36.21
C MET A 171 31.48 -26.46 -36.66
N LYS A 172 31.75 -26.43 -37.96
CA LYS A 172 33.06 -26.82 -38.44
C LYS A 172 34.14 -25.89 -37.91
N ASN A 173 33.84 -24.61 -37.74
CA ASN A 173 34.80 -23.71 -37.13
C ASN A 173 35.10 -24.13 -35.70
N LEU A 174 34.07 -24.54 -34.95
CA LEU A 174 34.32 -25.04 -33.60
C LEU A 174 35.13 -26.31 -33.61
N VAL A 175 34.99 -27.13 -34.66
CA VAL A 175 35.82 -28.33 -34.77
C VAL A 175 37.26 -27.96 -35.06
N GLU A 176 37.49 -26.98 -35.94
CA GLU A 176 38.84 -26.58 -36.29
C GLU A 176 39.61 -26.06 -35.09
N PHE A 177 38.92 -25.39 -34.16
CA PHE A 177 39.56 -24.90 -32.95
C PHE A 177 39.80 -26.00 -31.92
N ALA A 178 39.49 -27.26 -32.26
CA ALA A 178 39.64 -28.37 -31.33
C ALA A 178 38.78 -28.18 -30.09
N SER A 179 37.63 -27.53 -30.26
CA SER A 179 36.71 -27.34 -29.15
C SER A 179 35.76 -28.52 -28.99
N ILE A 180 35.46 -29.23 -30.06
CA ILE A 180 34.59 -30.41 -30.02
C ILE A 180 35.07 -31.37 -31.10
N SER A 181 35.35 -32.61 -30.71
CA SER A 181 35.84 -33.58 -31.67
C SER A 181 34.78 -33.86 -32.74
N PRO A 182 35.18 -34.19 -33.96
CA PRO A 182 34.18 -34.37 -35.03
C PRO A 182 33.12 -35.39 -34.68
N GLU A 183 33.46 -36.44 -33.93
CA GLU A 183 32.43 -37.35 -33.44
C GLU A 183 31.43 -36.61 -32.57
N GLY A 184 31.93 -35.76 -31.67
CA GLY A 184 31.03 -34.93 -30.88
C GLY A 184 30.20 -34.01 -31.75
N ALA A 185 30.80 -33.49 -32.82
CA ALA A 185 30.05 -32.61 -33.71
C ALA A 185 28.89 -33.35 -34.36
N ARG A 186 29.11 -34.58 -34.80
CA ARG A 186 28.02 -35.33 -35.43
C ARG A 186 27.00 -35.78 -34.40
N VAL A 187 27.41 -36.06 -33.17
CA VAL A 187 26.44 -36.36 -32.12
C VAL A 187 25.57 -35.13 -31.85
N LEU A 188 26.17 -33.94 -31.83
CA LEU A 188 25.38 -32.72 -31.66
C LEU A 188 24.46 -32.52 -32.85
N GLY A 189 24.90 -32.88 -34.05
CA GLY A 189 24.02 -32.82 -35.20
C GLY A 189 22.81 -33.71 -35.04
N VAL A 190 23.03 -34.94 -34.57
CA VAL A 190 21.91 -35.85 -34.32
C VAL A 190 20.98 -35.28 -33.25
N ILE A 191 21.56 -34.73 -32.18
CA ILE A 191 20.73 -34.18 -31.10
C ILE A 191 19.90 -33.01 -31.60
N GLY A 192 20.50 -32.13 -32.39
CA GLY A 192 19.75 -30.98 -32.88
C GLY A 192 18.66 -31.38 -33.85
N ALA A 193 18.98 -32.28 -34.78
CA ALA A 193 17.97 -32.71 -35.76
C ALA A 193 16.85 -33.48 -35.08
N CYS A 194 17.20 -34.31 -34.10
CA CYS A 194 16.26 -35.14 -33.35
C CYS A 194 15.35 -34.33 -32.45
N ARG A 195 15.51 -33.01 -32.40
CA ARG A 195 14.72 -32.11 -31.56
C ARG A 195 14.58 -32.67 -30.15
N CYS A 196 15.71 -32.74 -29.46
CA CYS A 196 15.75 -33.03 -28.04
C CYS A 196 15.88 -31.72 -27.28
N ASN A 197 15.01 -31.51 -26.29
CA ASN A 197 15.13 -30.32 -25.46
C ASN A 197 16.50 -30.31 -24.81
N LEU A 198 17.23 -29.20 -24.95
CA LEU A 198 18.58 -29.14 -24.41
C LEU A 198 18.83 -27.79 -23.76
N VAL A 199 19.59 -27.83 -22.67
CA VAL A 199 20.06 -26.64 -21.97
C VAL A 199 21.57 -26.56 -22.15
N ILE A 200 22.06 -25.39 -22.50
CA ILE A 200 23.47 -25.19 -22.80
C ILE A 200 24.09 -24.42 -21.64
N SER A 201 24.72 -25.14 -20.72
CA SER A 201 25.34 -24.52 -19.57
C SER A 201 26.62 -23.81 -19.99
N GLY A 202 27.35 -23.30 -19.01
CA GLY A 202 28.65 -22.71 -19.23
C GLY A 202 28.86 -21.50 -18.34
N GLY A 203 30.13 -21.10 -18.22
CA GLY A 203 30.49 -19.92 -17.46
C GLY A 203 30.50 -18.68 -18.33
N THR A 204 30.85 -17.56 -17.71
CA THR A 204 30.88 -16.29 -18.41
C THR A 204 31.87 -16.36 -19.57
N GLY A 205 31.44 -15.86 -20.73
CA GLY A 205 32.32 -15.83 -21.88
C GLY A 205 32.79 -17.18 -22.34
N SER A 206 32.19 -18.26 -21.85
CA SER A 206 32.60 -19.59 -22.25
C SER A 206 32.13 -19.96 -23.66
N GLY A 207 31.33 -19.10 -24.29
CA GLY A 207 30.92 -19.34 -25.65
C GLY A 207 29.74 -20.29 -25.75
N LYS A 208 28.65 -19.97 -25.05
CA LYS A 208 27.44 -20.78 -25.11
C LYS A 208 26.37 -20.17 -26.01
N THR A 209 26.35 -18.86 -26.18
CA THR A 209 25.47 -18.28 -27.21
C THR A 209 25.91 -18.72 -28.59
N THR A 210 27.22 -18.76 -28.84
CA THR A 210 27.70 -19.24 -30.13
C THR A 210 27.34 -20.70 -30.34
N LEU A 211 27.49 -21.52 -29.30
CA LEU A 211 27.12 -22.91 -29.40
C LEU A 211 25.63 -23.06 -29.67
N LEU A 212 24.80 -22.26 -29.01
CA LEU A 212 23.38 -22.30 -29.28
C LEU A 212 23.08 -21.93 -30.73
N ASN A 213 23.76 -20.89 -31.24
CA ASN A 213 23.49 -20.48 -32.61
C ASN A 213 23.97 -21.51 -33.61
N THR A 214 25.00 -22.28 -33.28
CA THR A 214 25.41 -23.37 -34.16
C THR A 214 24.41 -24.51 -34.10
N MET A 215 23.94 -24.84 -32.90
CA MET A 215 22.93 -25.90 -32.77
C MET A 215 21.66 -25.56 -33.52
N THR A 216 21.28 -24.28 -33.56
CA THR A 216 20.08 -23.92 -34.30
C THR A 216 20.26 -24.03 -35.80
N ALA A 217 21.37 -24.54 -36.31
CA ALA A 217 21.49 -24.80 -37.74
C ALA A 217 20.95 -26.16 -38.14
N PHE A 218 20.60 -27.00 -37.18
CA PHE A 218 20.04 -28.31 -37.44
C PHE A 218 18.52 -28.33 -37.41
N ILE A 219 17.89 -27.19 -37.06
CA ILE A 219 16.43 -27.13 -37.02
C ILE A 219 15.89 -27.36 -38.43
N ASP A 220 14.92 -28.25 -38.53
CA ASP A 220 14.29 -28.52 -39.81
C ASP A 220 13.63 -27.26 -40.32
N PRO A 221 13.84 -26.86 -41.59
CA PRO A 221 13.31 -25.57 -42.05
C PRO A 221 11.80 -25.44 -41.93
N THR A 222 11.06 -26.54 -41.91
CA THR A 222 9.62 -26.49 -41.90
C THR A 222 9.04 -26.19 -40.52
N GLU A 223 9.88 -25.97 -39.51
CA GLU A 223 9.42 -25.79 -38.14
C GLU A 223 9.31 -24.31 -37.80
N ARG A 224 8.24 -23.95 -37.13
CA ARG A 224 8.03 -22.58 -36.67
C ARG A 224 8.81 -22.37 -35.40
N VAL A 225 9.87 -21.59 -35.47
CA VAL A 225 10.75 -21.32 -34.34
C VAL A 225 10.39 -19.95 -33.78
N VAL A 226 10.52 -19.80 -32.47
CA VAL A 226 10.27 -18.54 -31.79
C VAL A 226 11.41 -18.31 -30.80
N THR A 227 12.20 -17.28 -31.02
CA THR A 227 13.38 -17.01 -30.21
C THR A 227 13.16 -15.76 -29.39
N CYS A 228 13.26 -15.90 -28.07
CA CYS A 228 13.17 -14.78 -27.15
C CYS A 228 14.56 -14.39 -26.69
N GLU A 229 14.84 -13.09 -26.66
CA GLU A 229 16.18 -12.63 -26.34
C GLU A 229 16.09 -11.32 -25.57
N ASP A 230 17.16 -11.01 -24.84
CA ASP A 230 17.31 -9.70 -24.24
C ASP A 230 17.95 -8.70 -25.21
N ALA A 231 18.98 -9.14 -25.93
CA ALA A 231 19.58 -8.39 -27.02
C ALA A 231 19.76 -9.33 -28.19
N ALA A 232 19.26 -8.95 -29.35
CA ALA A 232 19.29 -9.83 -30.51
C ALA A 232 20.71 -10.24 -30.87
N GLU A 233 21.03 -11.50 -30.68
CA GLU A 233 22.33 -12.05 -31.05
C GLU A 233 22.25 -13.24 -31.98
N LEU A 234 21.32 -14.17 -31.73
CA LEU A 234 21.20 -15.32 -32.61
C LEU A 234 20.83 -14.88 -34.02
N GLN A 235 21.35 -15.61 -35.00
CA GLN A 235 21.03 -15.38 -36.41
C GLN A 235 20.65 -16.72 -37.01
N LEU A 236 19.38 -17.09 -36.88
CA LEU A 236 18.88 -18.30 -37.50
C LEU A 236 18.59 -18.05 -38.97
N GLN A 237 18.91 -19.04 -39.80
CA GLN A 237 18.71 -18.92 -41.24
C GLN A 237 17.47 -19.65 -41.74
N GLN A 238 16.69 -20.26 -40.85
CA GLN A 238 15.46 -20.88 -41.27
C GLN A 238 14.47 -19.83 -41.76
N PRO A 239 13.53 -20.19 -42.63
CA PRO A 239 12.60 -19.20 -43.18
C PRO A 239 11.38 -18.93 -42.31
N HIS A 240 11.23 -19.58 -41.17
CA HIS A 240 10.02 -19.49 -40.36
C HIS A 240 10.32 -19.01 -38.95
N VAL A 241 11.37 -18.23 -38.77
CA VAL A 241 11.81 -17.82 -37.44
C VAL A 241 11.09 -16.54 -37.04
N VAL A 242 10.57 -16.52 -35.81
CA VAL A 242 9.94 -15.35 -35.23
C VAL A 242 10.84 -14.84 -34.12
N ARG A 243 11.23 -13.58 -34.20
CA ARG A 243 12.19 -12.98 -33.29
C ARG A 243 11.47 -12.04 -32.34
N LEU A 244 11.68 -12.24 -31.04
CA LEU A 244 11.12 -11.38 -30.00
C LEU A 244 12.27 -10.77 -29.20
N GLU A 245 11.93 -9.83 -28.33
CA GLU A 245 12.95 -9.11 -27.58
C GLU A 245 12.30 -8.38 -26.42
N THR A 246 12.84 -8.59 -25.22
CA THR A 246 12.29 -7.94 -24.03
C THR A 246 12.49 -6.44 -24.10
N ARG A 247 11.74 -5.72 -23.29
CA ARG A 247 11.84 -4.26 -23.19
C ARG A 247 12.09 -3.89 -21.74
N PRO A 248 13.26 -3.35 -21.39
CA PRO A 248 13.53 -3.04 -19.99
C PRO A 248 12.70 -1.85 -19.53
N PRO A 249 12.46 -1.72 -18.23
CA PRO A 249 11.66 -0.60 -17.74
C PRO A 249 12.37 0.71 -18.00
N ASN A 250 11.58 1.76 -18.23
CA ASN A 250 12.15 3.10 -18.36
C ASN A 250 12.60 3.59 -16.98
N LEU A 251 13.06 4.84 -16.93
CA LEU A 251 13.62 5.36 -15.69
C LEU A 251 12.60 5.36 -14.55
N GLU A 252 11.31 5.33 -14.86
CA GLU A 252 10.26 5.34 -13.85
C GLU A 252 9.59 3.98 -13.67
N GLY A 253 10.14 2.93 -14.26
CA GLY A 253 9.67 1.58 -14.00
C GLY A 253 8.44 1.16 -14.78
N SER A 254 8.07 1.88 -15.83
CA SER A 254 6.89 1.56 -16.62
C SER A 254 7.29 0.99 -17.97
N GLY A 255 6.41 0.17 -18.53
CA GLY A 255 6.63 -0.37 -19.86
C GLY A 255 7.59 -1.53 -19.92
N ALA A 256 7.70 -2.30 -18.84
CA ALA A 256 8.61 -3.44 -18.79
C ALA A 256 7.93 -4.68 -19.33
N VAL A 257 8.67 -5.44 -20.14
CA VAL A 257 8.20 -6.73 -20.67
C VAL A 257 9.31 -7.74 -20.39
N THR A 258 9.19 -8.47 -19.30
CA THR A 258 10.22 -9.42 -18.90
C THR A 258 10.25 -10.61 -19.84
N MET A 259 11.36 -11.35 -19.79
CA MET A 259 11.46 -12.58 -20.58
C MET A 259 10.37 -13.57 -20.18
N ARG A 260 9.93 -13.51 -18.93
CA ARG A 260 8.85 -14.40 -18.50
C ARG A 260 7.58 -14.15 -19.30
N ASP A 261 7.24 -12.87 -19.51
CA ASP A 261 6.04 -12.56 -20.29
C ASP A 261 6.17 -13.04 -21.72
N LEU A 262 7.33 -12.85 -22.34
CA LEU A 262 7.52 -13.31 -23.71
C LEU A 262 7.40 -14.82 -23.79
N VAL A 263 8.03 -15.55 -22.87
CA VAL A 263 7.98 -17.00 -22.93
C VAL A 263 6.57 -17.50 -22.68
N LYS A 264 5.84 -16.86 -21.77
CA LYS A 264 4.45 -17.25 -21.55
C LYS A 264 3.62 -17.01 -22.80
N ASN A 265 3.82 -15.88 -23.47
CA ASN A 265 3.07 -15.60 -24.68
C ASN A 265 3.41 -16.61 -25.77
N CYS A 266 4.68 -16.99 -25.88
CA CYS A 266 5.09 -17.90 -26.94
C CYS A 266 4.36 -19.23 -26.89
N LEU A 267 3.83 -19.62 -25.72
CA LEU A 267 3.02 -20.83 -25.66
C LEU A 267 1.72 -20.67 -26.42
N ARG A 268 1.30 -19.44 -26.70
CA ARG A 268 0.06 -19.17 -27.42
C ARG A 268 0.30 -18.82 -28.88
N MET A 269 1.55 -18.80 -29.33
CA MET A 269 1.87 -18.48 -30.72
C MET A 269 1.97 -19.73 -31.59
N ARG A 270 1.63 -20.89 -31.04
CA ARG A 270 1.67 -22.14 -31.78
C ARG A 270 3.06 -22.43 -32.33
N PRO A 271 4.12 -22.26 -31.56
CA PRO A 271 5.46 -22.57 -32.06
C PRO A 271 5.71 -24.06 -32.06
N GLU A 272 6.84 -24.44 -32.67
CA GLU A 272 7.34 -25.80 -32.56
C GLU A 272 8.66 -25.90 -31.82
N ARG A 273 9.37 -24.78 -31.66
CA ARG A 273 10.52 -24.70 -30.78
C ARG A 273 10.56 -23.31 -30.19
N ILE A 274 10.83 -23.23 -28.90
CA ILE A 274 11.07 -21.96 -28.22
C ILE A 274 12.53 -21.96 -27.82
N ILE A 275 13.26 -20.93 -28.22
CA ILE A 275 14.70 -20.84 -28.02
C ILE A 275 14.95 -19.59 -27.21
N VAL A 276 15.00 -19.73 -25.89
CA VAL A 276 15.21 -18.59 -25.01
C VAL A 276 16.67 -18.17 -25.08
N GLY A 277 16.90 -16.87 -25.26
CA GLY A 277 18.24 -16.35 -25.33
C GLY A 277 19.11 -16.80 -24.17
N GLU A 278 18.71 -16.42 -22.95
CA GLU A 278 19.39 -16.91 -21.76
C GLU A 278 18.41 -16.93 -20.60
N VAL A 279 18.43 -18.02 -19.84
CA VAL A 279 17.50 -18.22 -18.73
C VAL A 279 18.18 -17.71 -17.46
N ARG A 280 17.59 -16.71 -16.84
CA ARG A 280 18.14 -16.11 -15.64
C ARG A 280 17.16 -16.05 -14.48
N GLY A 281 15.88 -15.81 -14.76
CA GLY A 281 14.92 -15.60 -13.72
C GLY A 281 13.88 -16.70 -13.66
N PRO A 282 12.66 -16.38 -13.23
CA PRO A 282 11.62 -17.42 -13.14
C PRO A 282 11.19 -17.97 -14.48
N GLU A 283 11.53 -17.32 -15.60
CA GLU A 283 11.09 -17.82 -16.89
C GLU A 283 11.48 -19.27 -17.10
N ALA A 284 12.50 -19.75 -16.39
CA ALA A 284 12.88 -21.16 -16.51
C ALA A 284 11.66 -22.04 -16.38
N PHE A 285 10.85 -21.81 -15.34
CA PHE A 285 9.61 -22.56 -15.19
C PHE A 285 8.86 -22.63 -16.51
N ASP A 286 8.47 -21.46 -17.03
CA ASP A 286 7.73 -21.43 -18.28
C ASP A 286 8.44 -22.25 -19.35
N LEU A 287 9.75 -22.02 -19.50
CA LEU A 287 10.49 -22.74 -20.53
C LEU A 287 10.30 -24.24 -20.36
N LEU A 288 10.48 -24.74 -19.13
CA LEU A 288 10.33 -26.17 -18.92
C LEU A 288 8.92 -26.62 -19.28
N GLN A 289 7.92 -25.82 -18.93
CA GLN A 289 6.56 -26.17 -19.33
C GLN A 289 6.46 -26.26 -20.84
N ALA A 290 7.06 -25.31 -21.55
CA ALA A 290 7.09 -25.40 -23.00
C ALA A 290 7.70 -26.72 -23.45
N MET A 291 8.77 -27.16 -22.78
CA MET A 291 9.38 -28.43 -23.12
C MET A 291 8.43 -29.58 -22.80
N ASN A 292 7.67 -29.48 -21.72
CA ASN A 292 6.80 -30.57 -21.30
C ASN A 292 5.55 -30.67 -22.16
N THR A 293 5.03 -29.54 -22.62
CA THR A 293 3.71 -29.49 -23.26
C THR A 293 3.77 -29.59 -24.78
N GLY A 294 4.76 -30.30 -25.32
CA GLY A 294 4.75 -30.67 -26.72
C GLY A 294 5.64 -29.84 -27.63
N HIS A 295 6.33 -28.83 -27.11
CA HIS A 295 7.24 -28.02 -27.93
C HIS A 295 8.64 -28.61 -27.91
N ASP A 296 8.74 -29.87 -28.33
CA ASP A 296 10.02 -30.54 -28.38
C ASP A 296 10.99 -29.78 -29.26
N GLY A 297 12.24 -29.73 -28.83
CA GLY A 297 13.27 -28.99 -29.51
C GLY A 297 13.61 -27.66 -28.88
N SER A 298 12.89 -27.26 -27.83
CA SER A 298 13.19 -25.99 -27.19
C SER A 298 14.59 -26.02 -26.62
N MET A 299 15.25 -24.88 -26.65
CA MET A 299 16.62 -24.77 -26.16
C MET A 299 16.70 -23.67 -25.11
N GLY A 300 17.91 -23.30 -24.73
CA GLY A 300 18.10 -22.23 -23.77
C GLY A 300 19.44 -22.34 -23.11
N THR A 301 20.11 -21.21 -22.89
CA THR A 301 21.41 -21.18 -22.24
C THR A 301 21.26 -20.59 -20.86
N LEU A 302 21.97 -21.16 -19.89
CA LEU A 302 21.99 -20.62 -18.54
C LEU A 302 23.41 -20.57 -18.04
N HIS A 303 23.61 -19.86 -16.94
CA HIS A 303 24.92 -19.62 -16.36
C HIS A 303 25.17 -20.67 -15.28
N ALA A 304 26.04 -21.62 -15.57
CA ALA A 304 26.41 -22.66 -14.61
C ALA A 304 27.76 -23.21 -15.00
N ASN A 305 28.40 -23.89 -14.05
CA ASN A 305 29.73 -24.44 -14.27
C ASN A 305 29.74 -25.92 -14.58
N SER A 306 28.82 -26.70 -14.02
CA SER A 306 28.73 -28.13 -14.28
C SER A 306 27.27 -28.49 -14.44
N PRO A 307 26.97 -29.59 -15.14
CA PRO A 307 25.57 -29.97 -15.33
C PRO A 307 24.79 -30.11 -14.03
N ARG A 308 25.41 -30.65 -12.98
CA ARG A 308 24.74 -30.73 -11.69
C ARG A 308 24.41 -29.34 -11.16
N GLU A 309 25.36 -28.42 -11.25
CA GLU A 309 25.08 -27.06 -10.83
C GLU A 309 24.08 -26.39 -11.75
N ALA A 310 24.06 -26.76 -13.03
CA ALA A 310 23.04 -26.24 -13.93
C ALA A 310 21.64 -26.67 -13.49
N ILE A 311 21.50 -27.95 -13.11
CA ILE A 311 20.20 -28.42 -12.64
C ILE A 311 19.83 -27.74 -11.33
N SER A 312 20.80 -27.56 -10.44
CA SER A 312 20.52 -26.84 -9.19
C SER A 312 20.07 -25.42 -9.47
N ARG A 313 20.71 -24.75 -10.44
CA ARG A 313 20.29 -23.40 -10.81
C ARG A 313 18.88 -23.40 -11.37
N ILE A 314 18.54 -24.39 -12.20
CA ILE A 314 17.18 -24.45 -12.73
C ILE A 314 16.18 -24.58 -11.59
N GLU A 315 16.48 -25.45 -10.62
CA GLU A 315 15.58 -25.61 -9.48
C GLU A 315 15.46 -24.30 -8.71
N SER A 316 16.58 -23.60 -8.49
CA SER A 316 16.53 -22.35 -7.75
C SER A 316 15.69 -21.31 -8.48
N MET A 317 15.83 -21.24 -9.81
CA MET A 317 15.04 -20.30 -10.59
C MET A 317 13.56 -20.64 -10.50
N ILE A 318 13.23 -21.93 -10.63
CA ILE A 318 11.82 -22.32 -10.59
C ILE A 318 11.23 -22.01 -9.22
N THR A 319 12.01 -22.22 -8.16
CA THR A 319 11.54 -21.85 -6.82
C THR A 319 11.40 -20.35 -6.68
N MET A 320 12.26 -19.58 -7.35
CA MET A 320 12.21 -18.13 -7.25
C MET A 320 10.86 -17.59 -7.74
N GLY A 321 10.18 -18.32 -8.61
CA GLY A 321 8.91 -17.85 -9.12
C GLY A 321 7.81 -17.78 -8.09
N GLY A 322 7.93 -18.53 -7.01
CA GLY A 322 6.93 -18.50 -5.96
C GLY A 322 5.66 -19.25 -6.28
N TYR A 323 5.75 -20.32 -7.07
CA TYR A 323 4.58 -21.13 -7.38
C TYR A 323 4.21 -22.09 -6.28
N GLY A 324 5.02 -22.18 -5.22
CA GLY A 324 4.71 -23.10 -4.14
C GLY A 324 4.79 -24.56 -4.53
N LEU A 325 5.82 -24.95 -5.27
CA LEU A 325 6.03 -26.36 -5.59
C LEU A 325 7.13 -26.95 -4.71
N PRO A 326 6.95 -28.16 -4.18
CA PRO A 326 8.01 -28.76 -3.38
C PRO A 326 9.18 -29.18 -4.26
N SER A 327 10.29 -29.50 -3.60
CA SER A 327 11.53 -29.77 -4.33
C SER A 327 11.36 -30.93 -5.30
N LYS A 328 10.73 -32.02 -4.85
CA LYS A 328 10.66 -33.20 -5.70
C LYS A 328 9.76 -32.95 -6.92
N THR A 329 8.75 -32.10 -6.78
CA THR A 329 7.95 -31.74 -7.96
C THR A 329 8.79 -31.05 -9.01
N ILE A 330 9.62 -30.08 -8.58
CA ILE A 330 10.48 -29.39 -9.52
C ILE A 330 11.49 -30.36 -10.13
N LYS A 331 12.01 -31.29 -9.32
CA LYS A 331 12.97 -32.25 -9.85
C LYS A 331 12.33 -33.16 -10.89
N GLU A 332 11.10 -33.62 -10.64
CA GLU A 332 10.40 -34.42 -11.64
C GLU A 332 10.15 -33.61 -12.91
N MET A 333 9.79 -32.33 -12.76
CA MET A 333 9.60 -31.48 -13.91
C MET A 333 10.89 -31.40 -14.74
N ILE A 334 12.01 -31.19 -14.07
CA ILE A 334 13.28 -31.07 -14.78
C ILE A 334 13.63 -32.38 -15.47
N VAL A 335 13.37 -33.50 -14.81
CA VAL A 335 13.67 -34.80 -15.41
C VAL A 335 12.83 -35.02 -16.66
N GLY A 336 11.54 -34.68 -16.58
CA GLY A 336 10.66 -34.90 -17.71
C GLY A 336 10.86 -33.93 -18.84
N SER A 337 11.41 -32.75 -18.56
CA SER A 337 11.54 -31.71 -19.58
C SER A 337 12.88 -31.77 -20.30
N VAL A 338 13.97 -31.59 -19.56
CA VAL A 338 15.29 -31.52 -20.18
C VAL A 338 15.71 -32.91 -20.66
N ASP A 339 16.45 -32.94 -21.75
CA ASP A 339 16.98 -34.18 -22.30
C ASP A 339 18.49 -34.21 -22.40
N VAL A 340 19.12 -33.12 -22.83
CA VAL A 340 20.57 -33.07 -23.02
C VAL A 340 21.06 -31.74 -22.48
N ILE A 341 22.08 -31.78 -21.62
CA ILE A 341 22.73 -30.59 -21.10
C ILE A 341 24.13 -30.54 -21.68
N ILE A 342 24.43 -29.53 -22.46
CA ILE A 342 25.74 -29.36 -23.08
C ILE A 342 26.51 -28.34 -22.29
N GLN A 343 27.71 -28.69 -21.85
CA GLN A 343 28.53 -27.87 -20.97
C GLN A 343 29.65 -27.26 -21.79
N ALA A 344 29.59 -25.95 -21.98
CA ALA A 344 30.73 -25.21 -22.48
C ALA A 344 31.53 -24.67 -21.30
N ALA A 345 32.81 -24.41 -21.52
CA ALA A 345 33.66 -23.92 -20.46
C ALA A 345 34.90 -23.28 -21.05
N ARG A 346 35.37 -22.22 -20.40
CA ARG A 346 36.60 -21.55 -20.77
C ARG A 346 37.68 -21.96 -19.79
N LEU A 347 38.76 -22.56 -20.31
CA LEU A 347 39.78 -23.16 -19.46
C LEU A 347 40.75 -22.09 -18.96
N ARG A 348 41.76 -22.55 -18.24
CA ARG A 348 42.72 -21.62 -17.61
C ARG A 348 43.43 -20.79 -18.66
N ASP A 349 43.87 -21.41 -19.75
CA ASP A 349 44.69 -20.74 -20.75
C ASP A 349 43.90 -19.88 -21.71
N GLY A 350 42.66 -19.54 -21.38
CA GLY A 350 41.85 -18.73 -22.25
C GLY A 350 41.17 -19.48 -23.38
N SER A 351 41.39 -20.79 -23.48
CA SER A 351 40.72 -21.58 -24.49
C SER A 351 39.31 -21.93 -24.05
N ARG A 352 38.48 -22.30 -25.01
CA ARG A 352 37.10 -22.69 -24.76
C ARG A 352 36.87 -24.10 -25.31
N ARG A 353 36.27 -24.96 -24.49
CA ARG A 353 36.02 -26.34 -24.83
C ARG A 353 34.59 -26.69 -24.47
N ILE A 354 34.09 -27.79 -25.02
CA ILE A 354 32.80 -28.35 -24.65
C ILE A 354 33.10 -29.58 -23.81
N THR A 355 32.94 -29.45 -22.49
CA THR A 355 33.45 -30.43 -21.55
C THR A 355 32.46 -31.53 -21.21
N HIS A 356 31.19 -31.38 -21.51
CA HIS A 356 30.22 -32.43 -21.21
C HIS A 356 29.09 -32.40 -22.22
N ILE A 357 28.59 -33.58 -22.57
CA ILE A 357 27.29 -33.73 -23.24
C ILE A 357 26.51 -34.72 -22.38
N THR A 358 25.77 -34.19 -21.40
CA THR A 358 25.12 -34.98 -20.38
C THR A 358 23.67 -35.27 -20.76
N GLU A 359 23.15 -36.37 -20.26
CA GLU A 359 21.74 -36.73 -20.40
C GLU A 359 21.14 -36.92 -19.03
N VAL A 360 19.94 -36.37 -18.84
CA VAL A 360 19.21 -36.48 -17.57
C VAL A 360 18.47 -37.81 -17.59
N VAL A 361 19.05 -38.84 -16.98
CA VAL A 361 18.49 -40.18 -17.09
C VAL A 361 17.19 -40.30 -16.31
N GLY A 362 17.16 -39.80 -15.09
CA GLY A 362 15.97 -39.90 -14.28
C GLY A 362 16.25 -39.56 -12.83
N LEU A 363 15.32 -39.96 -11.97
CA LEU A 363 15.39 -39.72 -10.54
C LEU A 363 15.75 -41.00 -9.79
N GLU A 364 16.77 -40.91 -8.94
CA GLU A 364 17.09 -41.96 -7.97
C GLU A 364 16.92 -41.33 -6.60
N GLY A 365 15.86 -41.70 -5.90
CA GLY A 365 15.58 -41.13 -4.60
C GLY A 365 15.16 -39.67 -4.68
N ASP A 366 16.05 -38.77 -4.26
CA ASP A 366 15.76 -37.35 -4.24
C ASP A 366 16.80 -36.53 -5.01
N VAL A 367 17.57 -37.18 -5.90
CA VAL A 367 18.60 -36.50 -6.67
C VAL A 367 18.50 -36.98 -8.12
N ILE A 368 18.60 -36.04 -9.05
CA ILE A 368 18.51 -36.35 -10.47
C ILE A 368 19.81 -36.99 -10.92
N VAL A 369 19.70 -38.06 -11.69
CA VAL A 369 20.85 -38.82 -12.15
C VAL A 369 21.14 -38.45 -13.59
N THR A 370 22.42 -38.41 -13.93
CA THR A 370 22.87 -37.99 -15.25
C THR A 370 23.94 -38.95 -15.76
N GLN A 371 24.04 -39.05 -17.08
CA GLN A 371 25.05 -39.87 -17.72
C GLN A 371 25.68 -39.08 -18.86
N ASP A 372 27.01 -39.08 -18.93
CA ASP A 372 27.73 -38.24 -19.89
C ASP A 372 28.07 -39.05 -21.12
N LEU A 373 27.62 -38.58 -22.29
CA LEU A 373 28.03 -39.21 -23.54
C LEU A 373 29.48 -38.90 -23.86
N PHE A 374 29.87 -37.63 -23.70
CA PHE A 374 31.22 -37.17 -23.99
C PHE A 374 31.77 -36.45 -22.77
N VAL A 375 33.09 -36.48 -22.63
CA VAL A 375 33.77 -35.73 -21.58
C VAL A 375 35.13 -35.31 -22.10
N TYR A 376 35.56 -34.14 -21.66
CA TYR A 376 36.88 -33.60 -22.02
C TYR A 376 37.81 -33.88 -20.85
N GLU A 377 38.64 -34.90 -21.00
CA GLU A 377 39.60 -35.25 -19.97
C GLU A 377 40.83 -34.36 -20.13
N ILE A 378 41.10 -33.53 -19.13
CA ILE A 378 42.24 -32.62 -19.15
C ILE A 378 43.42 -33.35 -18.52
N THR A 379 44.44 -33.65 -19.31
CA THR A 379 45.56 -34.43 -18.81
C THR A 379 46.56 -33.55 -18.07
N GLY A 380 47.14 -32.58 -18.77
CA GLY A 380 48.15 -31.73 -18.18
C GLY A 380 48.28 -30.39 -18.88
N GLU A 381 49.51 -29.92 -19.05
CA GLU A 381 49.76 -28.61 -19.63
C GLU A 381 50.87 -28.70 -20.68
N ASP A 382 50.64 -28.06 -21.81
CA ASP A 382 51.68 -27.93 -22.82
C ASP A 382 52.83 -27.08 -22.29
N GLU A 383 54.06 -27.37 -22.74
CA GLU A 383 55.19 -26.60 -22.28
C GLU A 383 55.04 -25.13 -22.64
N HIS A 384 54.32 -24.84 -23.72
CA HIS A 384 54.03 -23.47 -24.11
C HIS A 384 53.12 -22.76 -23.12
N GLY A 385 52.52 -23.48 -22.18
CA GLY A 385 51.57 -22.92 -21.24
C GLY A 385 50.12 -23.28 -21.54
N LYS A 386 49.84 -23.85 -22.69
CA LYS A 386 48.49 -24.25 -23.03
C LYS A 386 48.07 -25.47 -22.22
N VAL A 387 46.76 -25.68 -22.16
CA VAL A 387 46.18 -26.85 -21.51
C VAL A 387 45.97 -27.94 -22.55
N VAL A 388 46.20 -29.19 -22.15
CA VAL A 388 46.10 -30.33 -23.05
C VAL A 388 45.04 -31.28 -22.52
N GLY A 389 44.13 -31.69 -23.40
CA GLY A 389 43.09 -32.63 -23.04
C GLY A 389 42.59 -33.32 -24.28
N LYS A 390 41.76 -34.33 -24.04
CA LYS A 390 41.20 -35.12 -25.14
C LYS A 390 39.71 -35.37 -24.88
N HIS A 391 38.94 -35.30 -25.96
CA HIS A 391 37.52 -35.67 -25.88
C HIS A 391 37.38 -37.17 -25.97
N ARG A 392 36.58 -37.74 -25.07
CA ARG A 392 36.38 -39.19 -25.04
C ARG A 392 34.92 -39.50 -24.77
N SER A 393 34.41 -40.49 -25.48
CA SER A 393 33.08 -41.00 -25.23
C SER A 393 33.11 -41.96 -24.04
N THR A 394 32.13 -41.84 -23.16
CA THR A 394 32.10 -42.67 -21.95
C THR A 394 31.72 -44.11 -22.23
N GLY A 395 31.55 -44.51 -23.49
CA GLY A 395 31.24 -45.87 -23.83
C GLY A 395 29.76 -46.20 -23.87
N ILE A 396 28.89 -45.28 -23.48
CA ILE A 396 27.45 -45.51 -23.52
C ILE A 396 27.04 -45.71 -24.97
N ALA A 397 26.59 -46.92 -25.30
CA ALA A 397 26.31 -47.27 -26.69
C ALA A 397 24.98 -46.70 -27.14
N ARG A 398 23.90 -46.99 -26.41
CA ARG A 398 22.57 -46.52 -26.78
C ARG A 398 22.15 -45.41 -25.81
N PRO A 399 22.17 -44.15 -26.22
CA PRO A 399 21.79 -43.07 -25.31
C PRO A 399 20.30 -43.10 -25.02
N ARG A 400 19.91 -42.33 -24.00
CA ARG A 400 18.51 -42.29 -23.60
C ARG A 400 17.61 -41.90 -24.77
N PHE A 401 18.11 -41.08 -25.70
CA PHE A 401 17.32 -40.62 -26.83
C PHE A 401 17.49 -41.50 -28.06
N TRP A 402 17.89 -42.76 -27.89
CA TRP A 402 18.09 -43.61 -29.04
C TRP A 402 16.80 -43.83 -29.82
N ASP A 403 15.69 -44.07 -29.12
CA ASP A 403 14.43 -44.24 -29.82
C ASP A 403 14.03 -42.97 -30.56
N ARG A 404 14.19 -41.82 -29.91
CA ARG A 404 13.88 -40.57 -30.57
C ARG A 404 14.75 -40.38 -31.81
N ALA A 405 16.03 -40.73 -31.71
CA ALA A 405 16.91 -40.65 -32.87
C ALA A 405 16.43 -41.56 -33.97
N ARG A 406 16.01 -42.79 -33.62
CA ARG A 406 15.59 -43.74 -34.64
C ARG A 406 14.33 -43.26 -35.35
N TYR A 407 13.40 -42.65 -34.61
CA TYR A 407 12.16 -42.21 -35.23
C TYR A 407 12.41 -41.26 -36.39
N TYR A 408 13.52 -40.52 -36.35
CA TYR A 408 13.90 -39.63 -37.43
C TYR A 408 14.85 -40.27 -38.43
N GLY A 409 15.16 -41.55 -38.26
CA GLY A 409 16.05 -42.22 -39.18
C GLY A 409 17.51 -41.90 -39.00
N LEU A 410 17.88 -41.32 -37.86
CA LEU A 410 19.26 -40.93 -37.58
C LEU A 410 19.96 -41.93 -36.68
N GLU A 411 19.39 -43.12 -36.46
CA GLU A 411 20.08 -44.11 -35.65
C GLU A 411 21.39 -44.53 -36.30
N ARG A 412 21.41 -44.61 -37.62
CA ARG A 412 22.64 -45.00 -38.32
C ARG A 412 23.75 -43.99 -38.04
N GLU A 413 23.46 -42.70 -38.19
CA GLU A 413 24.48 -41.68 -37.97
C GLU A 413 24.94 -41.68 -36.53
N LEU A 414 24.01 -41.81 -35.58
CA LEU A 414 24.40 -41.81 -34.18
C LEU A 414 25.28 -43.01 -33.87
N ALA A 415 24.93 -44.19 -34.40
CA ALA A 415 25.74 -45.37 -34.16
C ALA A 415 27.13 -45.20 -34.75
N GLU A 416 27.22 -44.67 -35.98
CA GLU A 416 28.53 -44.45 -36.58
C GLU A 416 29.36 -43.47 -35.74
N ALA A 417 28.75 -42.38 -35.29
CA ALA A 417 29.49 -41.39 -34.52
C ALA A 417 29.99 -41.98 -33.21
N LEU A 418 29.12 -42.72 -32.51
CA LEU A 418 29.53 -43.27 -31.22
C LEU A 418 30.52 -44.43 -31.37
N ASP A 419 30.48 -45.14 -32.50
CA ASP A 419 31.49 -46.16 -32.75
C ASP A 419 32.84 -45.54 -33.07
N ALA A 420 32.85 -44.50 -33.92
CA ALA A 420 34.10 -43.81 -34.21
C ALA A 420 34.69 -43.22 -32.93
N ALA A 421 33.84 -42.64 -32.08
CA ALA A 421 34.32 -42.16 -30.80
C ALA A 421 34.85 -43.31 -29.95
N GLU A 422 34.15 -44.45 -29.96
CA GLU A 422 34.60 -45.61 -29.22
C GLU A 422 35.72 -46.37 -29.93
N ALA A 423 35.88 -46.18 -31.23
CA ALA A 423 36.95 -46.81 -31.99
C ALA A 423 38.24 -46.02 -31.94
N LEU A 424 38.39 -45.13 -30.96
CA LEU A 424 39.60 -44.33 -30.82
C LEU A 424 39.99 -44.20 -29.34
N ASP B 1 44.30 52.65 5.75
CA ASP B 1 43.15 53.01 6.58
C ASP B 1 42.01 53.55 5.73
N TYR B 2 42.27 54.65 5.01
CA TYR B 2 41.26 55.25 4.16
C TYR B 2 40.96 54.43 2.92
N TYR B 3 41.75 53.39 2.64
CA TYR B 3 41.53 52.59 1.44
C TYR B 3 40.12 51.98 1.45
N HIS B 4 39.70 51.44 2.58
CA HIS B 4 38.36 50.86 2.67
C HIS B 4 37.29 51.92 2.43
N ALA B 5 37.39 53.06 3.10
CA ALA B 5 36.40 54.10 2.94
C ALA B 5 36.41 54.66 1.52
N THR B 6 37.60 54.89 0.96
CA THR B 6 37.69 55.39 -0.40
C THR B 6 37.05 54.42 -1.39
N LYS B 7 37.34 53.12 -1.22
CA LYS B 7 36.78 52.12 -2.11
C LYS B 7 35.27 52.05 -1.97
N THR B 8 34.75 52.13 -0.73
CA THR B 8 33.31 52.12 -0.53
C THR B 8 32.65 53.31 -1.21
N THR B 9 33.23 54.50 -1.04
CA THR B 9 32.67 55.70 -1.66
C THR B 9 32.70 55.59 -3.18
N ILE B 10 33.82 55.14 -3.75
CA ILE B 10 33.95 55.05 -5.19
C ILE B 10 32.97 54.01 -5.73
N PHE B 11 32.82 52.88 -5.04
CA PHE B 11 31.87 51.86 -5.48
C PHE B 11 30.44 52.37 -5.43
N ASN B 12 30.09 53.11 -4.38
CA ASN B 12 28.76 53.69 -4.31
C ASN B 12 28.53 54.66 -5.47
N ALA B 13 29.53 55.52 -5.74
CA ALA B 13 29.40 56.46 -6.84
C ALA B 13 29.25 55.75 -8.18
N LEU B 14 30.05 54.70 -8.40
CA LEU B 14 29.94 53.95 -9.64
C LEU B 14 28.57 53.30 -9.78
N LEU B 15 28.11 52.63 -8.71
CA LEU B 15 26.79 52.01 -8.74
C LEU B 15 25.72 53.04 -9.07
N ASN B 16 25.84 54.25 -8.51
CA ASN B 16 24.93 55.31 -8.88
C ASN B 16 25.03 55.63 -10.37
N THR B 17 26.25 55.70 -10.88
CA THR B 17 26.44 56.02 -12.30
C THR B 17 26.25 54.78 -13.18
N ILE B 18 27.07 53.75 -12.97
CA ILE B 18 26.97 52.50 -13.69
C ILE B 18 26.81 51.39 -12.66
N ASP B 19 25.64 50.76 -12.64
CA ASP B 19 25.31 49.73 -11.66
C ASP B 19 25.56 48.35 -12.24
N LEU B 20 25.81 47.39 -11.34
CA LEU B 20 25.99 46.01 -11.77
C LEU B 20 24.75 45.45 -12.45
N SER B 21 23.58 46.06 -12.22
CA SER B 21 22.39 45.63 -12.91
C SER B 21 22.44 45.93 -14.41
N GLN B 22 23.40 46.75 -14.85
CA GLN B 22 23.59 47.07 -16.24
C GLN B 22 24.48 46.07 -16.97
N LEU B 23 24.55 44.82 -16.49
CA LEU B 23 25.36 43.80 -17.14
C LEU B 23 24.98 43.68 -18.60
N ALA B 24 25.98 43.38 -19.43
CA ALA B 24 25.93 43.28 -20.88
C ALA B 24 25.94 44.66 -21.54
N GLN B 25 25.85 45.74 -20.77
CA GLN B 25 26.04 47.10 -21.28
C GLN B 25 27.37 47.62 -20.74
N LEU B 26 28.19 48.18 -21.63
CA LEU B 26 29.57 48.53 -21.30
C LEU B 26 30.34 47.27 -20.90
N ASP B 27 30.51 46.40 -21.88
CA ASP B 27 31.02 45.05 -21.65
C ASP B 27 32.49 45.13 -21.22
N LEU B 28 33.08 43.94 -20.98
CA LEU B 28 34.35 43.81 -20.29
C LEU B 28 35.33 44.95 -20.58
N LYS B 29 35.67 45.16 -21.85
CA LYS B 29 36.61 46.23 -22.19
C LYS B 29 36.02 47.59 -21.83
N GLN B 30 34.76 47.83 -22.23
CA GLN B 30 34.11 49.09 -21.89
C GLN B 30 33.93 49.21 -20.39
N ALA B 31 33.62 48.11 -19.71
CA ALA B 31 33.51 48.15 -18.26
C ALA B 31 34.81 48.63 -17.63
N GLY B 32 35.93 48.04 -18.05
CA GLY B 32 37.21 48.45 -17.50
C GLY B 32 37.55 49.90 -17.80
N GLU B 33 37.34 50.32 -19.04
CA GLU B 33 37.65 51.70 -19.42
C GLU B 33 36.81 52.69 -18.61
N GLU B 34 35.50 52.45 -18.53
CA GLU B 34 34.62 53.33 -17.79
C GLU B 34 34.95 53.33 -16.31
N ILE B 35 35.30 52.16 -15.76
CA ILE B 35 35.68 52.10 -14.34
C ILE B 35 36.93 52.92 -14.09
N ARG B 36 37.94 52.78 -14.96
CA ARG B 36 39.16 53.56 -14.78
C ARG B 36 38.88 55.05 -14.86
N ASP B 37 38.09 55.47 -15.86
CA ASP B 37 37.78 56.89 -16.00
C ASP B 37 37.00 57.41 -14.80
N ILE B 38 36.02 56.64 -14.32
CA ILE B 38 35.21 57.07 -13.20
C ILE B 38 36.05 57.17 -11.93
N VAL B 39 36.93 56.19 -11.71
CA VAL B 39 37.78 56.21 -10.52
C VAL B 39 38.72 57.40 -10.57
N ALA B 40 39.32 57.68 -11.74
CA ALA B 40 40.19 58.84 -11.85
C ALA B 40 39.43 60.12 -11.57
N GLU B 41 38.23 60.25 -12.14
CA GLU B 41 37.43 61.45 -11.91
C GLU B 41 37.08 61.62 -10.44
N LEU B 42 36.63 60.54 -9.80
CA LEU B 42 36.25 60.62 -8.39
C LEU B 42 37.44 60.95 -7.51
N VAL B 43 38.59 60.30 -7.76
CA VAL B 43 39.77 60.58 -6.95
C VAL B 43 40.22 62.02 -7.13
N ALA B 44 40.14 62.54 -8.36
CA ALA B 44 40.51 63.95 -8.57
C ALA B 44 39.55 64.89 -7.87
N ILE B 45 38.24 64.62 -7.97
CA ILE B 45 37.23 65.52 -7.39
C ILE B 45 37.00 65.20 -5.93
N LYS B 46 36.73 63.94 -5.62
CA LYS B 46 36.53 63.52 -4.24
C LYS B 46 37.87 63.38 -3.52
N ASN B 47 37.85 63.64 -2.23
CA ASN B 47 39.08 63.62 -1.43
C ASN B 47 39.59 62.19 -1.34
N VAL B 48 40.66 61.90 -2.06
CA VAL B 48 41.33 60.60 -2.02
C VAL B 48 42.82 60.83 -1.83
N SER B 49 43.36 60.32 -0.73
CA SER B 49 44.77 60.46 -0.43
C SER B 49 45.63 59.41 -1.14
N MET B 50 45.01 58.41 -1.77
CA MET B 50 45.78 57.37 -2.44
C MET B 50 46.61 57.98 -3.56
N SER B 51 47.87 57.53 -3.65
CA SER B 51 48.77 58.00 -4.68
C SER B 51 48.34 57.46 -6.04
N VAL B 52 49.14 57.77 -7.07
CA VAL B 52 48.86 57.26 -8.41
C VAL B 52 48.89 55.74 -8.42
N ALA B 53 49.90 55.14 -7.79
CA ALA B 53 49.92 53.69 -7.66
C ALA B 53 48.74 53.20 -6.83
N GLU B 54 48.44 53.90 -5.73
CA GLU B 54 47.27 53.55 -4.95
C GLU B 54 45.98 53.75 -5.73
N GLN B 55 45.94 54.79 -6.58
CA GLN B 55 44.77 54.99 -7.43
C GLN B 55 44.59 53.83 -8.39
N GLU B 56 45.68 53.34 -8.99
CA GLU B 56 45.59 52.18 -9.87
C GLU B 56 45.14 50.95 -9.09
N HIS B 57 45.68 50.76 -7.88
CA HIS B 57 45.25 49.63 -7.06
C HIS B 57 43.76 49.69 -6.79
N LEU B 58 43.25 50.86 -6.43
CA LEU B 58 41.83 50.99 -6.14
C LEU B 58 40.98 50.79 -7.40
N VAL B 59 41.47 51.27 -8.55
CA VAL B 59 40.75 51.05 -9.80
C VAL B 59 40.63 49.56 -10.07
N GLN B 60 41.73 48.83 -9.90
CA GLN B 60 41.69 47.38 -10.09
C GLN B 60 40.74 46.72 -9.09
N ASP B 61 40.74 47.21 -7.84
CA ASP B 61 39.84 46.65 -6.83
C ASP B 61 38.38 46.82 -7.24
N ILE B 62 38.02 48.02 -7.72
CA ILE B 62 36.65 48.27 -8.17
C ILE B 62 36.32 47.37 -9.36
N ILE B 63 37.26 47.26 -10.31
CA ILE B 63 37.03 46.41 -11.48
C ILE B 63 36.75 44.98 -11.04
N ASN B 64 37.53 44.47 -10.10
CA ASN B 64 37.33 43.11 -9.62
C ASN B 64 35.99 42.96 -8.90
N ASP B 65 35.62 43.94 -8.09
CA ASP B 65 34.37 43.84 -7.32
C ASP B 65 33.16 43.85 -8.24
N VAL B 66 33.13 44.77 -9.20
CA VAL B 66 31.93 44.93 -10.05
C VAL B 66 31.77 43.71 -10.93
N LEU B 67 32.87 43.02 -11.23
CA LEU B 67 32.90 41.97 -12.25
C LEU B 67 33.06 40.59 -11.63
N GLY B 68 34.03 40.40 -10.75
CA GLY B 68 34.25 39.10 -10.18
C GLY B 68 33.26 38.74 -9.10
N TYR B 69 33.54 37.62 -8.40
CA TYR B 69 32.75 37.09 -7.29
C TYR B 69 33.16 37.64 -5.92
N GLY B 70 33.19 38.95 -5.77
CA GLY B 70 33.37 39.56 -4.48
C GLY B 70 34.58 39.02 -3.71
N PRO B 71 34.59 39.22 -2.39
CA PRO B 71 35.79 38.90 -1.61
C PRO B 71 36.16 37.42 -1.62
N LEU B 72 35.37 36.58 -2.28
CA LEU B 72 35.75 35.17 -2.39
C LEU B 72 36.86 34.97 -3.41
N GLU B 73 37.08 35.92 -4.31
CA GLU B 73 38.08 35.72 -5.35
C GLU B 73 39.47 35.44 -4.78
N PRO B 74 39.97 36.17 -3.79
CA PRO B 74 41.26 35.79 -3.20
C PRO B 74 41.30 34.37 -2.70
N LEU B 75 40.20 33.87 -2.14
CA LEU B 75 40.19 32.53 -1.56
C LEU B 75 40.09 31.46 -2.64
N LEU B 76 39.17 31.62 -3.59
CA LEU B 76 39.05 30.64 -4.65
C LEU B 76 40.34 30.50 -5.44
N ALA B 77 41.11 31.58 -5.57
CA ALA B 77 42.36 31.52 -6.32
C ALA B 77 43.37 30.59 -5.65
N ARG B 78 43.48 30.64 -4.33
CA ARG B 78 44.47 29.84 -3.64
C ARG B 78 44.20 28.36 -3.83
N ASP B 79 45.27 27.57 -3.85
CA ASP B 79 45.16 26.12 -4.01
C ASP B 79 45.33 25.35 -2.72
N ASP B 80 45.94 25.93 -1.69
CA ASP B 80 46.00 25.28 -0.39
C ASP B 80 44.66 25.31 0.33
N ILE B 81 43.76 26.21 -0.08
CA ILE B 81 42.42 26.24 0.48
C ILE B 81 41.64 25.03 -0.03
N ALA B 82 41.17 24.20 0.89
CA ALA B 82 40.41 23.01 0.51
C ALA B 82 38.92 23.27 0.45
N ASP B 83 38.35 23.81 1.52
CA ASP B 83 36.92 24.12 1.59
C ASP B 83 36.74 25.54 2.07
N ILE B 84 35.70 26.20 1.55
CA ILE B 84 35.33 27.56 1.94
C ILE B 84 33.93 27.49 2.54
N MET B 85 33.78 28.01 3.76
CA MET B 85 32.54 27.86 4.52
C MET B 85 32.13 29.23 5.03
N VAL B 86 31.14 29.83 4.38
CA VAL B 86 30.69 31.17 4.70
C VAL B 86 29.34 31.03 5.42
N ASN B 87 29.34 31.23 6.73
CA ASN B 87 28.12 31.25 7.53
C ASN B 87 27.74 32.71 7.72
N GLY B 88 26.63 33.12 7.12
CA GLY B 88 26.23 34.51 7.19
C GLY B 88 27.22 35.40 6.47
N ALA B 89 26.91 36.69 6.36
CA ALA B 89 27.74 37.60 5.58
C ALA B 89 28.96 38.10 6.34
N HIS B 90 29.09 37.78 7.64
CA HIS B 90 30.16 38.35 8.45
C HIS B 90 31.03 37.28 9.11
N ARG B 91 31.03 36.06 8.61
CA ARG B 91 31.88 35.02 9.16
C ARG B 91 32.26 34.05 8.06
N VAL B 92 33.55 33.90 7.82
CA VAL B 92 34.07 33.06 6.75
C VAL B 92 35.18 32.19 7.32
N PHE B 93 35.05 30.88 7.17
CA PHE B 93 36.08 29.93 7.55
C PHE B 93 36.64 29.27 6.29
N ILE B 94 37.87 28.77 6.41
CA ILE B 94 38.49 28.05 5.31
C ILE B 94 39.28 26.88 5.90
N GLU B 95 39.35 25.79 5.15
CA GLU B 95 40.10 24.63 5.57
C GLU B 95 41.43 24.60 4.84
N VAL B 96 42.52 24.69 5.58
CA VAL B 96 43.87 24.74 5.02
C VAL B 96 44.69 23.66 5.72
N GLY B 97 45.13 22.67 4.96
CA GLY B 97 45.95 21.61 5.51
C GLY B 97 45.22 20.60 6.36
N GLY B 98 43.88 20.62 6.34
CA GLY B 98 43.10 19.71 7.17
C GLY B 98 42.72 20.26 8.52
N LYS B 99 42.82 21.56 8.73
CA LYS B 99 42.50 22.19 10.01
C LYS B 99 41.78 23.49 9.73
N VAL B 100 40.46 23.50 9.94
CA VAL B 100 39.68 24.69 9.62
C VAL B 100 40.18 25.88 10.44
N GLN B 101 39.94 27.08 9.92
CA GLN B 101 40.36 28.29 10.60
C GLN B 101 39.54 29.45 10.11
N LEU B 102 39.22 30.38 11.01
CA LEU B 102 38.51 31.58 10.65
C LEU B 102 39.42 32.51 9.86
N THR B 103 38.82 33.50 9.19
CA THR B 103 39.59 34.47 8.43
C THR B 103 38.97 35.85 8.60
N ASN B 104 39.81 36.87 8.39
CA ASN B 104 39.37 38.27 8.47
C ASN B 104 38.97 38.74 7.07
N VAL B 105 37.91 38.11 6.56
CA VAL B 105 37.16 38.24 5.32
C VAL B 105 35.69 38.44 5.66
N ARG B 106 35.07 39.41 5.02
CA ARG B 106 33.67 39.70 5.29
C ARG B 106 33.01 40.21 4.02
N PHE B 107 31.70 40.01 3.93
CA PHE B 107 30.90 40.55 2.85
C PHE B 107 30.20 41.82 3.31
N ARG B 108 29.70 42.59 2.34
CA ARG B 108 29.03 43.84 2.68
C ARG B 108 27.81 43.58 3.57
N ASP B 109 26.99 42.61 3.19
CA ASP B 109 25.82 42.24 3.99
C ASP B 109 25.18 41.02 3.32
N ASN B 110 24.13 40.51 3.95
CA ASN B 110 23.50 39.29 3.46
C ASN B 110 22.96 39.47 2.04
N LEU B 111 22.57 40.68 1.66
CA LEU B 111 22.09 40.89 0.29
C LEU B 111 23.20 40.65 -0.72
N GLN B 112 24.40 41.19 -0.45
CA GLN B 112 25.52 40.94 -1.34
C GLN B 112 25.88 39.45 -1.35
N LEU B 113 25.82 38.80 -0.19
CA LEU B 113 26.13 37.38 -0.14
C LEU B 113 25.15 36.57 -0.98
N MET B 114 23.86 36.89 -0.89
CA MET B 114 22.89 36.18 -1.70
C MET B 114 23.10 36.47 -3.18
N ASN B 115 23.45 37.70 -3.53
CA ASN B 115 23.78 38.02 -4.91
C ASN B 115 24.93 37.14 -5.39
N ILE B 116 25.99 37.04 -4.60
CA ILE B 116 27.15 36.25 -5.01
C ILE B 116 26.78 34.79 -5.13
N CYS B 117 25.96 34.28 -4.20
CA CYS B 117 25.57 32.87 -4.26
C CYS B 117 24.74 32.59 -5.52
N GLN B 118 23.82 33.49 -5.86
CA GLN B 118 23.05 33.31 -7.08
C GLN B 118 23.95 33.34 -8.31
N ARG B 119 24.91 34.26 -8.33
CA ARG B 119 25.84 34.30 -9.45
C ARG B 119 26.64 33.01 -9.55
N ILE B 120 27.10 32.48 -8.41
CA ILE B 120 27.90 31.27 -8.41
C ILE B 120 27.09 30.10 -8.94
N VAL B 121 25.86 29.93 -8.45
CA VAL B 121 25.07 28.79 -8.88
C VAL B 121 24.53 28.97 -10.29
N SER B 122 24.53 30.19 -10.82
CA SER B 122 24.05 30.39 -12.19
C SER B 122 24.93 29.69 -13.21
N GLN B 123 26.20 29.42 -12.88
CA GLN B 123 27.09 28.78 -13.84
C GLN B 123 26.48 27.49 -14.38
N VAL B 124 25.78 26.74 -13.54
CA VAL B 124 25.16 25.48 -13.93
C VAL B 124 23.66 25.63 -14.13
N GLY B 125 23.16 26.86 -14.19
CA GLY B 125 21.75 27.07 -14.48
C GLY B 125 20.81 26.61 -13.40
N ARG B 126 21.24 26.62 -12.16
CA ARG B 126 20.37 26.30 -11.03
C ARG B 126 19.93 27.58 -10.34
N ARG B 127 18.75 27.53 -9.73
CA ARG B 127 18.13 28.70 -9.13
C ARG B 127 18.07 28.53 -7.61
N VAL B 128 18.58 29.53 -6.89
CA VAL B 128 18.54 29.56 -5.44
C VAL B 128 17.95 30.89 -5.00
N ASP B 129 16.93 30.83 -4.16
CA ASP B 129 16.21 32.03 -3.73
C ASP B 129 15.25 31.60 -2.62
N GLU B 130 14.51 32.58 -2.09
CA GLU B 130 13.56 32.28 -1.02
C GLU B 130 12.49 31.29 -1.46
N SER B 131 12.23 31.19 -2.77
CA SER B 131 11.26 30.22 -3.25
C SER B 131 11.84 28.81 -3.26
N SER B 132 13.12 28.68 -3.60
CA SER B 132 13.83 27.40 -3.58
C SER B 132 15.12 27.61 -2.78
N PRO B 133 15.04 27.56 -1.45
CA PRO B 133 16.16 28.05 -0.64
C PRO B 133 17.37 27.14 -0.62
N ILE B 134 17.27 25.90 -1.07
CA ILE B 134 18.36 24.93 -1.00
C ILE B 134 18.88 24.68 -2.41
N CYS B 135 20.18 24.81 -2.60
CA CYS B 135 20.81 24.49 -3.86
C CYS B 135 22.07 23.68 -3.60
N ASP B 136 22.33 22.69 -4.46
CA ASP B 136 23.53 21.86 -4.33
C ASP B 136 23.89 21.39 -5.72
N ALA B 137 25.05 21.83 -6.22
CA ALA B 137 25.45 21.54 -7.59
C ALA B 137 26.95 21.30 -7.66
N ARG B 138 27.40 20.89 -8.82
CA ARG B 138 28.82 20.69 -9.10
C ARG B 138 29.24 21.68 -10.18
N LEU B 139 30.20 22.53 -9.85
CA LEU B 139 30.67 23.51 -10.80
C LEU B 139 31.53 22.84 -11.87
N PRO B 140 31.74 23.51 -13.01
CA PRO B 140 32.49 22.87 -14.10
C PRO B 140 33.86 22.37 -13.68
N ASP B 141 34.56 23.09 -12.82
CA ASP B 141 35.91 22.72 -12.43
C ASP B 141 35.94 21.59 -11.40
N GLY B 142 34.81 20.95 -11.13
CA GLY B 142 34.76 19.83 -10.21
C GLY B 142 34.47 20.20 -8.78
N SER B 143 34.48 21.48 -8.43
CA SER B 143 34.14 21.89 -7.07
C SER B 143 32.64 21.86 -6.88
N ARG B 144 32.21 21.52 -5.67
CA ARG B 144 30.80 21.38 -5.35
C ARG B 144 30.34 22.58 -4.52
N VAL B 145 29.23 23.17 -4.91
CA VAL B 145 28.69 24.36 -4.26
C VAL B 145 27.37 23.99 -3.60
N ASN B 146 27.23 24.33 -2.33
CA ASN B 146 25.99 24.15 -1.59
C ASN B 146 25.60 25.48 -0.97
N VAL B 147 24.34 25.87 -1.15
CA VAL B 147 23.84 27.16 -0.71
C VAL B 147 22.52 26.97 0.00
N ILE B 148 22.35 27.62 1.15
CA ILE B 148 21.10 27.62 1.90
C ILE B 148 20.70 29.06 2.16
N ALA B 149 19.44 29.38 1.91
CA ALA B 149 18.94 30.74 1.79
C ALA B 149 18.55 31.30 3.15
N PRO B 150 18.30 32.60 3.22
CA PRO B 150 17.99 33.24 4.52
C PRO B 150 16.76 32.64 5.18
N PRO B 151 15.71 32.27 4.42
CA PRO B 151 14.51 31.74 5.09
C PRO B 151 14.80 30.57 6.01
N LEU B 152 15.73 29.69 5.63
CA LEU B 152 16.11 28.57 6.49
C LEU B 152 17.27 28.96 7.39
N ALA B 153 18.41 29.31 6.81
CA ALA B 153 19.58 29.69 7.60
C ALA B 153 19.27 30.97 8.35
N LEU B 154 19.10 30.87 9.67
CA LEU B 154 18.70 32.03 10.45
C LEU B 154 19.76 33.13 10.43
N ASP B 155 21.03 32.75 10.53
CA ASP B 155 22.11 33.72 10.61
C ASP B 155 22.45 34.36 9.25
N GLY B 156 21.71 34.03 8.20
CA GLY B 156 22.00 34.55 6.88
C GLY B 156 22.34 33.43 5.92
N PRO B 157 22.53 33.74 4.65
CA PRO B 157 22.84 32.69 3.68
C PRO B 157 24.09 31.94 4.09
N THR B 158 24.07 30.63 3.89
CA THR B 158 25.23 29.78 4.16
C THR B 158 25.72 29.19 2.85
N LEU B 159 27.03 29.25 2.64
CA LEU B 159 27.66 28.80 1.42
C LEU B 159 28.79 27.85 1.78
N THR B 160 28.86 26.72 1.08
CA THR B 160 29.94 25.76 1.27
C THR B 160 30.47 25.37 -0.10
N ILE B 161 31.74 25.69 -0.35
CA ILE B 161 32.40 25.36 -1.61
C ILE B 161 33.47 24.33 -1.28
N ARG B 162 33.28 23.12 -1.79
CA ARG B 162 34.19 22.00 -1.58
C ARG B 162 35.01 21.82 -2.85
N LYS B 163 36.26 22.24 -2.82
CA LYS B 163 37.11 22.08 -3.99
C LYS B 163 37.50 20.61 -4.16
N PHE B 164 37.92 20.28 -5.38
CA PHE B 164 38.32 18.92 -5.70
C PHE B 164 39.74 18.68 -5.19
N LYS B 165 39.93 17.58 -4.47
CA LYS B 165 41.24 17.25 -3.91
C LYS B 165 42.16 16.77 -5.03
N LYS B 166 42.88 17.72 -5.64
CA LYS B 166 43.61 17.41 -6.86
C LYS B 166 44.87 16.58 -6.61
N ASP B 167 45.36 16.52 -5.37
CA ASP B 167 46.56 15.76 -5.03
C ASP B 167 46.14 14.54 -4.22
N LYS B 168 46.10 13.40 -4.88
CA LYS B 168 45.71 12.15 -4.24
C LYS B 168 46.93 11.41 -3.74
N LEU B 169 46.73 10.58 -2.71
CA LEU B 169 47.79 9.73 -2.21
C LEU B 169 48.01 8.55 -3.14
N THR B 170 49.27 8.28 -3.46
CA THR B 170 49.64 7.17 -4.31
C THR B 170 49.96 5.95 -3.44
N MET B 171 50.23 4.82 -4.10
CA MET B 171 50.53 3.61 -3.34
C MET B 171 51.82 3.76 -2.57
N LYS B 172 52.84 4.38 -3.17
CA LYS B 172 54.08 4.60 -2.45
C LYS B 172 53.83 5.39 -1.17
N ASN B 173 52.94 6.38 -1.23
CA ASN B 173 52.62 7.14 -0.04
C ASN B 173 52.01 6.26 1.04
N LEU B 174 51.10 5.37 0.66
CA LEU B 174 50.52 4.47 1.65
C LEU B 174 51.53 3.44 2.16
N VAL B 175 52.61 3.20 1.41
CA VAL B 175 53.65 2.32 1.90
C VAL B 175 54.55 3.05 2.90
N GLU B 176 54.83 4.33 2.64
CA GLU B 176 55.67 5.10 3.56
C GLU B 176 55.00 5.22 4.92
N PHE B 177 53.68 5.35 4.96
CA PHE B 177 52.97 5.53 6.21
C PHE B 177 52.83 4.24 7.01
N ALA B 178 53.45 3.15 6.56
CA ALA B 178 53.37 1.86 7.23
C ALA B 178 51.93 1.35 7.28
N SER B 179 51.06 1.87 6.41
CA SER B 179 49.71 1.34 6.32
C SER B 179 49.69 -0.02 5.64
N ILE B 180 50.65 -0.28 4.77
CA ILE B 180 50.75 -1.57 4.07
C ILE B 180 52.22 -1.84 3.80
N SER B 181 52.70 -3.01 4.22
CA SER B 181 54.08 -3.38 4.01
C SER B 181 54.37 -3.53 2.52
N PRO B 182 55.62 -3.36 2.10
CA PRO B 182 55.92 -3.43 0.65
C PRO B 182 55.51 -4.75 0.02
N GLU B 183 55.56 -5.86 0.75
CA GLU B 183 55.01 -7.10 0.22
C GLU B 183 53.51 -6.94 -0.03
N GLY B 184 52.81 -6.29 0.90
CA GLY B 184 51.43 -5.98 0.66
C GLY B 184 51.24 -5.12 -0.58
N ALA B 185 52.16 -4.18 -0.81
CA ALA B 185 52.07 -3.35 -2.00
C ALA B 185 52.21 -4.18 -3.27
N ARG B 186 53.15 -5.14 -3.27
CA ARG B 186 53.30 -6.00 -4.44
C ARG B 186 52.05 -6.84 -4.67
N VAL B 187 51.48 -7.39 -3.59
CA VAL B 187 50.29 -8.22 -3.74
C VAL B 187 49.12 -7.38 -4.22
N LEU B 188 49.01 -6.13 -3.75
CA LEU B 188 47.96 -5.26 -4.24
C LEU B 188 48.17 -4.91 -5.71
N GLY B 189 49.41 -4.71 -6.12
CA GLY B 189 49.68 -4.51 -7.53
C GLY B 189 49.25 -5.70 -8.37
N VAL B 190 49.53 -6.91 -7.90
CA VAL B 190 49.10 -8.11 -8.60
C VAL B 190 47.57 -8.14 -8.69
N ILE B 191 46.90 -7.96 -7.54
CA ILE B 191 45.46 -8.04 -7.51
C ILE B 191 44.80 -6.96 -8.35
N GLY B 192 45.49 -5.84 -8.56
CA GLY B 192 44.95 -4.79 -9.40
C GLY B 192 45.12 -5.09 -10.86
N ALA B 193 46.34 -5.46 -11.26
CA ALA B 193 46.60 -5.76 -12.66
C ALA B 193 45.98 -7.08 -13.10
N CYS B 194 45.65 -7.96 -12.15
CA CYS B 194 45.13 -9.29 -12.44
C CYS B 194 43.63 -9.29 -12.74
N ARG B 195 42.95 -8.15 -12.58
CA ARG B 195 41.52 -8.05 -12.82
C ARG B 195 40.74 -8.98 -11.88
N CYS B 196 40.90 -8.73 -10.58
CA CYS B 196 40.12 -9.39 -9.55
C CYS B 196 39.02 -8.44 -9.07
N ASN B 197 37.82 -8.98 -8.86
CA ASN B 197 36.69 -8.19 -8.41
C ASN B 197 36.82 -7.97 -6.91
N LEU B 198 37.20 -6.76 -6.50
CA LEU B 198 37.51 -6.49 -5.10
C LEU B 198 36.50 -5.53 -4.50
N VAL B 199 36.17 -5.79 -3.23
CA VAL B 199 35.28 -4.96 -2.43
C VAL B 199 36.09 -4.45 -1.25
N ILE B 200 36.30 -3.14 -1.20
CA ILE B 200 37.06 -2.52 -0.11
C ILE B 200 36.09 -2.20 1.01
N SER B 201 36.37 -2.69 2.21
CA SER B 201 35.54 -2.46 3.38
C SER B 201 36.22 -1.47 4.32
N GLY B 202 35.63 -1.30 5.49
CA GLY B 202 36.22 -0.43 6.50
C GLY B 202 35.23 0.53 7.12
N GLY B 203 35.54 1.01 8.32
CA GLY B 203 34.73 2.03 8.93
C GLY B 203 34.97 3.39 8.31
N THR B 204 34.01 4.28 8.51
CA THR B 204 34.08 5.60 7.89
C THR B 204 35.34 6.33 8.33
N GLY B 205 35.95 7.03 7.39
CA GLY B 205 37.21 7.69 7.64
C GLY B 205 38.41 6.78 7.60
N SER B 206 38.20 5.49 7.34
CA SER B 206 39.31 4.53 7.33
C SER B 206 40.15 4.60 6.08
N GLY B 207 39.71 5.31 5.04
CA GLY B 207 40.51 5.50 3.86
C GLY B 207 40.18 4.53 2.74
N LYS B 208 38.90 4.22 2.57
CA LYS B 208 38.50 3.30 1.50
C LYS B 208 38.63 3.95 0.13
N THR B 209 38.17 5.19 -0.02
CA THR B 209 38.20 5.84 -1.33
C THR B 209 39.63 6.05 -1.80
N THR B 210 40.53 6.45 -0.90
CA THR B 210 41.92 6.63 -1.30
C THR B 210 42.54 5.31 -1.72
N LEU B 211 42.23 4.23 -1.00
CA LEU B 211 42.75 2.93 -1.38
C LEU B 211 42.22 2.51 -2.75
N LEU B 212 40.94 2.76 -3.00
CA LEU B 212 40.37 2.44 -4.32
C LEU B 212 41.05 3.23 -5.41
N ASN B 213 41.28 4.52 -5.18
CA ASN B 213 41.92 5.34 -6.21
C ASN B 213 43.36 4.92 -6.45
N THR B 214 44.06 4.46 -5.40
CA THR B 214 45.41 3.94 -5.62
C THR B 214 45.36 2.63 -6.39
N MET B 215 44.42 1.76 -6.07
CA MET B 215 44.30 0.49 -6.79
C MET B 215 44.01 0.74 -8.27
N THR B 216 43.18 1.72 -8.57
CA THR B 216 42.91 2.02 -9.97
C THR B 216 44.13 2.54 -10.71
N ALA B 217 45.32 2.60 -10.12
CA ALA B 217 46.51 2.93 -10.89
C ALA B 217 47.09 1.72 -11.60
N PHE B 218 46.69 0.52 -11.22
CA PHE B 218 47.18 -0.71 -11.84
C PHE B 218 46.35 -1.13 -13.05
N ILE B 219 45.26 -0.42 -13.34
CA ILE B 219 44.41 -0.77 -14.47
C ILE B 219 45.20 -0.59 -15.77
N ASP B 220 45.13 -1.60 -16.63
CA ASP B 220 45.81 -1.51 -17.91
C ASP B 220 45.25 -0.33 -18.71
N PRO B 221 46.09 0.47 -19.36
CA PRO B 221 45.58 1.67 -20.03
C PRO B 221 44.58 1.39 -21.13
N THR B 222 44.58 0.20 -21.73
CA THR B 222 43.74 -0.07 -22.89
C THR B 222 42.31 -0.43 -22.52
N GLU B 223 41.99 -0.54 -21.23
CA GLU B 223 40.66 -0.95 -20.80
C GLU B 223 39.72 0.24 -20.75
N ARG B 224 38.46 -0.01 -21.11
CA ARG B 224 37.41 0.99 -21.02
C ARG B 224 36.80 0.91 -19.62
N VAL B 225 37.12 1.88 -18.78
CA VAL B 225 36.68 1.89 -17.39
C VAL B 225 35.49 2.83 -17.27
N VAL B 226 34.54 2.47 -16.41
CA VAL B 226 33.37 3.29 -16.13
C VAL B 226 33.26 3.42 -14.62
N THR B 227 33.25 4.64 -14.12
CA THR B 227 33.25 4.91 -12.68
C THR B 227 31.94 5.59 -12.32
N CYS B 228 31.10 4.90 -11.55
CA CYS B 228 29.88 5.48 -11.03
C CYS B 228 30.15 6.07 -9.66
N GLU B 229 29.60 7.26 -9.41
CA GLU B 229 29.87 7.97 -8.17
C GLU B 229 28.65 8.78 -7.77
N ASP B 230 28.51 9.00 -6.46
CA ASP B 230 27.56 9.98 -5.97
C ASP B 230 28.16 11.38 -5.98
N ALA B 231 29.48 11.49 -5.80
CA ALA B 231 30.19 12.75 -5.90
C ALA B 231 31.58 12.45 -6.42
N ALA B 232 32.00 13.17 -7.46
CA ALA B 232 33.27 12.88 -8.11
C ALA B 232 34.42 12.97 -7.12
N GLU B 233 35.05 11.85 -6.83
CA GLU B 233 36.23 11.81 -5.96
C GLU B 233 37.40 11.07 -6.58
N LEU B 234 37.14 9.97 -7.29
CA LEU B 234 38.22 9.23 -7.91
C LEU B 234 38.84 10.05 -9.04
N GLN B 235 40.15 9.90 -9.22
CA GLN B 235 40.90 10.59 -10.26
C GLN B 235 41.81 9.55 -10.91
N LEU B 236 41.31 8.92 -11.98
CA LEU B 236 42.06 7.91 -12.69
C LEU B 236 42.92 8.54 -13.78
N GLN B 237 44.09 7.97 -14.00
CA GLN B 237 45.03 8.45 -14.99
C GLN B 237 44.85 7.81 -16.36
N GLN B 238 44.01 6.79 -16.48
CA GLN B 238 43.87 6.09 -17.74
C GLN B 238 43.27 7.03 -18.79
N PRO B 239 43.55 6.79 -20.07
CA PRO B 239 43.03 7.66 -21.13
C PRO B 239 41.63 7.31 -21.60
N HIS B 240 41.04 6.23 -21.08
CA HIS B 240 39.79 5.69 -21.58
C HIS B 240 38.80 5.48 -20.45
N VAL B 241 38.64 6.48 -19.59
CA VAL B 241 37.76 6.39 -18.43
C VAL B 241 36.50 7.21 -18.70
N VAL B 242 35.35 6.62 -18.43
CA VAL B 242 34.06 7.27 -18.55
C VAL B 242 33.55 7.56 -17.14
N ARG B 243 33.30 8.82 -16.85
CA ARG B 243 32.94 9.27 -15.51
C ARG B 243 31.45 9.61 -15.48
N LEU B 244 30.70 8.92 -14.63
CA LEU B 244 29.29 9.16 -14.44
C LEU B 244 29.05 9.74 -13.05
N GLU B 245 27.79 10.07 -12.77
CA GLU B 245 27.45 10.63 -11.47
C GLU B 245 25.94 10.67 -11.28
N THR B 246 25.45 10.15 -10.15
CA THR B 246 24.03 10.10 -9.91
C THR B 246 23.47 11.51 -9.79
N ARG B 247 22.15 11.62 -9.91
CA ARG B 247 21.45 12.90 -9.79
C ARG B 247 20.35 12.74 -8.75
N PRO B 248 20.39 13.48 -7.64
CA PRO B 248 19.39 13.31 -6.59
C PRO B 248 18.05 13.89 -7.03
N PRO B 249 16.95 13.47 -6.41
CA PRO B 249 15.65 14.03 -6.78
C PRO B 249 15.60 15.52 -6.51
N ASN B 250 14.86 16.22 -7.36
CA ASN B 250 14.78 17.67 -7.29
C ASN B 250 13.85 18.10 -6.17
N LEU B 251 13.50 19.38 -6.13
CA LEU B 251 12.60 19.88 -5.09
C LEU B 251 11.24 19.19 -5.17
N GLU B 252 10.73 18.99 -6.38
CA GLU B 252 9.41 18.38 -6.54
C GLU B 252 9.41 16.93 -6.06
N GLY B 253 10.54 16.24 -6.17
CA GLY B 253 10.60 14.83 -5.85
C GLY B 253 10.52 13.96 -7.08
N SER B 254 11.22 14.36 -8.14
CA SER B 254 11.18 13.63 -9.39
C SER B 254 12.48 13.89 -10.14
N GLY B 255 12.70 13.09 -11.18
CA GLY B 255 13.92 13.22 -11.96
C GLY B 255 15.16 12.70 -11.28
N ALA B 256 15.04 11.63 -10.50
CA ALA B 256 16.18 11.06 -9.79
C ALA B 256 16.78 9.92 -10.58
N VAL B 257 18.11 9.88 -10.62
CA VAL B 257 18.85 8.82 -11.28
C VAL B 257 19.71 8.16 -10.21
N THR B 258 19.25 7.05 -9.66
CA THR B 258 19.95 6.38 -8.59
C THR B 258 21.16 5.61 -9.13
N MET B 259 22.06 5.26 -8.22
CA MET B 259 23.23 4.48 -8.61
C MET B 259 22.83 3.17 -9.26
N ARG B 260 21.69 2.60 -8.86
CA ARG B 260 21.23 1.37 -9.46
C ARG B 260 21.03 1.55 -10.97
N ASP B 261 20.41 2.66 -11.37
CA ASP B 261 20.20 2.91 -12.78
C ASP B 261 21.51 3.10 -13.51
N LEU B 262 22.45 3.82 -12.91
CA LEU B 262 23.74 4.02 -13.55
C LEU B 262 24.44 2.70 -13.80
N VAL B 263 24.41 1.79 -12.81
CA VAL B 263 25.09 0.51 -13.00
C VAL B 263 24.36 -0.35 -14.02
N LYS B 264 23.03 -0.38 -13.95
CA LYS B 264 22.29 -1.18 -14.92
C LYS B 264 22.51 -0.69 -16.33
N ASN B 265 22.79 0.61 -16.50
CA ASN B 265 23.13 1.10 -17.83
C ASN B 265 24.57 0.81 -18.19
N CYS B 266 25.49 0.93 -17.22
CA CYS B 266 26.88 0.61 -17.49
C CYS B 266 27.03 -0.82 -17.96
N LEU B 267 26.11 -1.71 -17.54
CA LEU B 267 26.13 -3.05 -18.09
C LEU B 267 25.93 -3.04 -19.60
N ARG B 268 25.36 -1.99 -20.15
CA ARG B 268 25.10 -1.90 -21.59
C ARG B 268 26.10 -1.03 -22.34
N MET B 269 27.04 -0.41 -21.64
CA MET B 269 28.02 0.48 -22.27
C MET B 269 29.25 -0.26 -22.74
N ARG B 270 29.28 -1.58 -22.63
CA ARG B 270 30.44 -2.36 -23.05
C ARG B 270 31.69 -1.97 -22.29
N PRO B 271 31.64 -1.84 -20.97
CA PRO B 271 32.86 -1.55 -20.22
C PRO B 271 33.64 -2.82 -19.93
N GLU B 272 34.90 -2.64 -19.55
CA GLU B 272 35.71 -3.75 -19.08
C GLU B 272 35.91 -3.72 -17.58
N ARG B 273 35.74 -2.56 -16.94
CA ARG B 273 35.72 -2.46 -15.49
C ARG B 273 34.64 -1.47 -15.09
N ILE B 274 33.87 -1.83 -14.07
CA ILE B 274 32.90 -0.92 -13.45
C ILE B 274 33.39 -0.65 -12.03
N ILE B 275 33.49 0.62 -11.68
CA ILE B 275 34.08 1.03 -10.40
C ILE B 275 33.02 1.85 -9.68
N VAL B 276 32.21 1.19 -8.85
CA VAL B 276 31.19 1.90 -8.09
C VAL B 276 31.86 2.66 -6.95
N GLY B 277 31.58 3.96 -6.88
CA GLY B 277 32.25 4.78 -5.87
C GLY B 277 32.03 4.27 -4.47
N GLU B 278 30.79 3.92 -4.14
CA GLU B 278 30.50 3.30 -2.85
C GLU B 278 29.13 2.65 -2.92
N VAL B 279 29.03 1.43 -2.43
CA VAL B 279 27.79 0.67 -2.48
C VAL B 279 26.97 0.98 -1.22
N ARG B 280 25.74 1.44 -1.42
CA ARG B 280 24.87 1.78 -0.30
C ARG B 280 23.47 1.21 -0.40
N GLY B 281 22.99 0.84 -1.58
CA GLY B 281 21.63 0.39 -1.74
C GLY B 281 21.57 -0.93 -2.48
N PRO B 282 20.47 -1.17 -3.19
CA PRO B 282 20.34 -2.44 -3.94
C PRO B 282 21.29 -2.54 -5.12
N GLU B 283 21.97 -1.46 -5.52
CA GLU B 283 22.88 -1.54 -6.65
C GLU B 283 23.94 -2.60 -6.44
N ALA B 284 24.25 -2.94 -5.19
CA ALA B 284 25.14 -4.06 -4.93
C ALA B 284 24.81 -5.22 -5.84
N PHE B 285 23.54 -5.63 -5.87
CA PHE B 285 23.12 -6.72 -6.75
C PHE B 285 23.70 -6.54 -8.14
N ASP B 286 23.33 -5.45 -8.81
CA ASP B 286 23.81 -5.21 -10.16
C ASP B 286 25.32 -5.28 -10.21
N LEU B 287 26.00 -4.64 -9.26
CA LEU B 287 27.45 -4.68 -9.25
C LEU B 287 27.95 -6.11 -9.30
N LEU B 288 27.41 -6.96 -8.42
CA LEU B 288 27.83 -8.36 -8.44
C LEU B 288 27.51 -8.99 -9.78
N GLN B 289 26.32 -8.72 -10.31
CA GLN B 289 25.98 -9.21 -11.64
C GLN B 289 27.01 -8.76 -12.67
N ALA B 290 27.50 -7.53 -12.55
CA ALA B 290 28.57 -7.09 -13.44
C ALA B 290 29.83 -7.91 -13.21
N MET B 291 30.19 -8.14 -11.95
CA MET B 291 31.39 -8.93 -11.67
C MET B 291 31.28 -10.34 -12.20
N ASN B 292 30.06 -10.84 -12.39
CA ASN B 292 29.82 -12.24 -12.73
C ASN B 292 29.30 -12.41 -14.15
N THR B 293 29.49 -11.42 -15.01
CA THR B 293 29.06 -11.51 -16.41
C THR B 293 30.12 -10.93 -17.33
N GLY B 294 31.38 -11.21 -17.05
CA GLY B 294 32.47 -10.86 -17.93
C GLY B 294 33.16 -9.55 -17.63
N HIS B 295 32.57 -8.70 -16.80
CA HIS B 295 33.21 -7.43 -16.45
C HIS B 295 34.17 -7.64 -15.29
N ASP B 296 35.06 -8.62 -15.41
CA ASP B 296 36.01 -8.90 -14.34
C ASP B 296 36.91 -7.69 -14.12
N GLY B 297 37.28 -7.47 -12.87
CA GLY B 297 38.08 -6.33 -12.49
C GLY B 297 37.30 -5.20 -11.87
N SER B 298 35.97 -5.29 -11.86
CA SER B 298 35.17 -4.26 -11.20
C SER B 298 35.60 -4.11 -9.76
N MET B 299 35.30 -2.95 -9.19
CA MET B 299 35.68 -2.65 -7.82
C MET B 299 34.52 -1.97 -7.12
N GLY B 300 34.48 -2.13 -5.79
CA GLY B 300 33.44 -1.46 -5.02
C GLY B 300 33.98 -1.13 -3.65
N THR B 301 33.23 -0.29 -2.94
CA THR B 301 33.53 0.01 -1.55
C THR B 301 32.22 0.07 -0.78
N LEU B 302 32.22 -0.45 0.44
CA LEU B 302 31.06 -0.38 1.31
C LEU B 302 31.51 -0.09 2.72
N HIS B 303 30.55 0.07 3.62
CA HIS B 303 30.80 0.41 5.01
C HIS B 303 30.62 -0.84 5.87
N ALA B 304 31.72 -1.33 6.42
CA ALA B 304 31.69 -2.47 7.32
C ALA B 304 33.01 -2.49 8.10
N ASN B 305 33.00 -3.22 9.20
CA ASN B 305 34.18 -3.30 10.06
C ASN B 305 35.01 -4.56 9.83
N SER B 306 34.38 -5.66 9.44
CA SER B 306 35.08 -6.90 9.20
C SER B 306 34.63 -7.50 7.87
N PRO B 307 35.50 -8.25 7.19
CA PRO B 307 35.08 -8.85 5.91
C PRO B 307 33.81 -9.66 6.02
N ARG B 308 33.63 -10.41 7.11
CA ARG B 308 32.40 -11.14 7.29
C ARG B 308 31.22 -10.18 7.47
N GLU B 309 31.43 -9.08 8.18
CA GLU B 309 30.39 -8.06 8.26
C GLU B 309 30.11 -7.47 6.90
N ALA B 310 31.15 -7.26 6.09
CA ALA B 310 30.93 -6.75 4.74
C ALA B 310 30.07 -7.70 3.92
N ILE B 311 30.34 -9.01 4.03
CA ILE B 311 29.53 -9.99 3.32
C ILE B 311 28.09 -9.96 3.80
N SER B 312 27.89 -9.87 5.12
CA SER B 312 26.54 -9.82 5.65
C SER B 312 25.80 -8.59 5.14
N ARG B 313 26.50 -7.45 5.07
CA ARG B 313 25.85 -6.24 4.58
C ARG B 313 25.57 -6.32 3.08
N ILE B 314 26.42 -6.99 2.32
CA ILE B 314 26.12 -7.21 0.91
C ILE B 314 24.84 -8.02 0.78
N GLU B 315 24.71 -9.09 1.57
CA GLU B 315 23.47 -9.86 1.55
C GLU B 315 22.29 -8.99 1.94
N SER B 316 22.46 -8.14 2.94
CA SER B 316 21.37 -7.28 3.38
C SER B 316 20.93 -6.34 2.27
N MET B 317 21.89 -5.73 1.57
CA MET B 317 21.54 -4.84 0.47
C MET B 317 20.83 -5.59 -0.65
N ILE B 318 21.35 -6.74 -1.03
CA ILE B 318 20.73 -7.49 -2.12
C ILE B 318 19.31 -7.88 -1.73
N THR B 319 19.08 -8.22 -0.47
CA THR B 319 17.73 -8.48 -0.01
C THR B 319 16.89 -7.21 -0.05
N MET B 320 17.48 -6.08 0.31
CA MET B 320 16.78 -4.80 0.20
C MET B 320 16.32 -4.56 -1.23
N GLY B 321 17.03 -5.14 -2.20
CA GLY B 321 16.59 -5.02 -3.59
C GLY B 321 15.19 -5.56 -3.81
N GLY B 322 14.81 -6.59 -3.07
CA GLY B 322 13.48 -7.15 -3.19
C GLY B 322 13.29 -8.07 -4.37
N TYR B 323 14.34 -8.76 -4.80
CA TYR B 323 14.25 -9.68 -5.92
C TYR B 323 13.74 -11.06 -5.52
N GLY B 324 13.42 -11.27 -4.25
CA GLY B 324 12.92 -12.56 -3.81
C GLY B 324 13.94 -13.67 -3.91
N LEU B 325 15.19 -13.40 -3.51
CA LEU B 325 16.25 -14.40 -3.55
C LEU B 325 16.50 -14.94 -2.15
N PRO B 326 16.55 -16.25 -1.96
CA PRO B 326 16.85 -16.78 -0.62
C PRO B 326 18.31 -16.51 -0.24
N SER B 327 18.60 -16.77 1.03
CA SER B 327 19.93 -16.46 1.55
C SER B 327 21.02 -17.25 0.83
N LYS B 328 20.78 -18.54 0.59
CA LYS B 328 21.81 -19.36 -0.03
C LYS B 328 22.10 -18.89 -1.45
N THR B 329 21.07 -18.46 -2.19
CA THR B 329 21.31 -17.94 -3.52
C THR B 329 22.21 -16.71 -3.48
N ILE B 330 21.96 -15.82 -2.53
CA ILE B 330 22.76 -14.60 -2.43
C ILE B 330 24.18 -14.94 -2.00
N LYS B 331 24.34 -15.91 -1.11
CA LYS B 331 25.69 -16.32 -0.70
C LYS B 331 26.46 -16.92 -1.87
N GLU B 332 25.80 -17.74 -2.68
CA GLU B 332 26.45 -18.29 -3.86
C GLU B 332 26.82 -17.18 -4.82
N MET B 333 25.93 -16.20 -5.00
CA MET B 333 26.25 -15.07 -5.87
C MET B 333 27.47 -14.32 -5.38
N ILE B 334 27.54 -14.06 -4.08
CA ILE B 334 28.68 -13.35 -3.52
C ILE B 334 29.96 -14.15 -3.71
N VAL B 335 29.88 -15.46 -3.50
CA VAL B 335 31.05 -16.32 -3.68
C VAL B 335 31.53 -16.26 -5.12
N GLY B 336 30.60 -16.35 -6.07
CA GLY B 336 30.99 -16.39 -7.47
C GLY B 336 31.48 -15.07 -8.00
N SER B 337 30.95 -13.96 -7.49
CA SER B 337 31.29 -12.65 -8.02
C SER B 337 32.55 -12.09 -7.38
N VAL B 338 32.52 -11.92 -6.06
CA VAL B 338 33.66 -11.31 -5.37
C VAL B 338 34.83 -12.28 -5.33
N ASP B 339 36.04 -11.74 -5.41
CA ASP B 339 37.27 -12.52 -5.29
C ASP B 339 38.08 -12.11 -4.07
N VAL B 340 38.30 -10.82 -3.88
CA VAL B 340 39.12 -10.31 -2.79
C VAL B 340 38.30 -9.29 -2.01
N ILE B 341 38.61 -9.16 -0.72
CA ILE B 341 37.99 -8.18 0.16
C ILE B 341 39.10 -7.52 0.95
N ILE B 342 39.41 -6.27 0.63
CA ILE B 342 40.46 -5.55 1.34
C ILE B 342 39.82 -4.73 2.45
N GLN B 343 40.21 -5.01 3.69
CA GLN B 343 39.63 -4.38 4.86
C GLN B 343 40.64 -3.39 5.41
N ALA B 344 40.33 -2.10 5.26
CA ALA B 344 41.05 -1.03 5.93
C ALA B 344 40.33 -0.68 7.22
N ALA B 345 40.98 0.12 8.06
CA ALA B 345 40.39 0.49 9.33
C ALA B 345 41.22 1.62 9.94
N ARG B 346 40.58 2.34 10.86
CA ARG B 346 41.22 3.39 11.64
C ARG B 346 41.33 2.91 13.07
N LEU B 347 42.54 2.92 13.60
CA LEU B 347 42.82 2.25 14.87
C LEU B 347 42.43 3.15 16.05
N ARG B 348 42.67 2.64 17.25
CA ARG B 348 42.32 3.38 18.46
C ARG B 348 43.03 4.73 18.51
N ASP B 349 44.28 4.77 18.11
CA ASP B 349 45.08 5.98 18.17
C ASP B 349 44.88 6.89 16.97
N GLY B 350 43.83 6.66 16.18
CA GLY B 350 43.57 7.47 15.02
C GLY B 350 44.34 7.09 13.78
N SER B 351 45.19 6.07 13.85
CA SER B 351 45.99 5.65 12.71
C SER B 351 45.21 4.69 11.83
N ARG B 352 45.45 4.80 10.52
CA ARG B 352 44.78 3.97 9.52
C ARG B 352 45.76 2.95 8.98
N ARG B 353 45.34 1.69 8.95
CA ARG B 353 46.20 0.60 8.48
C ARG B 353 45.33 -0.46 7.84
N ILE B 354 45.75 -0.94 6.68
CA ILE B 354 45.01 -1.99 5.97
C ILE B 354 45.10 -3.26 6.81
N THR B 355 43.98 -3.69 7.38
CA THR B 355 44.02 -4.76 8.36
C THR B 355 43.80 -6.14 7.77
N HIS B 356 43.20 -6.26 6.58
CA HIS B 356 43.04 -7.59 6.01
C HIS B 356 43.06 -7.53 4.49
N ILE B 357 43.53 -8.62 3.89
CA ILE B 357 43.34 -8.90 2.46
C ILE B 357 42.73 -10.29 2.39
N THR B 358 41.41 -10.37 2.45
CA THR B 358 40.70 -11.62 2.57
C THR B 358 40.29 -12.13 1.19
N GLU B 359 39.95 -13.40 1.10
CA GLU B 359 39.49 -14.00 -0.15
C GLU B 359 38.25 -14.82 0.14
N VAL B 360 37.22 -14.67 -0.67
CA VAL B 360 36.01 -15.47 -0.52
C VAL B 360 36.31 -16.86 -1.08
N VAL B 361 36.66 -17.80 -0.21
CA VAL B 361 37.12 -19.10 -0.68
C VAL B 361 35.98 -19.89 -1.29
N GLY B 362 34.83 -19.91 -0.64
CA GLY B 362 33.69 -20.62 -1.18
C GLY B 362 32.68 -20.95 -0.11
N LEU B 363 31.51 -21.37 -0.56
CA LEU B 363 30.44 -21.75 0.35
C LEU B 363 30.71 -23.12 0.96
N GLU B 364 30.27 -23.28 2.21
CA GLU B 364 30.37 -24.56 2.91
C GLU B 364 29.17 -24.66 3.84
N GLY B 365 28.13 -25.37 3.40
CA GLY B 365 26.90 -25.40 4.14
C GLY B 365 26.08 -24.16 3.90
N ASP B 366 26.03 -23.26 4.89
CA ASP B 366 25.34 -21.99 4.76
C ASP B 366 26.21 -20.85 5.30
N VAL B 367 27.52 -21.00 5.24
CA VAL B 367 28.45 -19.98 5.70
C VAL B 367 29.54 -19.82 4.66
N ILE B 368 29.90 -18.57 4.37
CA ILE B 368 30.93 -18.28 3.39
C ILE B 368 32.30 -18.37 4.06
N VAL B 369 33.16 -19.21 3.51
CA VAL B 369 34.50 -19.40 4.07
C VAL B 369 35.44 -18.33 3.51
N THR B 370 36.42 -17.94 4.30
CA THR B 370 37.38 -16.93 3.89
C THR B 370 38.76 -17.28 4.41
N GLN B 371 39.78 -16.81 3.69
CA GLN B 371 41.16 -17.00 4.09
C GLN B 371 41.91 -15.70 3.89
N ASP B 372 42.64 -15.26 4.91
CA ASP B 372 43.33 -13.97 4.87
C ASP B 372 44.75 -14.16 4.35
N LEU B 373 45.05 -13.54 3.21
CA LEU B 373 46.42 -13.55 2.72
C LEU B 373 47.34 -12.75 3.63
N PHE B 374 46.88 -11.60 4.11
CA PHE B 374 47.62 -10.76 5.02
C PHE B 374 46.74 -10.40 6.20
N VAL B 375 47.38 -10.07 7.32
CA VAL B 375 46.68 -9.52 8.47
C VAL B 375 47.64 -8.64 9.25
N TYR B 376 47.07 -7.60 9.88
CA TYR B 376 47.82 -6.70 10.74
C TYR B 376 47.61 -7.15 12.17
N GLU B 377 48.60 -7.84 12.72
CA GLU B 377 48.54 -8.35 14.08
C GLU B 377 48.95 -7.24 15.04
N ILE B 378 48.10 -6.94 16.01
CA ILE B 378 48.36 -5.92 17.02
C ILE B 378 49.10 -6.58 18.18
N THR B 379 50.38 -6.22 18.36
CA THR B 379 51.17 -6.83 19.42
C THR B 379 51.01 -6.06 20.73
N GLY B 380 51.08 -4.74 20.69
CA GLY B 380 50.98 -3.96 21.90
C GLY B 380 50.90 -2.48 21.61
N GLU B 381 51.12 -1.69 22.65
CA GLU B 381 51.00 -0.24 22.58
C GLU B 381 52.36 0.41 22.76
N ASP B 382 52.51 1.60 22.17
CA ASP B 382 53.71 2.39 22.31
C ASP B 382 53.66 3.18 23.62
N GLU B 383 54.74 3.88 23.93
CA GLU B 383 54.79 4.68 25.15
C GLU B 383 54.04 6.00 25.01
N HIS B 384 53.60 6.35 23.81
CA HIS B 384 52.80 7.54 23.56
C HIS B 384 51.32 7.21 23.38
N GLY B 385 50.91 6.00 23.76
CA GLY B 385 49.55 5.56 23.57
C GLY B 385 49.26 5.01 22.19
N LYS B 386 50.25 4.98 21.30
CA LYS B 386 50.03 4.48 19.95
C LYS B 386 49.83 2.97 19.96
N VAL B 387 49.30 2.46 18.86
CA VAL B 387 49.12 1.03 18.65
C VAL B 387 50.30 0.50 17.88
N VAL B 388 50.80 -0.66 18.28
CA VAL B 388 51.95 -1.30 17.64
C VAL B 388 51.49 -2.62 17.05
N GLY B 389 51.77 -2.82 15.77
CA GLY B 389 51.40 -4.05 15.10
C GLY B 389 52.26 -4.25 13.88
N LYS B 390 52.18 -5.46 13.34
CA LYS B 390 52.96 -5.85 12.18
C LYS B 390 52.07 -6.55 11.15
N HIS B 391 52.34 -6.27 9.89
CA HIS B 391 51.67 -6.93 8.77
C HIS B 391 52.39 -8.24 8.50
N ARG B 392 51.69 -9.36 8.63
CA ARG B 392 52.26 -10.65 8.29
C ARG B 392 51.31 -11.42 7.39
N SER B 393 51.90 -12.15 6.45
CA SER B 393 51.13 -13.04 5.59
C SER B 393 50.77 -14.31 6.34
N THR B 394 49.62 -14.88 6.01
CA THR B 394 49.22 -16.14 6.63
C THR B 394 49.94 -17.34 6.04
N GLY B 395 50.96 -17.14 5.21
CA GLY B 395 51.73 -18.23 4.66
C GLY B 395 51.14 -18.87 3.42
N ILE B 396 49.96 -18.42 2.97
CA ILE B 396 49.37 -18.98 1.77
C ILE B 396 50.30 -18.75 0.59
N ALA B 397 50.47 -19.79 -0.23
CA ALA B 397 51.30 -19.70 -1.42
C ALA B 397 50.52 -19.76 -2.72
N ARG B 398 49.32 -20.33 -2.70
CA ARG B 398 48.47 -20.45 -3.89
C ARG B 398 47.10 -19.90 -3.56
N PRO B 399 46.92 -18.59 -3.65
CA PRO B 399 45.60 -17.99 -3.39
C PRO B 399 44.57 -18.52 -4.38
N ARG B 400 43.30 -18.20 -4.12
CA ARG B 400 42.24 -18.66 -4.99
C ARG B 400 42.38 -18.07 -6.40
N PHE B 401 42.97 -16.89 -6.52
CA PHE B 401 43.14 -16.23 -7.80
C PHE B 401 44.48 -16.52 -8.46
N TRP B 402 45.08 -17.67 -8.17
CA TRP B 402 46.38 -18.00 -8.75
C TRP B 402 46.29 -18.10 -10.27
N ASP B 403 45.27 -18.79 -10.78
CA ASP B 403 45.13 -18.95 -12.22
C ASP B 403 44.89 -17.61 -12.89
N ARG B 404 44.06 -16.77 -12.28
CA ARG B 404 43.79 -15.46 -12.86
C ARG B 404 45.06 -14.63 -12.94
N ALA B 405 45.90 -14.69 -11.90
CA ALA B 405 47.16 -13.96 -11.91
C ALA B 405 48.10 -14.53 -12.96
N ARG B 406 48.15 -15.86 -13.08
CA ARG B 406 49.04 -16.47 -14.06
C ARG B 406 48.63 -16.10 -15.48
N TYR B 407 47.33 -16.02 -15.74
CA TYR B 407 46.89 -15.76 -17.11
C TYR B 407 47.47 -14.47 -17.65
N TYR B 408 47.83 -13.52 -16.79
CA TYR B 408 48.40 -12.26 -17.20
C TYR B 408 49.91 -12.22 -17.02
N GLY B 409 50.55 -13.35 -16.79
CA GLY B 409 51.99 -13.36 -16.62
C GLY B 409 52.47 -12.67 -15.37
N LEU B 410 51.76 -12.83 -14.25
CA LEU B 410 52.14 -12.27 -12.97
C LEU B 410 52.34 -13.31 -11.89
N GLU B 411 52.22 -14.60 -12.22
CA GLU B 411 52.30 -15.64 -11.19
C GLU B 411 53.62 -15.56 -10.45
N ARG B 412 54.71 -15.23 -11.13
CA ARG B 412 56.01 -15.15 -10.47
C ARG B 412 56.06 -13.97 -9.51
N GLU B 413 55.51 -12.83 -9.89
CA GLU B 413 55.48 -11.68 -9.00
C GLU B 413 54.71 -12.01 -7.73
N LEU B 414 53.54 -12.62 -7.88
CA LEU B 414 52.74 -12.98 -6.71
C LEU B 414 53.47 -14.00 -5.85
N ALA B 415 54.09 -14.99 -6.49
CA ALA B 415 54.81 -16.01 -5.73
C ALA B 415 55.95 -15.38 -4.93
N GLU B 416 56.71 -14.48 -5.55
CA GLU B 416 57.80 -13.82 -4.84
C GLU B 416 57.28 -12.98 -3.69
N ALA B 417 56.20 -12.22 -3.92
CA ALA B 417 55.67 -11.38 -2.85
C ALA B 417 55.22 -12.22 -1.67
N LEU B 418 54.47 -13.29 -1.93
CA LEU B 418 53.99 -14.13 -0.85
C LEU B 418 55.14 -14.84 -0.13
N ASP B 419 56.14 -15.30 -0.89
CA ASP B 419 57.28 -15.95 -0.25
C ASP B 419 58.06 -14.98 0.63
N ALA B 420 58.29 -13.76 0.14
CA ALA B 420 58.98 -12.76 0.94
C ALA B 420 58.20 -12.45 2.20
N ALA B 421 56.88 -12.29 2.09
CA ALA B 421 56.07 -12.05 3.27
C ALA B 421 56.18 -13.23 4.24
N GLU B 422 56.18 -14.46 3.71
CA GLU B 422 56.31 -15.66 4.52
C GLU B 422 57.70 -15.83 5.08
N ALA B 423 58.68 -15.07 4.61
CA ALA B 423 60.04 -15.16 5.15
C ALA B 423 60.14 -14.62 6.55
N LEU B 424 59.04 -14.21 7.16
CA LEU B 424 59.03 -13.72 8.53
C LEU B 424 58.23 -14.65 9.44
N ASP C 1 -19.84 50.49 33.21
CA ASP C 1 -20.84 49.63 32.59
C ASP C 1 -21.07 50.05 31.14
N TYR C 2 -20.85 51.33 30.84
CA TYR C 2 -21.02 51.83 29.49
C TYR C 2 -19.94 51.36 28.52
N TYR C 3 -18.88 50.73 29.04
CA TYR C 3 -17.79 50.30 28.16
C TYR C 3 -18.27 49.31 27.11
N HIS C 4 -19.08 48.32 27.52
CA HIS C 4 -19.52 47.29 26.59
C HIS C 4 -20.43 47.87 25.52
N ALA C 5 -21.41 48.70 25.93
CA ALA C 5 -22.32 49.31 24.97
C ALA C 5 -21.58 50.21 24.00
N THR C 6 -20.65 51.02 24.52
CA THR C 6 -19.85 51.89 23.66
C THR C 6 -19.03 51.06 22.68
N LYS C 7 -18.45 49.95 23.14
CA LYS C 7 -17.68 49.09 22.25
C LYS C 7 -18.55 48.52 21.15
N THR C 8 -19.75 48.04 21.50
CA THR C 8 -20.64 47.48 20.49
C THR C 8 -21.04 48.54 19.46
N THR C 9 -21.40 49.74 19.94
CA THR C 9 -21.78 50.80 19.03
C THR C 9 -20.62 51.19 18.11
N ILE C 10 -19.41 51.29 18.67
CA ILE C 10 -18.25 51.68 17.87
C ILE C 10 -17.93 50.59 16.86
N PHE C 11 -18.07 49.32 17.25
CA PHE C 11 -17.82 48.24 16.29
C PHE C 11 -18.80 48.27 15.14
N ASN C 12 -20.08 48.49 15.45
CA ASN C 12 -21.08 48.60 14.38
C ASN C 12 -20.76 49.77 13.47
N ALA C 13 -20.39 50.92 14.06
CA ALA C 13 -20.06 52.09 13.26
C ALA C 13 -18.83 51.85 12.38
N LEU C 14 -17.82 51.18 12.92
CA LEU C 14 -16.61 50.89 12.15
C LEU C 14 -16.92 49.92 11.02
N LEU C 15 -17.73 48.89 11.29
CA LEU C 15 -18.12 47.97 10.24
C LEU C 15 -18.88 48.69 9.13
N ASN C 16 -19.77 49.60 9.50
CA ASN C 16 -20.48 50.39 8.49
C ASN C 16 -19.50 51.25 7.70
N THR C 17 -18.55 51.88 8.38
CA THR C 17 -17.58 52.72 7.69
C THR C 17 -16.49 51.89 7.01
N ILE C 18 -15.76 51.11 7.79
CA ILE C 18 -14.68 50.26 7.29
C ILE C 18 -15.03 48.83 7.67
N ASP C 19 -15.56 48.07 6.72
CA ASP C 19 -15.99 46.70 6.99
C ASP C 19 -14.81 45.74 6.93
N LEU C 20 -14.92 44.66 7.71
CA LEU C 20 -13.86 43.66 7.74
C LEU C 20 -13.61 43.05 6.37
N SER C 21 -14.63 43.04 5.51
CA SER C 21 -14.45 42.48 4.17
C SER C 21 -13.45 43.28 3.35
N GLN C 22 -13.12 44.50 3.79
CA GLN C 22 -12.14 45.33 3.10
C GLN C 22 -10.71 45.00 3.52
N LEU C 23 -10.47 43.80 4.03
CA LEU C 23 -9.12 43.41 4.44
C LEU C 23 -8.16 43.52 3.26
N ALA C 24 -6.94 43.93 3.57
CA ALA C 24 -5.88 44.27 2.63
C ALA C 24 -6.13 45.64 2.00
N GLN C 25 -7.28 46.26 2.25
CA GLN C 25 -7.55 47.62 1.85
C GLN C 25 -7.65 48.48 3.11
N LEU C 26 -6.99 49.64 3.10
CA LEU C 26 -6.77 50.42 4.31
C LEU C 26 -5.95 49.60 5.31
N ASP C 27 -4.69 49.36 4.95
CA ASP C 27 -3.85 48.40 5.65
C ASP C 27 -3.40 48.97 7.00
N LEU C 28 -2.47 48.27 7.65
CA LEU C 28 -2.12 48.51 9.03
C LEU C 28 -2.12 50.00 9.40
N LYS C 29 -1.25 50.78 8.76
CA LYS C 29 -1.21 52.21 9.05
C LYS C 29 -2.47 52.90 8.57
N GLN C 30 -2.95 52.54 7.38
CA GLN C 30 -4.17 53.14 6.85
C GLN C 30 -5.35 52.86 7.78
N ALA C 31 -5.46 51.63 8.28
CA ALA C 31 -6.51 51.32 9.25
C ALA C 31 -6.30 52.09 10.54
N GLY C 32 -5.08 52.12 11.05
CA GLY C 32 -4.83 52.84 12.29
C GLY C 32 -5.22 54.30 12.21
N GLU C 33 -5.12 54.89 11.02
CA GLU C 33 -5.52 56.28 10.84
C GLU C 33 -7.03 56.40 10.62
N GLU C 34 -7.58 55.60 9.70
CA GLU C 34 -8.99 55.74 9.33
C GLU C 34 -9.90 55.37 10.48
N ILE C 35 -9.62 54.27 11.18
CA ILE C 35 -10.46 53.86 12.29
C ILE C 35 -10.40 54.89 13.41
N ARG C 36 -9.21 55.46 13.66
CA ARG C 36 -9.10 56.51 14.67
C ARG C 36 -9.94 57.72 14.30
N ASP C 37 -9.86 58.14 13.03
CA ASP C 37 -10.65 59.28 12.58
C ASP C 37 -12.14 58.98 12.68
N ILE C 38 -12.55 57.76 12.32
CA ILE C 38 -13.95 57.38 12.38
C ILE C 38 -14.44 57.36 13.83
N VAL C 39 -13.61 56.86 14.74
CA VAL C 39 -13.97 56.84 16.15
C VAL C 39 -14.11 58.25 16.69
N ALA C 40 -13.20 59.14 16.30
CA ALA C 40 -13.32 60.54 16.73
C ALA C 40 -14.60 61.17 16.19
N GLU C 41 -14.90 60.92 14.91
CA GLU C 41 -16.11 61.48 14.31
C GLU C 41 -17.36 60.92 14.98
N LEU C 42 -17.31 59.66 15.41
CA LEU C 42 -18.46 59.06 16.09
C LEU C 42 -18.61 59.62 17.51
N VAL C 43 -17.50 59.75 18.23
CA VAL C 43 -17.54 60.33 19.56
C VAL C 43 -18.06 61.76 19.51
N ALA C 44 -17.80 62.46 18.41
CA ALA C 44 -18.40 63.78 18.21
C ALA C 44 -19.89 63.68 17.88
N ILE C 45 -20.24 62.90 16.87
CA ILE C 45 -21.64 62.79 16.45
C ILE C 45 -22.47 62.07 17.51
N LYS C 46 -21.97 60.94 18.00
CA LYS C 46 -22.67 60.13 18.98
C LYS C 46 -22.11 60.45 20.37
N ASN C 47 -22.96 60.96 21.25
CA ASN C 47 -22.53 61.32 22.59
C ASN C 47 -22.26 60.06 23.40
N VAL C 48 -21.12 60.04 24.09
CA VAL C 48 -20.73 58.92 24.94
C VAL C 48 -19.97 59.45 26.14
N SER C 49 -20.12 58.78 27.28
CA SER C 49 -19.41 59.17 28.48
C SER C 49 -17.90 58.99 28.36
N MET C 50 -17.44 58.28 27.34
CA MET C 50 -16.01 58.10 27.12
C MET C 50 -15.34 59.45 26.91
N SER C 51 -14.28 59.71 27.66
CA SER C 51 -13.54 60.97 27.56
C SER C 51 -12.53 60.86 26.42
N VAL C 52 -11.61 61.82 26.37
CA VAL C 52 -10.57 61.78 25.34
C VAL C 52 -9.72 60.53 25.49
N ALA C 53 -9.32 60.21 26.72
CA ALA C 53 -8.61 58.97 26.97
C ALA C 53 -9.48 57.77 26.64
N GLU C 54 -10.76 57.83 26.99
CA GLU C 54 -11.66 56.74 26.66
C GLU C 54 -11.86 56.60 25.17
N GLN C 55 -11.94 57.72 24.45
CA GLN C 55 -12.05 57.66 22.99
C GLN C 55 -10.81 57.03 22.38
N GLU C 56 -9.62 57.42 22.87
CA GLU C 56 -8.39 56.82 22.38
C GLU C 56 -8.36 55.33 22.68
N HIS C 57 -8.86 54.93 23.85
CA HIS C 57 -8.90 53.52 24.19
C HIS C 57 -9.89 52.74 23.32
N LEU C 58 -11.00 53.37 22.94
CA LEU C 58 -11.93 52.74 22.01
C LEU C 58 -11.26 52.56 20.65
N VAL C 59 -10.51 53.56 20.20
CA VAL C 59 -9.71 53.41 18.98
C VAL C 59 -8.73 52.26 19.13
N GLN C 60 -8.11 52.14 20.31
CA GLN C 60 -7.17 51.05 20.55
C GLN C 60 -7.85 49.70 20.48
N ASP C 61 -9.06 49.59 21.04
CA ASP C 61 -9.79 48.34 20.98
C ASP C 61 -10.18 47.99 19.55
N ILE C 62 -10.57 49.00 18.77
CA ILE C 62 -10.84 48.76 17.35
C ILE C 62 -9.58 48.27 16.65
N ILE C 63 -8.43 48.85 17.00
CA ILE C 63 -7.16 48.42 16.43
C ILE C 63 -6.90 46.95 16.78
N ASN C 64 -7.16 46.57 18.04
CA ASN C 64 -6.99 45.19 18.45
C ASN C 64 -7.89 44.27 17.64
N ASP C 65 -9.16 44.66 17.49
CA ASP C 65 -10.09 43.85 16.71
C ASP C 65 -9.67 43.75 15.26
N VAL C 66 -8.97 44.75 14.75
CA VAL C 66 -8.49 44.75 13.37
C VAL C 66 -7.10 44.10 13.26
N LEU C 67 -6.25 44.29 14.27
CA LEU C 67 -4.89 43.80 14.23
C LEU C 67 -4.52 42.88 15.38
N GLY C 68 -5.16 43.00 16.54
CA GLY C 68 -4.72 42.33 17.75
C GLY C 68 -5.44 41.02 18.01
N TYR C 69 -5.30 40.54 19.26
CA TYR C 69 -5.82 39.25 19.69
C TYR C 69 -6.95 39.39 20.70
N GLY C 70 -7.62 40.53 20.72
CA GLY C 70 -8.74 40.73 21.62
C GLY C 70 -8.32 40.73 23.07
N PRO C 71 -9.24 40.36 23.97
CA PRO C 71 -8.97 40.55 25.40
C PRO C 71 -7.76 39.80 25.94
N LEU C 72 -7.04 39.07 25.08
CA LEU C 72 -5.82 38.43 25.52
C LEU C 72 -4.63 39.37 25.56
N GLU C 73 -4.72 40.54 24.90
CA GLU C 73 -3.58 41.45 24.89
C GLU C 73 -3.19 41.91 26.28
N PRO C 74 -4.11 42.32 27.16
CA PRO C 74 -3.69 42.69 28.51
C PRO C 74 -2.97 41.58 29.24
N LEU C 75 -3.33 40.33 28.99
CA LEU C 75 -2.72 39.21 29.70
C LEU C 75 -1.36 38.86 29.11
N LEU C 76 -1.30 38.62 27.80
CA LEU C 76 -0.02 38.30 27.18
C LEU C 76 1.01 39.41 27.41
N ALA C 77 0.55 40.65 27.56
CA ALA C 77 1.48 41.74 27.84
C ALA C 77 2.19 41.53 29.17
N ARG C 78 1.45 41.12 30.20
CA ARG C 78 2.05 40.93 31.51
C ARG C 78 3.08 39.81 31.47
N ASP C 79 4.05 39.89 32.36
CA ASP C 79 5.13 38.91 32.44
C ASP C 79 5.04 38.01 33.66
N ASP C 80 4.44 38.48 34.76
CA ASP C 80 4.25 37.62 35.92
C ASP C 80 3.31 36.46 35.63
N ILE C 81 2.48 36.57 34.61
CA ILE C 81 1.54 35.52 34.25
C ILE C 81 2.30 34.43 33.50
N ALA C 82 2.24 33.20 34.02
CA ALA C 82 2.96 32.09 33.41
C ALA C 82 2.10 31.27 32.45
N ASP C 83 0.80 31.16 32.73
CA ASP C 83 -0.10 30.38 31.90
C ASP C 83 -1.43 31.09 31.77
N ILE C 84 -2.08 30.89 30.63
CA ILE C 84 -3.39 31.45 30.34
C ILE C 84 -4.28 30.32 29.84
N MET C 85 -5.37 30.07 30.54
CA MET C 85 -6.26 28.95 30.26
C MET C 85 -7.65 29.51 30.08
N VAL C 86 -8.27 29.23 28.92
CA VAL C 86 -9.45 29.98 28.48
C VAL C 86 -10.74 29.21 28.71
N ASN C 87 -10.70 27.88 28.67
CA ASN C 87 -11.83 27.02 29.03
C ASN C 87 -13.16 27.63 28.59
N GLY C 88 -13.28 27.87 27.29
CA GLY C 88 -14.48 28.48 26.77
C GLY C 88 -14.41 29.98 26.76
N ALA C 89 -15.51 30.60 26.35
CA ALA C 89 -15.51 32.04 26.14
C ALA C 89 -15.72 32.85 27.42
N HIS C 90 -16.13 32.21 28.52
CA HIS C 90 -16.55 32.93 29.71
C HIS C 90 -15.78 32.57 30.96
N ARG C 91 -14.63 31.93 30.85
CA ARG C 91 -13.86 31.57 32.04
C ARG C 91 -12.38 31.54 31.66
N VAL C 92 -11.67 32.63 31.94
CA VAL C 92 -10.25 32.74 31.62
C VAL C 92 -9.47 32.71 32.92
N PHE C 93 -8.69 31.66 33.12
CA PHE C 93 -7.83 31.52 34.29
C PHE C 93 -6.40 31.90 33.92
N ILE C 94 -5.63 32.29 34.93
CA ILE C 94 -4.22 32.62 34.74
C ILE C 94 -3.42 32.08 35.90
N GLU C 95 -2.22 31.60 35.62
CA GLU C 95 -1.31 31.14 36.67
C GLU C 95 -0.39 32.28 37.06
N VAL C 96 -0.50 32.72 38.31
CA VAL C 96 0.32 33.78 38.86
C VAL C 96 1.11 33.21 40.03
N GLY C 97 2.43 33.37 40.00
CA GLY C 97 3.25 32.89 41.09
C GLY C 97 3.06 31.42 41.39
N GLY C 98 2.72 30.63 40.38
CA GLY C 98 2.53 29.20 40.57
C GLY C 98 1.17 28.79 41.08
N LYS C 99 0.22 29.72 41.18
CA LYS C 99 -1.13 29.41 41.65
C LYS C 99 -2.13 29.90 40.62
N VAL C 100 -3.13 29.08 40.33
CA VAL C 100 -4.12 29.40 39.31
C VAL C 100 -5.22 30.24 39.92
N GLN C 101 -5.67 31.27 39.20
CA GLN C 101 -6.72 32.15 39.68
C GLN C 101 -7.63 32.55 38.53
N LEU C 102 -8.89 32.77 38.87
CA LEU C 102 -9.90 33.19 37.90
C LEU C 102 -9.82 34.68 37.69
N THR C 103 -9.78 35.11 36.43
CA THR C 103 -9.71 36.51 36.09
C THR C 103 -11.07 37.01 35.63
N ASN C 104 -11.27 38.33 35.76
CA ASN C 104 -12.47 39.00 35.26
C ASN C 104 -12.25 39.40 33.81
N VAL C 105 -12.13 38.37 32.96
CA VAL C 105 -11.94 38.54 31.53
C VAL C 105 -12.96 37.67 30.83
N ARG C 106 -13.57 38.20 29.76
CA ARG C 106 -14.71 37.54 29.15
C ARG C 106 -14.73 37.86 27.67
N PHE C 107 -14.67 36.82 26.84
CA PHE C 107 -14.82 37.01 25.41
C PHE C 107 -16.28 37.24 25.05
N ARG C 108 -16.50 37.82 23.88
CA ARG C 108 -17.87 38.12 23.44
C ARG C 108 -18.69 36.84 23.34
N ASP C 109 -18.18 35.85 22.62
CA ASP C 109 -18.88 34.59 22.42
C ASP C 109 -17.89 33.57 21.86
N ASN C 110 -18.35 32.32 21.77
CA ASN C 110 -17.47 31.26 21.30
C ASN C 110 -16.96 31.52 19.89
N LEU C 111 -17.68 32.29 19.09
CA LEU C 111 -17.19 32.58 17.74
C LEU C 111 -15.96 33.48 17.79
N GLN C 112 -15.98 34.52 18.63
CA GLN C 112 -14.82 35.38 18.76
C GLN C 112 -13.61 34.58 19.21
N LEU C 113 -13.78 33.75 20.24
CA LEU C 113 -12.66 32.95 20.73
C LEU C 113 -12.18 31.98 19.68
N MET C 114 -13.09 31.34 18.95
CA MET C 114 -12.67 30.37 17.96
C MET C 114 -11.97 31.04 16.79
N ASN C 115 -12.27 32.30 16.49
CA ASN C 115 -11.53 33.00 15.46
C ASN C 115 -10.16 33.43 15.98
N ILE C 116 -10.10 33.88 17.24
CA ILE C 116 -8.82 34.32 17.79
C ILE C 116 -7.87 33.14 17.91
N CYS C 117 -8.39 31.95 18.23
CA CYS C 117 -7.54 30.77 18.29
C CYS C 117 -6.93 30.47 16.92
N GLN C 118 -7.74 30.54 15.87
CA GLN C 118 -7.22 30.33 14.52
C GLN C 118 -6.17 31.38 14.19
N ARG C 119 -6.42 32.64 14.59
CA ARG C 119 -5.45 33.69 14.32
C ARG C 119 -4.13 33.40 15.04
N ILE C 120 -4.20 32.96 16.29
CA ILE C 120 -2.98 32.68 17.06
C ILE C 120 -2.22 31.51 16.45
N VAL C 121 -2.93 30.43 16.11
CA VAL C 121 -2.26 29.25 15.56
C VAL C 121 -1.90 29.41 14.10
N SER C 122 -2.30 30.50 13.45
CA SER C 122 -1.89 30.75 12.08
C SER C 122 -0.51 31.38 11.97
N GLN C 123 0.06 31.86 13.08
CA GLN C 123 1.38 32.47 13.03
C GLN C 123 2.44 31.49 12.57
N VAL C 124 2.20 30.19 12.72
CA VAL C 124 3.16 29.17 12.31
C VAL C 124 2.55 28.32 11.20
N GLY C 125 1.70 28.93 10.38
CA GLY C 125 1.11 28.22 9.25
C GLY C 125 0.27 27.04 9.66
N ARG C 126 -0.44 27.13 10.79
CA ARG C 126 -1.28 26.06 11.30
C ARG C 126 -2.70 26.56 11.44
N ARG C 127 -3.65 25.66 11.21
CA ARG C 127 -5.07 25.97 11.30
C ARG C 127 -5.76 24.93 12.17
N VAL C 128 -6.72 25.39 12.97
CA VAL C 128 -7.53 24.52 13.80
C VAL C 128 -8.99 24.84 13.55
N ASP C 129 -9.77 23.82 13.24
CA ASP C 129 -11.19 23.99 12.96
C ASP C 129 -11.87 22.63 13.10
N GLU C 130 -13.13 22.55 12.68
CA GLU C 130 -13.86 21.29 12.76
C GLU C 130 -13.26 20.22 11.86
N SER C 131 -12.38 20.59 10.93
CA SER C 131 -11.68 19.59 10.15
C SER C 131 -10.63 18.86 10.99
N SER C 132 -9.86 19.62 11.78
CA SER C 132 -8.85 19.06 12.67
C SER C 132 -8.90 19.85 13.96
N PRO C 133 -9.76 19.45 14.91
CA PRO C 133 -10.02 20.30 16.08
C PRO C 133 -8.84 20.46 17.01
N ILE C 134 -7.87 19.56 17.02
CA ILE C 134 -6.76 19.59 17.98
C ILE C 134 -5.55 20.21 17.28
N CYS C 135 -4.95 21.20 17.94
CA CYS C 135 -3.78 21.87 17.36
C CYS C 135 -2.81 22.26 18.46
N ASP C 136 -1.57 21.78 18.38
CA ASP C 136 -0.51 22.16 19.29
C ASP C 136 0.62 22.80 18.50
N ALA C 137 1.14 23.92 19.01
CA ALA C 137 2.17 24.65 18.29
C ALA C 137 2.99 25.46 19.28
N ARG C 138 4.08 26.05 18.78
CA ARG C 138 4.93 26.92 19.57
C ARG C 138 5.10 28.23 18.82
N LEU C 139 4.86 29.34 19.50
CA LEU C 139 4.95 30.65 18.89
C LEU C 139 6.40 31.12 18.82
N PRO C 140 6.68 32.10 17.95
CA PRO C 140 8.06 32.62 17.88
C PRO C 140 8.54 33.21 19.20
N ASP C 141 7.66 33.83 19.98
CA ASP C 141 8.09 34.53 21.19
C ASP C 141 8.62 33.57 22.25
N GLY C 142 8.42 32.27 22.09
CA GLY C 142 8.92 31.31 23.04
C GLY C 142 7.86 30.83 24.00
N SER C 143 6.66 30.58 23.48
CA SER C 143 5.55 30.11 24.28
C SER C 143 4.79 29.04 23.49
N ARG C 144 4.16 28.14 24.23
CA ARG C 144 3.44 27.03 23.64
C ARG C 144 1.94 27.27 23.69
N VAL C 145 1.25 26.91 22.61
CA VAL C 145 -0.18 27.13 22.47
C VAL C 145 -0.85 25.81 22.10
N ASN C 146 -1.90 25.47 22.84
CA ASN C 146 -2.70 24.28 22.57
C ASN C 146 -4.15 24.70 22.42
N VAL C 147 -4.84 24.14 21.43
CA VAL C 147 -6.19 24.55 21.09
C VAL C 147 -7.02 23.30 20.80
N ILE C 148 -8.22 23.24 21.38
CA ILE C 148 -9.20 22.22 21.06
C ILE C 148 -10.50 22.91 20.68
N ALA C 149 -11.12 22.44 19.61
CA ALA C 149 -12.23 23.12 18.97
C ALA C 149 -13.56 22.65 19.54
N PRO C 150 -14.66 23.33 19.22
CA PRO C 150 -15.95 23.02 19.83
C PRO C 150 -16.40 21.59 19.55
N PRO C 151 -16.09 21.02 18.39
CA PRO C 151 -16.55 19.64 18.14
C PRO C 151 -16.15 18.66 19.23
N LEU C 152 -14.95 18.82 19.78
CA LEU C 152 -14.51 17.99 20.90
C LEU C 152 -14.83 18.67 22.23
N ALA C 153 -14.28 19.86 22.45
CA ALA C 153 -14.52 20.58 23.69
C ALA C 153 -15.98 21.02 23.77
N LEU C 154 -16.73 20.43 24.70
CA LEU C 154 -18.15 20.72 24.79
C LEU C 154 -18.40 22.17 25.18
N ASP C 155 -17.63 22.70 26.14
CA ASP C 155 -17.87 24.04 26.65
C ASP C 155 -17.53 25.15 25.67
N GLY C 156 -16.88 24.82 24.56
CA GLY C 156 -16.41 25.82 23.63
C GLY C 156 -14.92 25.69 23.43
N PRO C 157 -14.35 26.48 22.52
CA PRO C 157 -12.92 26.35 22.23
C PRO C 157 -12.09 26.51 23.50
N THR C 158 -11.15 25.59 23.69
CA THR C 158 -10.25 25.64 24.84
C THR C 158 -8.86 26.00 24.36
N LEU C 159 -8.27 27.02 24.96
CA LEU C 159 -6.96 27.52 24.59
C LEU C 159 -6.06 27.53 25.82
N THR C 160 -4.87 26.98 25.68
CA THR C 160 -3.88 26.95 26.77
C THR C 160 -2.58 27.54 26.24
N ILE C 161 -2.11 28.60 26.89
CA ILE C 161 -0.89 29.29 26.49
C ILE C 161 0.06 29.23 27.66
N ARG C 162 1.19 28.55 27.48
CA ARG C 162 2.25 28.50 28.49
C ARG C 162 3.38 29.40 28.02
N LYS C 163 3.68 30.45 28.77
CA LYS C 163 4.77 31.36 28.44
C LYS C 163 6.00 30.91 29.23
N PHE C 164 6.87 30.17 28.56
CA PHE C 164 8.06 29.64 29.22
C PHE C 164 9.12 30.74 29.38
N LYS C 165 9.91 30.60 30.44
CA LYS C 165 10.92 31.60 30.75
C LYS C 165 11.99 31.62 29.66
N LYS C 166 12.61 32.79 29.51
CA LYS C 166 13.62 32.97 28.47
C LYS C 166 14.95 32.34 28.88
N ASP C 167 15.53 32.81 29.98
CA ASP C 167 16.83 32.31 30.40
C ASP C 167 16.77 30.81 30.68
N LYS C 168 17.76 30.09 30.18
CA LYS C 168 17.80 28.64 30.32
C LYS C 168 18.75 28.26 31.46
N LEU C 169 18.82 26.96 31.72
CA LEU C 169 19.62 26.42 32.80
C LEU C 169 20.93 25.87 32.28
N THR C 170 21.97 25.94 33.11
CA THR C 170 23.26 25.36 32.83
C THR C 170 23.43 24.09 33.65
N MET C 171 24.44 23.30 33.29
CA MET C 171 24.69 22.06 34.03
C MET C 171 24.86 22.33 35.51
N LYS C 172 25.39 23.49 35.87
CA LYS C 172 25.51 23.84 37.28
C LYS C 172 24.13 23.91 37.94
N ASN C 173 23.16 24.52 37.25
CA ASN C 173 21.81 24.57 37.79
C ASN C 173 21.23 23.16 37.94
N LEU C 174 21.43 22.31 36.94
CA LEU C 174 20.91 20.95 37.04
C LEU C 174 21.51 20.23 38.23
N VAL C 175 22.79 20.44 38.51
CA VAL C 175 23.39 19.84 39.70
C VAL C 175 22.81 20.44 40.96
N GLU C 176 22.53 21.74 40.95
CA GLU C 176 21.96 22.39 42.13
C GLU C 176 20.59 21.83 42.47
N PHE C 177 19.75 21.62 41.46
CA PHE C 177 18.41 21.09 41.66
C PHE C 177 18.37 19.60 41.92
N ALA C 178 19.52 18.97 42.15
CA ALA C 178 19.59 17.53 42.37
C ALA C 178 19.07 16.74 41.18
N SER C 179 18.93 17.40 40.03
CA SER C 179 18.46 16.69 38.84
C SER C 179 19.44 15.61 38.43
N ILE C 180 20.73 15.89 38.49
CA ILE C 180 21.78 14.92 38.21
C ILE C 180 22.89 15.11 39.23
N SER C 181 23.38 14.03 39.80
CA SER C 181 24.43 14.13 40.78
C SER C 181 25.71 14.66 40.15
N PRO C 182 26.58 15.32 40.93
CA PRO C 182 27.80 15.87 40.33
C PRO C 182 28.64 14.84 39.61
N GLU C 183 28.66 13.59 40.08
CA GLU C 183 29.36 12.55 39.34
C GLU C 183 28.70 12.33 37.99
N GLY C 184 27.36 12.31 37.95
CA GLY C 184 26.67 12.25 36.69
C GLY C 184 26.96 13.46 35.83
N ALA C 185 27.13 14.62 36.45
CA ALA C 185 27.46 15.83 35.68
C ALA C 185 28.82 15.67 35.02
N ARG C 186 29.80 15.14 35.73
CA ARG C 186 31.12 14.93 35.14
C ARG C 186 31.06 13.90 34.02
N VAL C 187 30.29 12.82 34.21
CA VAL C 187 30.17 11.83 33.15
C VAL C 187 29.50 12.45 31.93
N LEU C 188 28.49 13.30 32.14
CA LEU C 188 27.85 13.98 31.02
C LEU C 188 28.81 14.91 30.31
N GLY C 189 29.66 15.60 31.07
CA GLY C 189 30.67 16.44 30.44
C GLY C 189 31.61 15.62 29.58
N VAL C 190 32.05 14.47 30.08
CA VAL C 190 32.91 13.59 29.29
C VAL C 190 32.18 13.16 28.02
N ILE C 191 30.92 12.74 28.15
CA ILE C 191 30.18 12.27 26.99
C ILE C 191 30.04 13.39 25.95
N GLY C 192 29.71 14.59 26.40
CA GLY C 192 29.56 15.70 25.47
C GLY C 192 30.86 16.05 24.76
N ALA C 193 31.96 16.11 25.52
CA ALA C 193 33.25 16.42 24.92
C ALA C 193 33.81 15.24 24.13
N CYS C 194 33.42 14.03 24.52
CA CYS C 194 33.94 12.80 23.91
C CYS C 194 33.39 12.55 22.52
N ARG C 195 32.42 13.34 22.07
CA ARG C 195 31.81 13.15 20.75
C ARG C 195 31.14 11.78 20.64
N CYS C 196 30.10 11.59 21.47
CA CYS C 196 29.28 10.40 21.44
C CYS C 196 27.93 10.73 20.81
N ASN C 197 27.43 9.81 19.99
CA ASN C 197 26.13 9.98 19.33
C ASN C 197 25.04 9.67 20.34
N LEU C 198 24.57 10.71 21.03
CA LEU C 198 23.62 10.54 22.12
C LEU C 198 22.24 11.02 21.72
N VAL C 199 21.22 10.27 22.12
CA VAL C 199 19.82 10.62 21.91
C VAL C 199 19.21 10.95 23.26
N ILE C 200 18.53 12.08 23.36
CA ILE C 200 17.98 12.56 24.61
C ILE C 200 16.47 12.32 24.56
N SER C 201 16.01 11.29 25.25
CA SER C 201 14.59 10.99 25.33
C SER C 201 13.96 11.71 26.50
N GLY C 202 12.64 11.61 26.60
CA GLY C 202 11.93 12.21 27.70
C GLY C 202 10.48 12.41 27.38
N GLY C 203 9.73 12.84 28.39
CA GLY C 203 8.33 13.14 28.25
C GLY C 203 8.08 14.63 28.05
N THR C 204 6.82 14.97 27.81
CA THR C 204 6.46 16.36 27.59
C THR C 204 6.87 17.20 28.79
N GLY C 205 7.52 18.33 28.52
CA GLY C 205 7.96 19.20 29.59
C GLY C 205 8.97 18.55 30.51
N SER C 206 9.56 17.43 30.11
CA SER C 206 10.47 16.71 30.97
C SER C 206 11.84 17.37 31.05
N GLY C 207 12.26 18.09 30.01
CA GLY C 207 13.54 18.75 30.02
C GLY C 207 14.46 18.33 28.89
N LYS C 208 13.89 17.81 27.80
CA LYS C 208 14.73 17.33 26.70
C LYS C 208 15.54 18.47 26.10
N THR C 209 14.89 19.56 25.73
CA THR C 209 15.59 20.66 25.07
C THR C 209 16.61 21.29 26.00
N THR C 210 16.26 21.47 27.27
CA THR C 210 17.22 22.04 28.21
C THR C 210 18.42 21.13 28.39
N LEU C 211 18.19 19.83 28.47
CA LEU C 211 19.31 18.90 28.59
C LEU C 211 20.20 18.95 27.36
N LEU C 212 19.59 19.02 26.17
CA LEU C 212 20.38 19.13 24.95
C LEU C 212 21.20 20.43 24.95
N ASN C 213 20.59 21.52 25.39
CA ASN C 213 21.30 22.79 25.42
C ASN C 213 22.46 22.77 26.41
N THR C 214 22.30 22.08 27.54
CA THR C 214 23.41 21.97 28.48
C THR C 214 24.49 21.05 27.96
N MET C 215 24.11 20.02 27.19
CA MET C 215 25.11 19.12 26.61
C MET C 215 25.91 19.79 25.50
N THR C 216 25.28 20.67 24.72
CA THR C 216 26.01 21.35 23.67
C THR C 216 27.09 22.28 24.20
N ALA C 217 27.01 22.67 25.47
CA ALA C 217 28.04 23.54 26.03
C ALA C 217 29.40 22.85 26.09
N PHE C 218 29.44 21.54 25.96
CA PHE C 218 30.68 20.78 25.99
C PHE C 218 31.30 20.60 24.61
N ILE C 219 30.71 21.17 23.57
CA ILE C 219 31.24 21.03 22.22
C ILE C 219 32.51 21.86 22.10
N ASP C 220 33.54 21.28 21.50
CA ASP C 220 34.80 21.98 21.30
C ASP C 220 34.57 23.19 20.40
N PRO C 221 35.06 24.37 20.76
CA PRO C 221 34.73 25.57 19.96
C PRO C 221 35.21 25.50 18.53
N THR C 222 36.15 24.63 18.20
CA THR C 222 36.69 24.58 16.85
C THR C 222 35.83 23.80 15.88
N GLU C 223 34.79 23.13 16.35
CA GLU C 223 34.00 22.24 15.52
C GLU C 223 32.88 22.99 14.81
N ARG C 224 32.59 22.55 13.58
CA ARG C 224 31.52 23.14 12.77
C ARG C 224 30.22 22.44 13.12
N VAL C 225 29.36 23.13 13.86
CA VAL C 225 28.10 22.57 14.33
C VAL C 225 26.98 23.06 13.43
N VAL C 226 26.02 22.18 13.14
CA VAL C 226 24.84 22.52 12.38
C VAL C 226 23.63 22.06 13.18
N THR C 227 22.75 22.98 13.53
CA THR C 227 21.60 22.70 14.38
C THR C 227 20.34 22.87 13.56
N CYS C 228 19.67 21.76 13.25
CA CYS C 228 18.38 21.77 12.58
C CYS C 228 17.29 21.86 13.64
N GLU C 229 16.35 22.78 13.45
CA GLU C 229 15.32 23.02 14.46
C GLU C 229 14.01 23.39 13.78
N ASP C 230 12.98 23.53 14.61
CA ASP C 230 11.68 24.03 14.17
C ASP C 230 11.29 25.34 14.81
N ALA C 231 11.90 25.73 15.93
CA ALA C 231 11.49 26.93 16.63
C ALA C 231 12.66 27.75 17.16
N ALA C 232 13.88 27.48 16.75
CA ALA C 232 15.05 28.25 17.19
C ALA C 232 15.14 28.28 18.71
N GLU C 233 15.05 27.10 19.32
CA GLU C 233 15.11 27.00 20.77
C GLU C 233 16.54 27.05 21.28
N LEU C 234 17.43 26.25 20.69
CA LEU C 234 18.77 26.08 21.26
C LEU C 234 19.54 27.38 21.22
N GLN C 235 20.45 27.53 22.19
CA GLN C 235 21.29 28.71 22.35
C GLN C 235 22.72 28.22 22.57
N LEU C 236 23.45 28.03 21.48
CA LEU C 236 24.84 27.62 21.56
C LEU C 236 25.74 28.85 21.60
N GLN C 237 26.88 28.70 22.27
CA GLN C 237 27.85 29.79 22.40
C GLN C 237 29.06 29.64 21.51
N GLN C 238 29.21 28.50 20.83
CA GLN C 238 30.39 28.29 20.00
C GLN C 238 30.42 29.31 18.87
N PRO C 239 31.61 29.63 18.35
CA PRO C 239 31.70 30.62 17.28
C PRO C 239 31.28 30.07 15.93
N HIS C 240 31.60 28.80 15.67
CA HIS C 240 31.36 28.18 14.37
C HIS C 240 30.10 27.33 14.44
N VAL C 241 28.95 28.01 14.42
CA VAL C 241 27.64 27.37 14.52
C VAL C 241 26.78 27.83 13.36
N VAL C 242 26.07 26.88 12.75
CA VAL C 242 25.15 27.16 11.65
C VAL C 242 23.76 26.76 12.11
N ARG C 243 22.85 27.72 12.12
CA ARG C 243 21.50 27.52 12.63
C ARG C 243 20.52 27.43 11.47
N LEU C 244 19.74 26.35 11.44
CA LEU C 244 18.74 26.14 10.41
C LEU C 244 17.37 25.97 11.06
N GLU C 245 16.33 26.26 10.29
CA GLU C 245 14.96 26.14 10.77
C GLU C 245 14.06 25.73 9.62
N THR C 246 13.24 24.71 9.84
CA THR C 246 12.32 24.28 8.81
C THR C 246 11.27 25.34 8.53
N ARG C 247 10.75 25.33 7.30
CA ARG C 247 9.73 26.28 6.89
C ARG C 247 8.39 25.58 6.78
N PRO C 248 7.39 25.94 7.58
CA PRO C 248 6.11 25.25 7.49
C PRO C 248 5.42 25.55 6.16
N PRO C 249 4.63 24.62 5.64
CA PRO C 249 3.95 24.88 4.36
C PRO C 249 3.04 26.08 4.45
N ASN C 250 2.96 26.82 3.33
CA ASN C 250 2.10 27.98 3.27
C ASN C 250 0.63 27.55 3.20
N LEU C 251 -0.25 28.54 3.09
CA LEU C 251 -1.69 28.26 3.08
C LEU C 251 -2.09 27.36 1.93
N GLU C 252 -1.29 27.31 0.86
CA GLU C 252 -1.59 26.48 -0.30
C GLU C 252 -1.11 25.05 -0.15
N GLY C 253 -0.47 24.72 0.97
CA GLY C 253 0.08 23.39 1.13
C GLY C 253 1.25 23.10 0.22
N SER C 254 2.12 24.09 0.00
CA SER C 254 3.29 23.90 -0.84
C SER C 254 4.40 24.82 -0.35
N GLY C 255 5.64 24.47 -0.72
CA GLY C 255 6.79 25.24 -0.31
C GLY C 255 7.39 24.85 1.02
N ALA C 256 7.08 23.65 1.51
CA ALA C 256 7.58 23.22 2.81
C ALA C 256 8.98 22.64 2.69
N VAL C 257 9.77 22.85 3.74
CA VAL C 257 11.10 22.27 3.86
C VAL C 257 11.09 21.45 5.15
N THR C 258 10.80 20.16 5.01
CA THR C 258 10.69 19.30 6.18
C THR C 258 12.05 19.12 6.84
N MET C 259 12.02 18.74 8.12
CA MET C 259 13.26 18.45 8.82
C MET C 259 14.07 17.40 8.10
N ARG C 260 13.41 16.48 7.40
CA ARG C 260 14.12 15.47 6.63
C ARG C 260 14.99 16.11 5.56
N ASP C 261 14.45 17.10 4.85
CA ASP C 261 15.24 17.78 3.82
C ASP C 261 16.42 18.52 4.43
N LEU C 262 16.21 19.20 5.56
CA LEU C 262 17.30 19.90 6.20
C LEU C 262 18.41 18.94 6.61
N VAL C 263 18.04 17.80 7.22
CA VAL C 263 19.07 16.85 7.62
C VAL C 263 19.79 16.28 6.41
N LYS C 264 19.05 15.94 5.35
CA LYS C 264 19.69 15.39 4.17
C LYS C 264 20.67 16.39 3.57
N ASN C 265 20.32 17.67 3.57
CA ASN C 265 21.25 18.67 3.05
C ASN C 265 22.42 18.91 3.99
N CYS C 266 22.21 18.73 5.30
CA CYS C 266 23.29 18.93 6.25
C CYS C 266 24.43 17.97 6.02
N LEU C 267 24.18 16.83 5.37
CA LEU C 267 25.26 15.92 5.03
C LEU C 267 26.16 16.49 3.95
N ARG C 268 25.70 17.48 3.20
CA ARG C 268 26.50 18.11 2.17
C ARG C 268 27.34 19.27 2.69
N MET C 269 26.96 19.87 3.80
CA MET C 269 27.65 21.04 4.33
C MET C 269 28.92 20.70 5.09
N ARG C 270 29.37 19.45 5.03
CA ARG C 270 30.54 18.95 5.75
C ARG C 270 30.56 19.44 7.21
N PRO C 271 29.51 19.18 7.97
CA PRO C 271 29.54 19.54 9.39
C PRO C 271 30.19 18.44 10.21
N GLU C 272 30.75 18.84 11.34
CA GLU C 272 31.32 17.88 12.27
C GLU C 272 30.31 17.39 13.30
N ARG C 273 29.21 18.13 13.50
CA ARG C 273 28.13 17.71 14.37
C ARG C 273 26.81 18.15 13.76
N ILE C 274 25.84 17.25 13.74
CA ILE C 274 24.47 17.59 13.38
C ILE C 274 23.63 17.44 14.65
N ILE C 275 22.89 18.48 14.99
CA ILE C 275 22.14 18.55 16.24
C ILE C 275 20.68 18.77 15.85
N VAL C 276 19.94 17.69 15.71
CA VAL C 276 18.53 17.77 15.33
C VAL C 276 17.73 18.24 16.54
N GLY C 277 16.96 19.31 16.36
CA GLY C 277 16.22 19.86 17.48
C GLY C 277 15.26 18.86 18.09
N GLU C 278 14.55 18.11 17.26
CA GLU C 278 13.71 17.02 17.74
C GLU C 278 13.30 16.10 16.60
N VAL C 279 13.49 14.80 16.78
CA VAL C 279 13.15 13.81 15.77
C VAL C 279 11.68 13.46 15.92
N ARG C 280 10.91 13.65 14.85
CA ARG C 280 9.48 13.35 14.87
C ARG C 280 9.04 12.40 13.79
N GLY C 281 9.67 12.42 12.61
CA GLY C 281 9.22 11.62 11.50
C GLY C 281 10.35 10.88 10.81
N PRO C 282 10.32 10.82 9.48
CA PRO C 282 11.31 10.00 8.77
C PRO C 282 12.75 10.47 8.94
N GLU C 283 12.97 11.74 9.31
CA GLU C 283 14.33 12.25 9.39
C GLU C 283 15.18 11.41 10.33
N ALA C 284 14.56 10.72 11.29
CA ALA C 284 15.30 9.78 12.12
C ALA C 284 16.31 9.01 11.29
N PHE C 285 15.83 8.37 10.22
CA PHE C 285 16.72 7.60 9.36
C PHE C 285 17.95 8.41 9.00
N ASP C 286 17.74 9.56 8.35
CA ASP C 286 18.87 10.37 7.93
C ASP C 286 19.78 10.68 9.10
N LEU C 287 19.21 11.05 10.24
CA LEU C 287 20.04 11.38 11.40
C LEU C 287 20.99 10.24 11.71
N LEU C 288 20.47 9.01 11.71
CA LEU C 288 21.34 7.87 12.01
C LEU C 288 22.47 7.80 11.00
N GLN C 289 22.17 7.99 9.72
CA GLN C 289 23.22 8.04 8.72
C GLN C 289 24.31 9.03 9.13
N ALA C 290 23.89 10.24 9.53
CA ALA C 290 24.86 11.22 9.99
C ALA C 290 25.66 10.68 11.17
N MET C 291 24.98 10.08 12.14
CA MET C 291 25.69 9.54 13.29
C MET C 291 26.66 8.45 12.87
N ASN C 292 26.38 7.79 11.75
CA ASN C 292 27.15 6.61 11.36
C ASN C 292 28.28 6.95 10.39
N THR C 293 28.04 7.83 9.43
CA THR C 293 29.00 8.10 8.38
C THR C 293 29.78 9.39 8.69
N GLY C 294 30.54 9.34 9.77
CA GLY C 294 31.60 10.29 10.01
C GLY C 294 31.24 11.51 10.84
N HIS C 295 29.97 11.82 11.01
CA HIS C 295 29.57 12.98 11.79
C HIS C 295 29.35 12.63 13.25
N ASP C 296 30.34 11.98 13.86
CA ASP C 296 30.21 11.56 15.25
C ASP C 296 30.01 12.76 16.15
N GLY C 297 29.21 12.57 17.19
CA GLY C 297 28.83 13.63 18.09
C GLY C 297 27.47 14.21 17.82
N SER C 298 26.75 13.71 16.82
CA SER C 298 25.42 14.23 16.52
C SER C 298 24.45 13.89 17.64
N MET C 299 23.65 14.87 18.03
CA MET C 299 22.66 14.72 19.08
C MET C 299 21.28 14.97 18.51
N GLY C 300 20.26 14.49 19.22
CA GLY C 300 18.90 14.74 18.81
C GLY C 300 17.89 14.19 19.79
N THR C 301 16.91 15.00 20.16
CA THR C 301 15.92 14.63 21.16
C THR C 301 14.69 14.05 20.50
N LEU C 302 13.97 13.22 21.25
CA LEU C 302 12.69 12.69 20.81
C LEU C 302 11.81 12.45 22.02
N HIS C 303 10.53 12.21 21.76
CA HIS C 303 9.55 12.03 22.82
C HIS C 303 9.41 10.54 23.14
N ALA C 304 9.71 10.17 24.38
CA ALA C 304 9.63 8.79 24.83
C ALA C 304 9.87 8.77 26.32
N ASN C 305 9.35 7.73 26.98
CA ASN C 305 9.37 7.65 28.43
C ASN C 305 10.38 6.64 28.97
N SER C 306 11.22 6.06 28.12
CA SER C 306 12.26 5.16 28.58
C SER C 306 13.12 4.77 27.37
N PRO C 307 14.37 4.36 27.60
CA PRO C 307 15.23 4.00 26.47
C PRO C 307 14.62 2.96 25.54
N ARG C 308 13.93 1.96 26.09
CA ARG C 308 13.30 0.96 25.24
C ARG C 308 12.22 1.60 24.37
N GLU C 309 11.40 2.47 24.97
CA GLU C 309 10.38 3.17 24.18
C GLU C 309 11.03 4.07 23.14
N ALA C 310 12.11 4.75 23.50
CA ALA C 310 12.79 5.62 22.55
C ALA C 310 13.30 4.83 21.35
N ILE C 311 13.91 3.67 21.60
CA ILE C 311 14.40 2.83 20.50
C ILE C 311 13.23 2.34 19.65
N SER C 312 12.15 1.93 20.30
CA SER C 312 10.99 1.46 19.54
C SER C 312 10.44 2.56 18.64
N ARG C 313 10.40 3.80 19.15
CA ARG C 313 9.86 4.89 18.34
C ARG C 313 10.84 5.29 17.25
N ILE C 314 12.14 5.13 17.45
CA ILE C 314 13.09 5.33 16.37
C ILE C 314 12.83 4.35 15.25
N GLU C 315 12.63 3.07 15.60
CA GLU C 315 12.28 2.07 14.60
C GLU C 315 10.98 2.44 13.89
N SER C 316 10.00 2.90 14.66
CA SER C 316 8.71 3.26 14.08
C SER C 316 8.85 4.40 13.08
N MET C 317 9.64 5.41 13.42
CA MET C 317 9.85 6.52 12.49
C MET C 317 10.56 6.06 11.23
N ILE C 318 11.61 5.24 11.38
CA ILE C 318 12.32 4.75 10.20
C ILE C 318 11.37 3.95 9.31
N THR C 319 10.51 3.13 9.92
CA THR C 319 9.53 2.39 9.14
C THR C 319 8.57 3.34 8.43
N MET C 320 8.11 4.37 9.14
CA MET C 320 7.26 5.38 8.52
C MET C 320 7.94 6.01 7.30
N GLY C 321 9.28 6.09 7.32
CA GLY C 321 9.98 6.62 6.17
C GLY C 321 9.70 5.91 4.87
N GLY C 322 9.37 4.62 4.93
CA GLY C 322 9.02 3.88 3.73
C GLY C 322 10.20 3.43 2.91
N TYR C 323 11.34 3.18 3.54
CA TYR C 323 12.53 2.72 2.83
C TYR C 323 12.54 1.21 2.61
N GLY C 324 11.56 0.49 3.13
CA GLY C 324 11.53 -0.95 2.94
C GLY C 324 12.70 -1.69 3.56
N LEU C 325 13.07 -1.34 4.79
CA LEU C 325 14.13 -2.02 5.49
C LEU C 325 13.56 -3.04 6.47
N PRO C 326 14.23 -4.17 6.70
CA PRO C 326 13.75 -5.12 7.69
C PRO C 326 14.05 -4.66 9.11
N SER C 327 13.34 -5.25 10.06
CA SER C 327 13.46 -4.83 11.44
C SER C 327 14.89 -4.98 11.94
N LYS C 328 15.53 -6.11 11.67
CA LYS C 328 16.88 -6.32 12.17
C LYS C 328 17.87 -5.36 11.52
N THR C 329 17.64 -4.97 10.27
CA THR C 329 18.49 -3.95 9.66
C THR C 329 18.41 -2.66 10.44
N ILE C 330 17.20 -2.24 10.79
CA ILE C 330 17.04 -1.00 11.54
C ILE C 330 17.68 -1.12 12.91
N LYS C 331 17.55 -2.28 13.55
CA LYS C 331 18.15 -2.45 14.87
C LYS C 331 19.67 -2.43 14.79
N GLU C 332 20.25 -3.05 13.77
CA GLU C 332 21.68 -2.97 13.57
C GLU C 332 22.12 -1.53 13.36
N MET C 333 21.37 -0.79 12.55
CA MET C 333 21.68 0.61 12.33
C MET C 333 21.65 1.40 13.62
N ILE C 334 20.62 1.18 14.44
CA ILE C 334 20.50 1.91 15.70
C ILE C 334 21.66 1.57 16.63
N VAL C 335 22.00 0.28 16.72
CA VAL C 335 23.09 -0.12 17.61
C VAL C 335 24.41 0.45 17.12
N GLY C 336 24.62 0.52 15.81
CA GLY C 336 25.87 1.06 15.30
C GLY C 336 25.98 2.56 15.43
N SER C 337 24.85 3.27 15.32
CA SER C 337 24.87 4.72 15.31
C SER C 337 24.83 5.32 16.71
N VAL C 338 23.86 4.89 17.52
CA VAL C 338 23.62 5.52 18.82
C VAL C 338 24.58 4.94 19.85
N ASP C 339 25.03 5.79 20.77
CA ASP C 339 25.93 5.39 21.85
C ASP C 339 25.28 5.51 23.22
N VAL C 340 24.70 6.66 23.53
CA VAL C 340 24.15 6.93 24.85
C VAL C 340 22.72 7.43 24.67
N ILE C 341 21.83 7.02 25.57
CA ILE C 341 20.43 7.45 25.54
C ILE C 341 20.13 8.05 26.91
N ILE C 342 20.32 9.35 27.05
CA ILE C 342 20.01 10.04 28.29
C ILE C 342 18.50 10.20 28.37
N GLN C 343 17.92 9.84 29.51
CA GLN C 343 16.47 9.80 29.67
C GLN C 343 16.04 10.85 30.67
N ALA C 344 15.56 11.98 30.17
CA ALA C 344 14.86 12.92 31.03
C ALA C 344 13.48 12.37 31.37
N ALA C 345 12.93 12.84 32.49
CA ALA C 345 11.60 12.41 32.87
C ALA C 345 11.14 13.23 34.06
N ARG C 346 9.84 13.47 34.12
CA ARG C 346 9.23 14.23 35.20
C ARG C 346 8.68 13.27 36.23
N LEU C 347 8.82 13.61 37.51
CA LEU C 347 8.44 12.74 38.60
C LEU C 347 7.03 13.05 39.09
N ARG C 348 6.52 12.17 39.95
CA ARG C 348 5.13 12.25 40.36
C ARG C 348 4.81 13.52 41.12
N ASP C 349 5.81 14.25 41.60
CA ASP C 349 5.59 15.52 42.26
C ASP C 349 5.79 16.70 41.33
N GLY C 350 6.01 16.45 40.04
CA GLY C 350 6.20 17.51 39.08
C GLY C 350 7.63 17.98 38.91
N SER C 351 8.57 17.44 39.67
CA SER C 351 9.97 17.83 39.58
C SER C 351 10.70 16.95 38.57
N ARG C 352 11.60 17.56 37.80
CA ARG C 352 12.31 16.87 36.74
C ARG C 352 13.52 16.12 37.28
N ARG C 353 13.93 15.09 36.54
CA ARG C 353 15.10 14.31 36.87
C ARG C 353 15.67 13.73 35.60
N ILE C 354 16.92 13.31 35.67
CA ILE C 354 17.57 12.55 34.59
C ILE C 354 17.63 11.12 35.10
N THR C 355 16.64 10.32 34.74
CA THR C 355 16.46 9.02 35.37
C THR C 355 17.46 7.98 34.88
N HIS C 356 17.87 8.04 33.61
CA HIS C 356 18.78 7.03 33.07
C HIS C 356 19.87 7.70 32.25
N ILE C 357 21.06 7.13 32.31
CA ILE C 357 22.11 7.36 31.33
C ILE C 357 22.47 5.99 30.79
N THR C 358 21.78 5.57 29.74
CA THR C 358 21.88 4.21 29.24
C THR C 358 23.07 4.11 28.29
N GLU C 359 23.19 2.97 27.60
CA GLU C 359 24.27 2.76 26.65
C GLU C 359 23.92 1.55 25.81
N VAL C 360 23.83 1.73 24.49
CA VAL C 360 23.47 0.63 23.60
C VAL C 360 24.72 -0.24 23.44
N VAL C 361 24.80 -1.33 24.21
CA VAL C 361 25.99 -2.17 24.18
C VAL C 361 26.09 -2.91 22.86
N GLY C 362 24.97 -3.48 22.41
CA GLY C 362 25.00 -4.26 21.19
C GLY C 362 23.64 -4.85 20.91
N LEU C 363 23.58 -5.64 19.84
CA LEU C 363 22.36 -6.32 19.42
C LEU C 363 22.55 -7.82 19.62
N GLU C 364 21.65 -8.43 20.37
CA GLU C 364 21.61 -9.87 20.57
C GLU C 364 20.27 -10.40 20.11
N GLY C 365 20.30 -11.39 19.24
CA GLY C 365 19.06 -11.90 18.67
C GLY C 365 18.37 -10.79 17.90
N ASP C 366 17.12 -10.50 18.29
CA ASP C 366 16.34 -9.43 17.68
C ASP C 366 15.99 -8.34 18.70
N VAL C 367 16.68 -8.30 19.83
CA VAL C 367 16.43 -7.33 20.88
C VAL C 367 17.73 -6.60 21.18
N ILE C 368 17.66 -5.27 21.26
CA ILE C 368 18.83 -4.46 21.54
C ILE C 368 19.12 -4.49 23.03
N VAL C 369 20.38 -4.51 23.39
CA VAL C 369 20.82 -4.66 24.78
C VAL C 369 21.47 -3.36 25.24
N THR C 370 21.11 -2.92 26.43
CA THR C 370 21.62 -1.68 26.98
C THR C 370 22.03 -1.89 28.43
N GLN C 371 22.96 -1.06 28.91
CA GLN C 371 23.42 -1.11 30.27
C GLN C 371 23.45 0.31 30.82
N ASP C 372 22.82 0.53 31.97
CA ASP C 372 22.71 1.87 32.53
C ASP C 372 23.99 2.24 33.28
N LEU C 373 24.55 3.39 32.93
CA LEU C 373 25.66 3.93 33.71
C LEU C 373 25.17 4.56 35.01
N PHE C 374 23.98 5.16 34.98
CA PHE C 374 23.35 5.72 36.16
C PHE C 374 21.88 5.36 36.14
N VAL C 375 21.27 5.33 37.32
CA VAL C 375 19.84 5.12 37.43
C VAL C 375 19.33 5.87 38.66
N TYR C 376 18.10 6.36 38.56
CA TYR C 376 17.45 7.07 39.65
C TYR C 376 16.69 6.05 40.51
N GLU C 377 17.04 5.98 41.78
CA GLU C 377 16.38 5.11 42.74
C GLU C 377 15.49 5.98 43.62
N ILE C 378 14.19 5.72 43.59
CA ILE C 378 13.22 6.44 44.39
C ILE C 378 13.03 5.69 45.70
N THR C 379 13.24 6.37 46.82
CA THR C 379 13.14 5.73 48.13
C THR C 379 11.82 6.01 48.83
N GLY C 380 11.16 7.13 48.51
CA GLY C 380 9.92 7.48 49.16
C GLY C 380 9.54 8.92 48.91
N GLU C 381 8.95 9.59 49.91
CA GLU C 381 8.61 11.00 49.79
C GLU C 381 8.79 11.66 51.14
N ASP C 382 9.35 12.86 51.14
CA ASP C 382 9.64 13.58 52.37
C ASP C 382 8.34 14.17 52.94
N GLU C 383 8.49 14.91 54.03
CA GLU C 383 7.33 15.48 54.73
C GLU C 383 6.63 16.55 53.92
N HIS C 384 7.29 17.13 52.91
CA HIS C 384 6.70 18.16 52.08
C HIS C 384 6.02 17.59 50.84
N GLY C 385 5.99 16.27 50.69
CA GLY C 385 5.33 15.64 49.57
C GLY C 385 6.17 15.49 48.32
N LYS C 386 7.44 15.87 48.35
CA LYS C 386 8.31 15.77 47.19
C LYS C 386 8.98 14.40 47.13
N VAL C 387 9.13 13.88 45.93
CA VAL C 387 9.74 12.57 45.75
C VAL C 387 11.20 12.64 46.15
N VAL C 388 11.67 11.61 46.85
CA VAL C 388 13.04 11.53 47.35
C VAL C 388 13.72 10.35 46.70
N GLY C 389 14.95 10.56 46.24
CA GLY C 389 15.70 9.49 45.61
C GLY C 389 17.15 9.88 45.47
N LYS C 390 17.90 9.00 44.80
CA LYS C 390 19.32 9.24 44.60
C LYS C 390 19.76 8.60 43.29
N HIS C 391 20.75 9.22 42.65
CA HIS C 391 21.34 8.68 41.44
C HIS C 391 22.45 7.70 41.82
N ARG C 392 22.28 6.44 41.46
CA ARG C 392 23.25 5.41 41.76
C ARG C 392 23.87 4.91 40.46
N SER C 393 25.20 4.80 40.45
CA SER C 393 25.91 4.20 39.33
C SER C 393 25.85 2.69 39.45
N THR C 394 25.65 2.02 38.31
CA THR C 394 25.60 0.56 38.32
C THR C 394 26.98 -0.06 38.48
N GLY C 395 28.03 0.73 38.69
CA GLY C 395 29.35 0.22 38.92
C GLY C 395 30.17 -0.06 37.67
N ILE C 396 29.58 0.09 36.49
CA ILE C 396 30.31 -0.19 35.26
C ILE C 396 31.41 0.84 35.09
N ALA C 397 32.66 0.37 35.04
CA ALA C 397 33.82 1.24 34.93
C ALA C 397 34.46 1.18 33.55
N ARG C 398 33.84 0.50 32.59
CA ARG C 398 34.36 0.40 31.22
C ARG C 398 33.20 0.56 30.24
N PRO C 399 32.70 1.79 30.08
CA PRO C 399 31.62 2.01 29.12
C PRO C 399 32.07 1.70 27.69
N ARG C 400 31.10 1.35 26.85
CA ARG C 400 31.43 1.00 25.48
C ARG C 400 32.08 2.14 24.73
N PHE C 401 31.93 3.38 25.20
CA PHE C 401 32.59 4.52 24.60
C PHE C 401 33.92 4.85 25.26
N TRP C 402 34.52 3.90 25.96
CA TRP C 402 35.78 4.17 26.64
C TRP C 402 36.86 4.58 25.65
N ASP C 403 36.93 3.92 24.50
CA ASP C 403 37.95 4.24 23.51
C ASP C 403 37.83 5.67 23.04
N ARG C 404 36.60 6.13 22.78
CA ARG C 404 36.41 7.51 22.39
C ARG C 404 36.92 8.47 23.46
N ALA C 405 36.61 8.18 24.73
CA ALA C 405 37.04 9.04 25.82
C ALA C 405 38.56 9.09 25.89
N ARG C 406 39.23 7.94 25.75
CA ARG C 406 40.68 7.92 25.81
C ARG C 406 41.28 8.70 24.66
N TYR C 407 40.73 8.55 23.45
CA TYR C 407 41.31 9.20 22.29
C TYR C 407 41.42 10.71 22.48
N TYR C 408 40.53 11.29 23.29
CA TYR C 408 40.55 12.72 23.56
C TYR C 408 41.21 13.04 24.90
N GLY C 409 41.78 12.06 25.57
CA GLY C 409 42.46 12.31 26.82
C GLY C 409 41.56 12.56 28.01
N LEU C 410 40.33 12.07 27.97
CA LEU C 410 39.37 12.26 29.04
C LEU C 410 39.10 10.99 29.84
N GLU C 411 39.67 9.86 29.44
CA GLU C 411 39.39 8.60 30.13
C GLU C 411 39.74 8.68 31.61
N ARG C 412 40.75 9.48 31.96
CA ARG C 412 41.11 9.61 33.37
C ARG C 412 39.96 10.21 34.16
N GLU C 413 39.40 11.31 33.69
CA GLU C 413 38.28 11.94 34.40
C GLU C 413 37.06 11.02 34.42
N LEU C 414 36.82 10.31 33.33
CA LEU C 414 35.70 9.37 33.30
C LEU C 414 35.86 8.31 34.38
N ALA C 415 37.04 7.70 34.46
CA ALA C 415 37.27 6.68 35.47
C ALA C 415 37.16 7.26 36.87
N GLU C 416 37.70 8.46 37.08
CA GLU C 416 37.62 9.10 38.38
C GLU C 416 36.16 9.31 38.79
N ALA C 417 35.34 9.85 37.89
CA ALA C 417 33.95 10.11 38.21
C ALA C 417 33.21 8.81 38.49
N LEU C 418 33.42 7.79 37.65
CA LEU C 418 32.71 6.53 37.84
C LEU C 418 33.10 5.87 39.15
N ASP C 419 34.38 5.94 39.52
CA ASP C 419 34.84 5.31 40.76
C ASP C 419 34.44 6.13 41.99
N ALA C 420 34.34 7.45 41.86
CA ALA C 420 33.84 8.26 42.96
C ALA C 420 32.35 8.02 43.20
N ALA C 421 31.58 7.85 42.12
CA ALA C 421 30.19 7.47 42.28
C ALA C 421 30.06 6.05 42.82
N GLU C 422 30.94 5.15 42.39
CA GLU C 422 30.91 3.78 42.89
C GLU C 422 31.27 3.70 44.36
N ALA C 423 32.00 4.68 44.89
CA ALA C 423 32.34 4.68 46.31
C ALA C 423 31.12 4.79 47.19
N LEU C 424 29.99 5.23 46.64
CA LEU C 424 28.76 5.35 47.41
C LEU C 424 27.91 4.09 47.27
N ASP D 1 -62.93 13.13 16.96
CA ASP D 1 -62.32 12.65 15.72
C ASP D 1 -62.24 13.77 14.70
N TYR D 2 -63.21 14.69 14.76
CA TYR D 2 -63.22 15.81 13.82
C TYR D 2 -62.03 16.75 14.04
N TYR D 3 -61.36 16.66 15.18
CA TYR D 3 -60.21 17.54 15.44
C TYR D 3 -59.12 17.31 14.41
N HIS D 4 -58.79 16.04 14.13
CA HIS D 4 -57.75 15.75 13.15
C HIS D 4 -58.14 16.22 11.75
N ALA D 5 -59.39 15.98 11.36
CA ALA D 5 -59.83 16.41 10.04
C ALA D 5 -59.79 17.93 9.91
N THR D 6 -60.26 18.64 10.93
CA THR D 6 -60.22 20.10 10.90
C THR D 6 -58.78 20.61 10.86
N LYS D 7 -57.89 19.98 11.62
CA LYS D 7 -56.49 20.39 11.60
C LYS D 7 -55.89 20.19 10.21
N THR D 8 -56.17 19.04 9.58
CA THR D 8 -55.64 18.79 8.24
C THR D 8 -56.19 19.79 7.24
N THR D 9 -57.50 20.07 7.30
CA THR D 9 -58.10 21.02 6.38
C THR D 9 -57.51 22.41 6.57
N ILE D 10 -57.34 22.84 7.82
CA ILE D 10 -56.80 24.16 8.11
C ILE D 10 -55.34 24.23 7.67
N PHE D 11 -54.59 23.13 7.83
CA PHE D 11 -53.21 23.12 7.36
C PHE D 11 -53.14 23.25 5.85
N ASN D 12 -54.01 22.53 5.13
CA ASN D 12 -54.04 22.67 3.68
C ASN D 12 -54.42 24.09 3.27
N ALA D 13 -55.42 24.67 3.95
CA ALA D 13 -55.84 26.04 3.63
C ALA D 13 -54.70 27.02 3.91
N LEU D 14 -53.98 26.84 5.02
CA LEU D 14 -52.86 27.71 5.32
C LEU D 14 -51.76 27.60 4.28
N LEU D 15 -51.42 26.37 3.88
CA LEU D 15 -50.43 26.19 2.84
C LEU D 15 -50.88 26.87 1.55
N ASN D 16 -52.17 26.81 1.24
CA ASN D 16 -52.69 27.51 0.08
C ASN D 16 -52.52 29.02 0.22
N THR D 17 -52.82 29.56 1.41
CA THR D 17 -52.73 30.99 1.65
C THR D 17 -51.30 31.41 1.99
N ILE D 18 -50.74 30.86 3.06
CA ILE D 18 -49.38 31.14 3.49
C ILE D 18 -48.55 29.89 3.24
N ASP D 19 -47.71 29.94 2.20
CA ASP D 19 -46.94 28.77 1.79
C ASP D 19 -45.66 28.67 2.61
N LEU D 20 -45.45 27.50 3.23
CA LEU D 20 -44.20 27.26 3.94
C LEU D 20 -42.99 27.31 3.00
N SER D 21 -43.21 27.10 1.70
CA SER D 21 -42.14 27.24 0.72
C SER D 21 -41.77 28.68 0.47
N GLN D 22 -42.50 29.63 1.05
CA GLN D 22 -42.23 31.05 0.89
C GLN D 22 -41.15 31.56 1.85
N LEU D 23 -40.27 30.67 2.33
CA LEU D 23 -39.21 31.08 3.25
C LEU D 23 -38.53 32.35 2.77
N ALA D 24 -38.17 33.20 3.74
CA ALA D 24 -37.66 34.55 3.56
C ALA D 24 -38.78 35.52 3.20
N GLN D 25 -40.00 35.04 2.96
CA GLN D 25 -41.18 35.88 2.80
C GLN D 25 -42.22 35.39 3.79
N LEU D 26 -42.69 36.26 4.67
CA LEU D 26 -43.51 35.85 5.80
C LEU D 26 -42.73 34.86 6.68
N ASP D 27 -41.66 35.37 7.27
CA ASP D 27 -40.74 34.56 8.07
C ASP D 27 -41.31 34.29 9.46
N LEU D 28 -40.47 33.78 10.36
CA LEU D 28 -40.92 33.25 11.64
C LEU D 28 -42.03 34.08 12.29
N LYS D 29 -41.75 35.36 12.59
CA LYS D 29 -42.75 36.18 13.26
C LYS D 29 -43.91 36.50 12.33
N GLN D 30 -43.60 36.90 11.10
CA GLN D 30 -44.64 37.14 10.11
C GLN D 30 -45.44 35.87 9.85
N ALA D 31 -44.75 34.72 9.84
CA ALA D 31 -45.44 33.45 9.65
C ALA D 31 -46.40 33.18 10.80
N GLY D 32 -45.99 33.43 12.03
CA GLY D 32 -46.88 33.23 13.16
C GLY D 32 -48.09 34.14 13.10
N GLU D 33 -47.89 35.42 12.79
CA GLU D 33 -49.00 36.34 12.70
C GLU D 33 -49.97 35.94 11.59
N GLU D 34 -49.42 35.60 10.41
CA GLU D 34 -50.27 35.16 9.31
C GLU D 34 -50.99 33.87 9.63
N ILE D 35 -50.35 32.97 10.36
CA ILE D 35 -51.01 31.72 10.74
C ILE D 35 -52.17 32.00 11.68
N ARG D 36 -51.97 32.89 12.65
CA ARG D 36 -53.06 33.25 13.55
C ARG D 36 -54.22 33.86 12.78
N ASP D 37 -53.93 34.79 11.88
CA ASP D 37 -54.99 35.42 11.08
C ASP D 37 -55.70 34.41 10.20
N ILE D 38 -54.95 33.50 9.57
CA ILE D 38 -55.54 32.52 8.68
C ILE D 38 -56.41 31.54 9.45
N VAL D 39 -55.96 31.13 10.63
CA VAL D 39 -56.77 30.23 11.46
C VAL D 39 -58.06 30.93 11.87
N ALA D 40 -57.97 32.20 12.28
CA ALA D 40 -59.17 32.93 12.65
C ALA D 40 -60.14 33.02 11.47
N GLU D 41 -59.61 33.30 10.27
CA GLU D 41 -60.48 33.41 9.10
C GLU D 41 -61.12 32.08 8.74
N LEU D 42 -60.32 31.01 8.74
CA LEU D 42 -60.82 29.69 8.35
C LEU D 42 -61.72 29.09 9.42
N VAL D 43 -61.68 29.60 10.65
CA VAL D 43 -62.64 29.15 11.65
C VAL D 43 -64.06 29.37 11.15
N ALA D 44 -64.31 30.50 10.50
CA ALA D 44 -65.61 30.78 9.90
C ALA D 44 -65.71 30.25 8.48
N ILE D 45 -64.65 30.46 7.67
CA ILE D 45 -64.67 29.94 6.31
C ILE D 45 -64.74 28.42 6.31
N LYS D 46 -63.93 27.79 7.15
CA LYS D 46 -63.95 26.33 7.34
C LYS D 46 -64.66 26.08 8.67
N ASN D 47 -65.97 25.89 8.62
CA ASN D 47 -66.77 25.67 9.81
C ASN D 47 -66.22 24.49 10.61
N VAL D 48 -65.75 24.78 11.83
CA VAL D 48 -65.19 23.77 12.72
C VAL D 48 -65.85 23.92 14.07
N SER D 49 -66.24 22.79 14.67
CA SER D 49 -66.82 22.83 16.00
C SER D 49 -65.84 23.37 17.04
N MET D 50 -64.55 23.41 16.72
CA MET D 50 -63.55 23.94 17.64
C MET D 50 -63.92 25.36 18.05
N SER D 51 -64.08 25.57 19.35
CA SER D 51 -64.42 26.87 19.89
C SER D 51 -63.15 27.73 19.97
N VAL D 52 -63.24 28.86 20.69
CA VAL D 52 -62.10 29.76 20.79
C VAL D 52 -60.88 29.03 21.34
N ALA D 53 -61.09 28.20 22.37
CA ALA D 53 -59.97 27.46 22.95
C ALA D 53 -59.35 26.51 21.93
N GLU D 54 -60.20 25.71 21.27
CA GLU D 54 -59.68 24.79 20.25
C GLU D 54 -59.12 25.55 19.06
N GLN D 55 -59.71 26.69 18.71
CA GLN D 55 -59.16 27.49 17.62
C GLN D 55 -57.74 27.97 17.95
N GLU D 56 -57.52 28.42 19.19
CA GLU D 56 -56.19 28.84 19.61
C GLU D 56 -55.24 27.65 19.65
N HIS D 57 -55.72 26.49 20.11
CA HIS D 57 -54.90 25.29 20.09
C HIS D 57 -54.42 24.97 18.68
N LEU D 58 -55.35 25.03 17.71
CA LEU D 58 -54.97 24.75 16.33
C LEU D 58 -54.03 25.81 15.79
N VAL D 59 -54.24 27.08 16.18
CA VAL D 59 -53.32 28.14 15.77
C VAL D 59 -51.92 27.81 16.21
N GLN D 60 -51.77 27.45 17.49
CA GLN D 60 -50.44 27.14 18.03
C GLN D 60 -49.85 25.90 17.36
N ASP D 61 -50.69 24.88 17.11
CA ASP D 61 -50.19 23.67 16.47
C ASP D 61 -49.68 23.96 15.07
N ILE D 62 -50.39 24.82 14.33
CA ILE D 62 -49.92 25.22 13.01
C ILE D 62 -48.59 25.96 13.14
N ILE D 63 -48.52 26.90 14.09
CA ILE D 63 -47.28 27.65 14.29
C ILE D 63 -46.13 26.71 14.57
N ASN D 64 -46.38 25.61 15.28
CA ASN D 64 -45.32 24.66 15.60
C ASN D 64 -44.95 23.83 14.38
N ASP D 65 -45.90 23.08 13.84
CA ASP D 65 -45.58 22.17 12.74
C ASP D 65 -45.00 22.89 11.55
N VAL D 66 -45.43 24.13 11.30
CA VAL D 66 -44.82 24.93 10.24
C VAL D 66 -43.36 25.21 10.58
N LEU D 67 -43.06 25.38 11.87
CA LEU D 67 -41.74 25.82 12.31
C LEU D 67 -41.04 24.80 13.20
N GLY D 68 -41.70 24.30 14.24
CA GLY D 68 -41.06 23.48 15.24
C GLY D 68 -40.92 22.02 14.83
N TYR D 69 -40.71 21.18 15.84
CA TYR D 69 -40.40 19.76 15.66
C TYR D 69 -41.65 18.89 15.83
N GLY D 70 -42.63 19.10 14.95
CA GLY D 70 -43.76 18.21 14.85
C GLY D 70 -44.34 17.80 16.19
N PRO D 71 -44.89 16.57 16.25
CA PRO D 71 -45.51 16.12 17.51
C PRO D 71 -44.53 15.76 18.61
N LEU D 72 -43.23 15.93 18.40
CA LEU D 72 -42.26 15.60 19.45
C LEU D 72 -42.19 16.67 20.54
N GLU D 73 -42.62 17.89 20.25
CA GLU D 73 -42.41 18.98 21.19
C GLU D 73 -42.91 18.67 22.59
N PRO D 74 -44.10 18.12 22.79
CA PRO D 74 -44.49 17.75 24.16
C PRO D 74 -43.50 16.81 24.82
N LEU D 75 -43.11 15.74 24.12
CA LEU D 75 -42.24 14.74 24.72
C LEU D 75 -40.90 15.34 25.12
N LEU D 76 -40.30 16.15 24.24
CA LEU D 76 -39.05 16.81 24.58
C LEU D 76 -39.24 17.83 25.70
N ALA D 77 -40.46 18.33 25.89
CA ALA D 77 -40.68 19.34 26.92
C ALA D 77 -40.63 18.73 28.32
N ARG D 78 -41.25 17.57 28.50
CA ARG D 78 -41.31 16.98 29.82
C ARG D 78 -39.92 16.68 30.37
N ASP D 79 -39.82 16.63 31.69
CA ASP D 79 -38.55 16.37 32.37
C ASP D 79 -38.43 14.94 32.86
N ASP D 80 -39.54 14.25 33.11
CA ASP D 80 -39.45 12.86 33.56
C ASP D 80 -39.06 11.93 32.41
N ILE D 81 -39.42 12.28 31.18
CA ILE D 81 -39.08 11.47 30.02
C ILE D 81 -37.57 11.44 29.83
N ALA D 82 -36.96 10.28 29.98
CA ALA D 82 -35.51 10.16 29.83
C ALA D 82 -35.10 9.91 28.39
N ASP D 83 -35.86 9.09 27.66
CA ASP D 83 -35.54 8.73 26.28
C ASP D 83 -36.79 8.85 25.43
N ILE D 84 -36.57 9.04 24.14
CA ILE D 84 -37.63 9.03 23.14
C ILE D 84 -37.18 8.13 22.01
N MET D 85 -37.93 7.07 21.75
CA MET D 85 -37.57 6.06 20.76
C MET D 85 -38.70 5.94 19.76
N VAL D 86 -38.47 6.40 18.54
CA VAL D 86 -39.46 6.39 17.47
C VAL D 86 -39.03 5.35 16.46
N ASN D 87 -39.85 4.31 16.29
CA ASN D 87 -39.61 3.24 15.33
C ASN D 87 -40.63 3.41 14.21
N GLY D 88 -40.25 4.15 13.18
CA GLY D 88 -41.20 4.49 12.15
C GLY D 88 -42.11 5.61 12.61
N ALA D 89 -43.18 5.83 11.85
CA ALA D 89 -44.08 6.93 12.09
C ALA D 89 -45.30 6.53 12.90
N HIS D 90 -45.29 5.37 13.55
CA HIS D 90 -46.48 4.88 14.23
C HIS D 90 -46.23 4.26 15.60
N ARG D 91 -45.00 4.17 16.07
CA ARG D 91 -44.67 3.43 17.29
C ARG D 91 -43.74 4.22 18.19
N VAL D 92 -44.11 5.47 18.49
CA VAL D 92 -43.29 6.31 19.36
C VAL D 92 -43.36 5.74 20.78
N PHE D 93 -42.24 5.24 21.29
CA PHE D 93 -42.11 4.83 22.68
C PHE D 93 -41.42 5.94 23.48
N ILE D 94 -41.47 5.81 24.81
CA ILE D 94 -40.74 6.72 25.68
C ILE D 94 -40.35 5.96 26.94
N GLU D 95 -39.22 6.36 27.53
CA GLU D 95 -38.77 5.79 28.80
C GLU D 95 -39.09 6.77 29.92
N VAL D 96 -39.87 6.30 30.90
CA VAL D 96 -40.24 7.09 32.07
C VAL D 96 -39.94 6.25 33.30
N GLY D 97 -39.19 6.82 34.23
CA GLY D 97 -38.90 6.12 35.48
C GLY D 97 -38.26 4.77 35.27
N GLY D 98 -37.47 4.63 34.21
CA GLY D 98 -36.79 3.37 33.93
C GLY D 98 -37.61 2.36 33.15
N LYS D 99 -38.87 2.65 32.84
CA LYS D 99 -39.74 1.74 32.13
C LYS D 99 -40.04 2.31 30.74
N VAL D 100 -39.83 1.50 29.72
CA VAL D 100 -40.15 1.90 28.35
C VAL D 100 -41.61 1.53 28.08
N GLN D 101 -42.34 2.48 27.52
CA GLN D 101 -43.78 2.30 27.31
C GLN D 101 -44.19 2.97 26.02
N LEU D 102 -45.12 2.34 25.32
CA LEU D 102 -45.68 2.93 24.12
C LEU D 102 -46.59 4.09 24.48
N THR D 103 -46.71 5.03 23.55
CA THR D 103 -47.58 6.20 23.75
C THR D 103 -48.38 6.45 22.49
N ASN D 104 -49.58 6.99 22.68
CA ASN D 104 -50.50 7.26 21.57
C ASN D 104 -50.06 8.54 20.84
N VAL D 105 -48.82 8.51 20.34
CA VAL D 105 -48.26 9.59 19.55
C VAL D 105 -47.89 9.03 18.19
N ARG D 106 -48.37 9.68 17.13
CA ARG D 106 -48.11 9.24 15.78
C ARG D 106 -47.78 10.43 14.91
N PHE D 107 -47.06 10.19 13.84
CA PHE D 107 -46.75 11.20 12.84
C PHE D 107 -47.66 10.99 11.62
N ARG D 108 -47.82 12.07 10.85
CA ARG D 108 -48.66 11.99 9.66
C ARG D 108 -48.27 10.81 8.78
N ASP D 109 -46.98 10.66 8.52
CA ASP D 109 -46.46 9.59 7.68
C ASP D 109 -44.95 9.55 7.86
N ASN D 110 -44.27 8.72 7.07
CA ASN D 110 -42.82 8.62 7.19
C ASN D 110 -42.11 9.84 6.64
N LEU D 111 -42.68 10.50 5.64
CA LEU D 111 -42.02 11.69 5.10
C LEU D 111 -41.96 12.80 6.14
N GLN D 112 -43.04 13.01 6.87
CA GLN D 112 -43.01 14.02 7.93
C GLN D 112 -41.97 13.68 8.97
N LEU D 113 -41.89 12.40 9.37
CA LEU D 113 -40.91 12.01 10.38
C LEU D 113 -39.50 12.22 9.87
N MET D 114 -39.24 11.90 8.60
CA MET D 114 -37.90 12.09 8.06
C MET D 114 -37.55 13.57 8.00
N ASN D 115 -38.51 14.42 7.63
CA ASN D 115 -38.25 15.86 7.63
C ASN D 115 -37.96 16.35 9.04
N ILE D 116 -38.71 15.86 10.03
CA ILE D 116 -38.46 16.25 11.41
C ILE D 116 -37.05 15.83 11.83
N CYS D 117 -36.64 14.61 11.48
CA CYS D 117 -35.31 14.15 11.83
C CYS D 117 -34.25 15.03 11.16
N GLN D 118 -34.45 15.39 9.90
CA GLN D 118 -33.50 16.25 9.21
C GLN D 118 -33.39 17.60 9.90
N ARG D 119 -34.53 18.16 10.33
CA ARG D 119 -34.49 19.41 11.05
C ARG D 119 -33.74 19.27 12.38
N ILE D 120 -33.98 18.17 13.09
CA ILE D 120 -33.34 17.98 14.40
C ILE D 120 -31.83 17.86 14.24
N VAL D 121 -31.37 17.01 13.31
CA VAL D 121 -29.94 16.80 13.15
C VAL D 121 -29.24 17.95 12.45
N SER D 122 -29.99 18.94 11.96
CA SER D 122 -29.39 20.10 11.32
C SER D 122 -28.95 21.15 12.32
N GLN D 123 -29.34 21.03 13.59
CA GLN D 123 -28.90 21.99 14.60
C GLN D 123 -27.39 21.99 14.73
N VAL D 124 -26.77 20.82 14.70
CA VAL D 124 -25.32 20.70 14.83
C VAL D 124 -24.66 20.62 13.45
N GLY D 125 -25.37 20.97 12.39
CA GLY D 125 -24.79 21.04 11.07
C GLY D 125 -24.69 19.73 10.32
N ARG D 126 -25.15 18.63 10.91
CA ARG D 126 -25.12 17.35 10.23
C ARG D 126 -26.43 17.12 9.48
N ARG D 127 -26.38 16.23 8.50
CA ARG D 127 -27.52 15.91 7.66
C ARG D 127 -27.67 14.41 7.53
N VAL D 128 -28.93 13.96 7.49
CA VAL D 128 -29.27 12.55 7.35
C VAL D 128 -30.25 12.41 6.20
N ASP D 129 -29.96 11.49 5.29
CA ASP D 129 -30.81 11.25 4.13
C ASP D 129 -30.35 9.95 3.49
N GLU D 130 -30.94 9.60 2.35
CA GLU D 130 -30.58 8.36 1.69
C GLU D 130 -29.13 8.33 1.26
N SER D 131 -28.48 9.49 1.17
CA SER D 131 -27.06 9.53 0.83
C SER D 131 -26.20 9.05 1.99
N SER D 132 -26.49 9.54 3.20
CA SER D 132 -25.78 9.13 4.41
C SER D 132 -26.84 8.80 5.46
N PRO D 133 -27.34 7.55 5.47
CA PRO D 133 -28.56 7.26 6.23
C PRO D 133 -28.39 7.24 7.74
N ILE D 134 -27.17 7.22 8.26
CA ILE D 134 -26.91 7.09 9.69
C ILE D 134 -26.35 8.41 10.20
N CYS D 135 -26.88 8.90 11.32
CA CYS D 135 -26.42 10.15 11.90
C CYS D 135 -26.48 10.06 13.42
N ASP D 136 -25.33 10.20 14.07
CA ASP D 136 -25.25 10.27 15.52
C ASP D 136 -24.65 11.61 15.90
N ALA D 137 -25.33 12.34 16.78
CA ALA D 137 -24.91 13.69 17.11
C ALA D 137 -25.29 14.00 18.55
N ARG D 138 -24.68 15.06 19.08
CA ARG D 138 -25.00 15.58 20.41
C ARG D 138 -25.54 16.99 20.26
N LEU D 139 -26.78 17.20 20.69
CA LEU D 139 -27.38 18.51 20.60
C LEU D 139 -26.78 19.44 21.66
N PRO D 140 -26.89 20.75 21.47
CA PRO D 140 -26.27 21.67 22.43
C PRO D 140 -26.78 21.51 23.85
N ASP D 141 -28.00 21.00 24.04
CA ASP D 141 -28.55 20.88 25.38
C ASP D 141 -28.12 19.62 26.10
N GLY D 142 -27.24 18.82 25.50
CA GLY D 142 -26.72 17.63 26.13
C GLY D 142 -27.36 16.34 25.66
N SER D 143 -28.52 16.41 25.04
CA SER D 143 -29.18 15.20 24.54
C SER D 143 -28.44 14.66 23.33
N ARG D 144 -28.56 13.36 23.10
CA ARG D 144 -27.92 12.69 21.99
C ARG D 144 -28.98 12.19 21.03
N VAL D 145 -28.80 12.46 19.75
CA VAL D 145 -29.73 12.06 18.70
C VAL D 145 -29.06 11.02 17.83
N ASN D 146 -29.79 9.94 17.56
CA ASN D 146 -29.36 8.91 16.63
C ASN D 146 -30.47 8.65 15.65
N VAL D 147 -30.19 8.80 14.36
CA VAL D 147 -31.18 8.71 13.31
C VAL D 147 -30.71 7.70 12.27
N ILE D 148 -31.62 6.84 11.84
CA ILE D 148 -31.37 5.90 10.74
C ILE D 148 -32.48 6.08 9.71
N ALA D 149 -32.08 6.06 8.44
CA ALA D 149 -32.94 6.45 7.33
C ALA D 149 -33.64 5.24 6.74
N PRO D 150 -34.63 5.47 5.88
CA PRO D 150 -35.44 4.37 5.36
C PRO D 150 -34.64 3.32 4.61
N PRO D 151 -33.61 3.72 3.85
CA PRO D 151 -32.85 2.71 3.09
C PRO D 151 -32.34 1.57 3.96
N LEU D 152 -31.91 1.88 5.18
CA LEU D 152 -31.48 0.85 6.12
C LEU D 152 -32.61 0.38 7.02
N ALA D 153 -33.34 1.31 7.62
CA ALA D 153 -34.46 0.97 8.49
C ALA D 153 -35.66 0.60 7.63
N LEU D 154 -36.07 -0.66 7.70
CA LEU D 154 -37.15 -1.12 6.82
C LEU D 154 -38.48 -0.47 7.18
N ASP D 155 -38.73 -0.26 8.46
CA ASP D 155 -40.02 0.28 8.91
C ASP D 155 -40.15 1.77 8.71
N GLY D 156 -39.08 2.46 8.32
CA GLY D 156 -39.10 3.90 8.21
C GLY D 156 -38.01 4.50 9.07
N PRO D 157 -37.92 5.82 9.10
CA PRO D 157 -36.89 6.45 9.91
C PRO D 157 -36.99 6.03 11.35
N THR D 158 -35.85 5.75 11.98
CA THR D 158 -35.80 5.43 13.39
C THR D 158 -35.02 6.52 14.10
N LEU D 159 -35.62 7.08 15.14
CA LEU D 159 -35.07 8.19 15.89
C LEU D 159 -34.89 7.78 17.34
N THR D 160 -33.78 8.17 17.94
CA THR D 160 -33.51 7.87 19.34
C THR D 160 -32.90 9.11 19.97
N ILE D 161 -33.63 9.73 20.89
CA ILE D 161 -33.17 10.92 21.59
C ILE D 161 -32.98 10.54 23.04
N ARG D 162 -31.74 10.54 23.50
CA ARG D 162 -31.41 10.23 24.88
C ARG D 162 -31.02 11.53 25.58
N LYS D 163 -31.90 12.03 26.43
CA LYS D 163 -31.64 13.26 27.13
C LYS D 163 -30.58 13.05 28.21
N PHE D 164 -29.97 14.15 28.63
CA PHE D 164 -28.90 14.10 29.62
C PHE D 164 -29.51 13.96 31.00
N LYS D 165 -29.28 12.81 31.64
CA LYS D 165 -29.81 12.55 32.98
C LYS D 165 -29.08 13.47 33.95
N LYS D 166 -29.77 14.53 34.38
CA LYS D 166 -29.12 15.61 35.12
C LYS D 166 -29.10 15.38 36.62
N ASP D 167 -29.58 14.25 37.11
CA ASP D 167 -29.54 13.92 38.53
C ASP D 167 -28.73 12.64 38.72
N LYS D 168 -27.76 12.69 39.62
CA LYS D 168 -26.87 11.57 39.88
C LYS D 168 -27.00 11.14 41.34
N LEU D 169 -26.50 9.95 41.62
CA LEU D 169 -26.46 9.46 43.00
C LEU D 169 -25.26 10.06 43.72
N THR D 170 -25.48 10.58 44.92
CA THR D 170 -24.41 11.06 45.77
C THR D 170 -23.84 9.90 46.58
N MET D 171 -22.75 10.17 47.30
CA MET D 171 -22.14 9.13 48.11
C MET D 171 -23.09 8.67 49.21
N LYS D 172 -23.81 9.60 49.83
CA LYS D 172 -24.75 9.21 50.86
C LYS D 172 -25.85 8.33 50.30
N ASN D 173 -26.26 8.55 49.05
CA ASN D 173 -27.23 7.67 48.43
C ASN D 173 -26.68 6.26 48.30
N LEU D 174 -25.39 6.14 47.93
CA LEU D 174 -24.78 4.83 47.87
C LEU D 174 -24.68 4.19 49.24
N VAL D 175 -24.54 4.99 50.30
CA VAL D 175 -24.54 4.44 51.65
C VAL D 175 -25.92 3.95 52.02
N GLU D 176 -26.97 4.70 51.67
CA GLU D 176 -28.33 4.31 52.02
C GLU D 176 -28.71 2.99 51.39
N PHE D 177 -28.20 2.70 50.19
CA PHE D 177 -28.49 1.44 49.53
C PHE D 177 -27.65 0.29 50.10
N ALA D 178 -26.86 0.54 51.15
CA ALA D 178 -26.01 -0.48 51.73
C ALA D 178 -24.99 -1.00 50.73
N SER D 179 -24.56 -0.13 49.82
CA SER D 179 -23.55 -0.50 48.84
C SER D 179 -22.14 -0.30 49.37
N ILE D 180 -21.94 0.64 50.28
CA ILE D 180 -20.64 0.89 50.90
C ILE D 180 -20.89 1.37 52.33
N SER D 181 -20.27 0.70 53.29
CA SER D 181 -20.47 1.07 54.68
C SER D 181 -19.95 2.48 54.94
N PRO D 182 -20.54 3.21 55.88
CA PRO D 182 -20.11 4.61 56.08
C PRO D 182 -18.63 4.74 56.35
N GLU D 183 -18.02 3.79 57.04
CA GLU D 183 -16.56 3.80 57.19
C GLU D 183 -15.89 3.75 55.83
N GLY D 184 -16.37 2.87 54.95
CA GLY D 184 -15.86 2.85 53.59
C GLY D 184 -16.09 4.16 52.87
N ALA D 185 -17.23 4.79 53.12
CA ALA D 185 -17.51 6.07 52.47
C ALA D 185 -16.49 7.12 52.90
N ARG D 186 -16.16 7.17 54.18
CA ARG D 186 -15.19 8.17 54.63
C ARG D 186 -13.77 7.82 54.19
N VAL D 187 -13.45 6.53 54.06
CA VAL D 187 -12.16 6.16 53.48
C VAL D 187 -12.08 6.60 52.02
N LEU D 188 -13.17 6.45 51.27
CA LEU D 188 -13.19 6.93 49.90
C LEU D 188 -13.09 8.45 49.87
N GLY D 189 -13.68 9.13 50.83
CA GLY D 189 -13.51 10.57 50.92
C GLY D 189 -12.06 10.96 51.11
N VAL D 190 -11.37 10.26 52.02
CA VAL D 190 -9.94 10.53 52.22
C VAL D 190 -9.16 10.25 50.94
N ILE D 191 -9.46 9.14 50.28
CA ILE D 191 -8.74 8.79 49.05
C ILE D 191 -8.95 9.84 47.97
N GLY D 192 -10.19 10.29 47.81
CA GLY D 192 -10.46 11.29 46.78
C GLY D 192 -9.81 12.62 47.09
N ALA D 193 -9.91 13.07 48.34
CA ALA D 193 -9.31 14.35 48.70
C ALA D 193 -7.80 14.29 48.62
N CYS D 194 -7.22 13.17 49.03
CA CYS D 194 -5.78 12.94 49.04
C CYS D 194 -5.19 12.82 47.63
N ARG D 195 -6.02 12.91 46.60
CA ARG D 195 -5.60 12.79 45.20
C ARG D 195 -4.64 11.61 45.02
N CYS D 196 -5.17 10.41 45.23
CA CYS D 196 -4.49 9.18 44.89
C CYS D 196 -5.00 8.70 43.55
N ASN D 197 -4.10 8.39 42.63
CA ASN D 197 -4.51 7.83 41.35
C ASN D 197 -5.28 6.54 41.60
N LEU D 198 -6.47 6.44 41.03
CA LEU D 198 -7.30 5.26 41.28
C LEU D 198 -7.97 4.80 40.01
N VAL D 199 -8.09 3.48 39.87
CA VAL D 199 -8.82 2.84 38.79
C VAL D 199 -10.04 2.17 39.39
N ILE D 200 -11.19 2.37 38.77
CA ILE D 200 -12.46 1.88 39.28
C ILE D 200 -12.88 0.70 38.40
N SER D 201 -12.59 -0.51 38.85
CA SER D 201 -12.95 -1.70 38.10
C SER D 201 -14.45 -1.95 38.20
N GLY D 202 -14.89 -3.07 37.65
CA GLY D 202 -16.26 -3.51 37.76
C GLY D 202 -16.74 -4.17 36.49
N GLY D 203 -17.85 -4.90 36.60
CA GLY D 203 -18.46 -5.53 35.46
C GLY D 203 -19.49 -4.63 34.81
N THR D 204 -20.12 -5.16 33.76
CA THR D 204 -21.11 -4.40 33.02
C THR D 204 -22.25 -4.00 33.94
N GLY D 205 -22.66 -2.73 33.85
CA GLY D 205 -23.78 -2.27 34.65
C GLY D 205 -23.57 -2.36 36.13
N SER D 206 -22.34 -2.60 36.58
CA SER D 206 -22.07 -2.70 38.00
C SER D 206 -22.07 -1.35 38.70
N GLY D 207 -22.20 -0.26 37.95
CA GLY D 207 -22.28 1.05 38.55
C GLY D 207 -20.94 1.63 38.92
N LYS D 208 -20.03 1.70 37.94
CA LYS D 208 -18.72 2.29 38.16
C LYS D 208 -18.60 3.71 37.62
N THR D 209 -19.38 4.06 36.60
CA THR D 209 -19.45 5.47 36.20
C THR D 209 -20.06 6.31 37.31
N THR D 210 -21.11 5.79 37.97
CA THR D 210 -21.70 6.51 39.08
C THR D 210 -20.72 6.65 40.23
N LEU D 211 -19.98 5.58 40.53
CA LEU D 211 -18.98 5.66 41.58
C LEU D 211 -17.90 6.67 41.23
N LEU D 212 -17.47 6.71 39.97
CA LEU D 212 -16.50 7.70 39.56
C LEU D 212 -17.05 9.11 39.74
N ASN D 213 -18.31 9.32 39.36
CA ASN D 213 -18.88 10.66 39.50
C ASN D 213 -19.05 11.05 40.95
N THR D 214 -19.27 10.10 41.84
CA THR D 214 -19.32 10.43 43.27
C THR D 214 -17.93 10.75 43.79
N MET D 215 -16.93 9.97 43.38
CA MET D 215 -15.56 10.25 43.80
C MET D 215 -15.09 11.62 43.34
N THR D 216 -15.53 12.06 42.15
CA THR D 216 -15.13 13.38 41.70
C THR D 216 -15.78 14.49 42.48
N ALA D 217 -16.52 14.23 43.55
CA ALA D 217 -17.03 15.29 44.40
C ALA D 217 -16.04 15.71 45.48
N PHE D 218 -14.94 14.98 45.64
CA PHE D 218 -13.91 15.30 46.60
C PHE D 218 -12.76 16.10 46.00
N ILE D 219 -12.79 16.34 44.69
CA ILE D 219 -11.73 17.12 44.06
C ILE D 219 -11.74 18.53 44.61
N ASP D 220 -10.58 19.01 45.01
CA ASP D 220 -10.46 20.36 45.52
C ASP D 220 -10.86 21.34 44.43
N PRO D 221 -11.73 22.33 44.72
CA PRO D 221 -12.23 23.20 43.64
C PRO D 221 -11.14 23.95 42.90
N THR D 222 -9.98 24.17 43.51
CA THR D 222 -8.93 24.96 42.90
C THR D 222 -8.13 24.19 41.85
N GLU D 223 -8.48 22.93 41.58
CA GLU D 223 -7.71 22.09 40.69
C GLU D 223 -8.30 22.10 39.29
N ARG D 224 -7.44 22.19 38.29
CA ARG D 224 -7.86 22.15 36.90
C ARG D 224 -8.06 20.70 36.50
N VAL D 225 -9.30 20.30 36.30
CA VAL D 225 -9.66 18.93 35.94
C VAL D 225 -9.93 18.89 34.45
N VAL D 226 -9.59 17.76 33.83
CA VAL D 226 -9.83 17.54 32.41
C VAL D 226 -10.42 16.14 32.26
N THR D 227 -11.65 16.05 31.81
CA THR D 227 -12.36 14.78 31.71
C THR D 227 -12.56 14.42 30.25
N CYS D 228 -12.04 13.26 29.86
CA CYS D 228 -12.23 12.73 28.52
C CYS D 228 -13.30 11.64 28.55
N GLU D 229 -14.21 11.67 27.58
CA GLU D 229 -15.33 10.74 27.59
C GLU D 229 -15.67 10.37 26.16
N ASP D 230 -16.36 9.23 26.02
CA ASP D 230 -16.95 8.86 24.74
C ASP D 230 -18.35 9.47 24.58
N ALA D 231 -19.15 9.42 25.64
CA ALA D 231 -20.43 10.10 25.72
C ALA D 231 -20.50 10.81 27.05
N ALA D 232 -20.80 12.11 27.02
CA ALA D 232 -20.78 12.91 28.24
C ALA D 232 -21.75 12.35 29.27
N GLU D 233 -21.23 11.83 30.36
CA GLU D 233 -22.03 11.33 31.47
C GLU D 233 -21.68 11.96 32.81
N LEU D 234 -20.39 12.12 33.10
CA LEU D 234 -20.00 12.72 34.36
C LEU D 234 -20.53 14.15 34.45
N GLN D 235 -20.89 14.56 35.65
CA GLN D 235 -21.33 15.93 35.93
C GLN D 235 -20.55 16.42 37.14
N LEU D 236 -19.36 16.95 36.89
CA LEU D 236 -18.56 17.55 37.95
C LEU D 236 -19.05 18.95 38.24
N GLN D 237 -19.07 19.31 39.53
CA GLN D 237 -19.55 20.61 39.95
C GLN D 237 -18.43 21.59 40.27
N GLN D 238 -17.17 21.19 40.10
CA GLN D 238 -16.08 22.12 40.31
C GLN D 238 -16.12 23.22 39.26
N PRO D 239 -15.56 24.39 39.55
CA PRO D 239 -15.63 25.51 38.60
C PRO D 239 -14.54 25.52 37.55
N HIS D 240 -13.63 24.55 37.54
CA HIS D 240 -12.47 24.57 36.66
C HIS D 240 -12.40 23.32 35.80
N VAL D 241 -13.54 22.72 35.49
CA VAL D 241 -13.57 21.44 34.77
C VAL D 241 -13.58 21.72 33.28
N VAL D 242 -12.73 20.99 32.55
CA VAL D 242 -12.68 21.04 31.10
C VAL D 242 -13.19 19.71 30.57
N ARG D 243 -14.21 19.77 29.71
CA ARG D 243 -14.89 18.58 29.22
C ARG D 243 -14.50 18.34 27.77
N LEU D 244 -14.04 17.14 27.47
CA LEU D 244 -13.69 16.72 26.12
C LEU D 244 -14.57 15.53 25.73
N GLU D 245 -14.49 15.14 24.46
CA GLU D 245 -15.35 14.09 23.96
C GLU D 245 -14.81 13.60 22.62
N THR D 246 -14.63 12.29 22.50
CA THR D 246 -14.12 11.72 21.26
C THR D 246 -15.13 11.90 20.14
N ARG D 247 -14.64 11.76 18.91
CA ARG D 247 -15.47 11.84 17.71
C ARG D 247 -15.30 10.57 16.90
N PRO D 248 -16.32 9.73 16.77
CA PRO D 248 -16.15 8.48 16.03
C PRO D 248 -16.01 8.75 14.55
N PRO D 249 -15.39 7.83 13.80
CA PRO D 249 -15.23 8.04 12.36
C PRO D 249 -16.57 8.07 11.67
N ASN D 250 -16.65 8.85 10.59
CA ASN D 250 -17.86 8.86 9.77
C ASN D 250 -17.93 7.56 8.97
N LEU D 251 -18.93 7.45 8.11
CA LEU D 251 -19.15 6.22 7.38
C LEU D 251 -17.95 5.84 6.51
N GLU D 252 -17.10 6.80 6.16
CA GLU D 252 -15.94 6.54 5.32
C GLU D 252 -14.62 6.55 6.10
N GLY D 253 -14.68 6.57 7.43
CA GLY D 253 -13.49 6.40 8.24
C GLY D 253 -12.66 7.65 8.43
N SER D 254 -13.19 8.83 8.14
CA SER D 254 -12.45 10.08 8.27
C SER D 254 -12.96 10.88 9.46
N GLY D 255 -12.07 11.69 10.02
CA GLY D 255 -12.46 12.57 11.10
C GLY D 255 -12.55 11.92 12.45
N ALA D 256 -11.79 10.85 12.68
CA ALA D 256 -11.82 10.13 13.95
C ALA D 256 -10.85 10.76 14.93
N VAL D 257 -11.29 10.89 16.18
CA VAL D 257 -10.46 11.38 17.27
C VAL D 257 -10.61 10.39 18.42
N THR D 258 -9.69 9.45 18.52
CA THR D 258 -9.78 8.40 19.53
C THR D 258 -9.52 8.97 20.92
N MET D 259 -9.91 8.20 21.93
CA MET D 259 -9.62 8.61 23.31
C MET D 259 -8.11 8.72 23.53
N ARG D 260 -7.33 7.95 22.79
CA ARG D 260 -5.88 8.04 22.92
C ARG D 260 -5.39 9.44 22.56
N ASP D 261 -5.92 10.00 21.47
CA ASP D 261 -5.50 11.35 21.06
C ASP D 261 -5.89 12.38 22.11
N LEU D 262 -7.10 12.27 22.65
CA LEU D 262 -7.52 13.22 23.68
C LEU D 262 -6.64 13.12 24.91
N VAL D 263 -6.34 11.90 25.37
CA VAL D 263 -5.54 11.76 26.57
C VAL D 263 -4.12 12.24 26.32
N LYS D 264 -3.57 12.00 25.13
CA LYS D 264 -2.25 12.52 24.82
C LYS D 264 -2.25 14.03 24.82
N ASN D 265 -3.28 14.65 24.25
CA ASN D 265 -3.35 16.11 24.23
C ASN D 265 -3.48 16.66 25.65
N CYS D 266 -4.25 15.99 26.50
CA CYS D 266 -4.47 16.49 27.86
C CYS D 266 -3.17 16.64 28.63
N LEU D 267 -2.12 15.91 28.26
CA LEU D 267 -0.83 16.11 28.91
C LEU D 267 -0.25 17.48 28.60
N ARG D 268 -0.72 18.13 27.54
CA ARG D 268 -0.24 19.45 27.14
C ARG D 268 -1.17 20.57 27.55
N MET D 269 -2.28 20.26 28.21
CA MET D 269 -3.24 21.27 28.65
C MET D 269 -2.96 21.74 30.07
N ARG D 270 -1.86 21.29 30.67
CA ARG D 270 -1.49 21.68 32.01
C ARG D 270 -2.58 21.33 33.03
N PRO D 271 -3.16 20.13 32.98
CA PRO D 271 -4.17 19.77 33.96
C PRO D 271 -3.54 19.40 35.29
N GLU D 272 -4.40 19.21 36.29
CA GLU D 272 -3.98 18.64 37.56
C GLU D 272 -4.62 17.29 37.84
N ARG D 273 -5.70 16.95 37.14
CA ARG D 273 -6.25 15.61 37.15
C ARG D 273 -6.81 15.32 35.78
N ILE D 274 -6.55 14.12 35.27
CA ILE D 274 -7.16 13.63 34.05
C ILE D 274 -8.09 12.50 34.45
N ILE D 275 -9.35 12.60 34.05
CA ILE D 275 -10.39 11.66 34.46
C ILE D 275 -10.94 11.04 33.19
N VAL D 276 -10.38 9.91 32.78
CA VAL D 276 -10.82 9.25 31.55
C VAL D 276 -12.16 8.57 31.81
N GLY D 277 -13.11 8.80 30.91
CA GLY D 277 -14.42 8.20 31.03
C GLY D 277 -14.36 6.70 31.25
N GLU D 278 -13.80 5.98 30.28
CA GLU D 278 -13.57 4.55 30.45
C GLU D 278 -12.38 4.13 29.61
N VAL D 279 -11.50 3.33 30.19
CA VAL D 279 -10.28 2.89 29.53
C VAL D 279 -10.56 1.56 28.84
N ARG D 280 -10.43 1.53 27.53
CA ARG D 280 -10.71 0.34 26.75
C ARG D 280 -9.56 -0.07 25.84
N GLY D 281 -8.85 0.89 25.26
CA GLY D 281 -7.85 0.60 24.28
C GLY D 281 -6.45 0.95 24.76
N PRO D 282 -5.56 1.32 23.85
CA PRO D 282 -4.19 1.65 24.25
C PRO D 282 -4.09 2.90 25.10
N GLU D 283 -5.13 3.74 25.16
CA GLU D 283 -5.03 4.96 25.94
C GLU D 283 -4.61 4.69 27.37
N ALA D 284 -4.82 3.47 27.87
CA ALA D 284 -4.38 3.14 29.22
C ALA D 284 -2.94 3.57 29.41
N PHE D 285 -2.07 3.20 28.48
CA PHE D 285 -0.67 3.64 28.55
C PHE D 285 -0.60 5.12 28.86
N ASP D 286 -1.15 5.94 27.97
CA ASP D 286 -1.11 7.38 28.17
C ASP D 286 -1.60 7.74 29.56
N LEU D 287 -2.76 7.18 29.95
CA LEU D 287 -3.31 7.50 31.25
C LEU D 287 -2.28 7.24 32.35
N LEU D 288 -1.66 6.05 32.32
CA LEU D 288 -0.68 5.73 33.35
C LEU D 288 0.46 6.73 33.32
N GLN D 289 0.91 7.12 32.12
CA GLN D 289 1.95 8.14 32.05
C GLN D 289 1.48 9.43 32.71
N ALA D 290 0.24 9.83 32.46
CA ALA D 290 -0.30 10.99 33.15
C ALA D 290 -0.20 10.82 34.66
N MET D 291 -0.49 9.61 35.15
CA MET D 291 -0.37 9.35 36.58
C MET D 291 1.08 9.44 37.03
N ASN D 292 2.01 8.98 36.19
CA ASN D 292 3.42 8.94 36.58
C ASN D 292 4.07 10.31 36.53
N THR D 293 3.65 11.16 35.60
CA THR D 293 4.34 12.41 35.30
C THR D 293 3.76 13.61 36.04
N GLY D 294 3.21 13.41 37.24
CA GLY D 294 2.87 14.50 38.12
C GLY D 294 1.41 14.89 38.16
N HIS D 295 0.55 14.25 37.38
CA HIS D 295 -0.89 14.55 37.42
C HIS D 295 -1.60 13.67 38.44
N ASP D 296 -1.14 13.77 39.68
CA ASP D 296 -1.74 12.99 40.76
C ASP D 296 -3.22 13.31 40.87
N GLY D 297 -4.01 12.28 41.15
CA GLY D 297 -5.44 12.38 41.22
C GLY D 297 -6.17 11.89 39.99
N SER D 298 -5.46 11.49 38.95
CA SER D 298 -6.12 11.00 37.76
C SER D 298 -6.92 9.75 38.09
N MET D 299 -8.05 9.60 37.42
CA MET D 299 -8.92 8.45 37.66
C MET D 299 -9.18 7.72 36.35
N GLY D 300 -10.13 6.81 36.36
CA GLY D 300 -10.49 6.08 35.16
C GLY D 300 -11.16 4.78 35.50
N THR D 301 -12.19 4.41 34.73
CA THR D 301 -12.91 3.18 34.95
C THR D 301 -12.58 2.21 33.83
N LEU D 302 -12.42 0.94 34.17
CA LEU D 302 -12.20 -0.10 33.16
C LEU D 302 -13.09 -1.28 33.48
N HIS D 303 -13.20 -2.18 32.51
CA HIS D 303 -14.07 -3.34 32.58
C HIS D 303 -13.27 -4.53 33.09
N ALA D 304 -13.51 -4.92 34.34
CA ALA D 304 -12.83 -6.07 34.93
C ALA D 304 -13.68 -6.58 36.07
N ASN D 305 -13.41 -7.81 36.49
CA ASN D 305 -14.18 -8.45 37.54
C ASN D 305 -13.49 -8.43 38.89
N SER D 306 -12.17 -8.51 38.94
CA SER D 306 -11.42 -8.46 40.19
C SER D 306 -10.20 -7.59 39.99
N PRO D 307 -9.65 -7.03 41.07
CA PRO D 307 -8.48 -6.16 40.91
C PRO D 307 -7.32 -6.82 40.18
N ARG D 308 -7.08 -8.11 40.43
CA ARG D 308 -6.03 -8.81 39.69
C ARG D 308 -6.35 -8.85 38.20
N GLU D 309 -7.59 -9.16 37.85
CA GLU D 309 -7.97 -9.13 36.45
C GLU D 309 -7.95 -7.72 35.90
N ALA D 310 -8.23 -6.72 36.73
CA ALA D 310 -8.11 -5.34 36.28
C ALA D 310 -6.67 -5.00 35.90
N ILE D 311 -5.71 -5.43 36.74
CA ILE D 311 -4.31 -5.18 36.43
C ILE D 311 -3.90 -5.96 35.18
N SER D 312 -4.37 -7.19 35.03
CA SER D 312 -4.07 -7.94 33.81
C SER D 312 -4.62 -7.24 32.59
N ARG D 313 -5.84 -6.69 32.69
CA ARG D 313 -6.42 -5.95 31.58
C ARG D 313 -5.59 -4.72 31.26
N ILE D 314 -5.12 -4.00 32.28
CA ILE D 314 -4.29 -2.83 32.02
C ILE D 314 -3.03 -3.25 31.27
N GLU D 315 -2.40 -4.34 31.70
CA GLU D 315 -1.21 -4.81 31.00
C GLU D 315 -1.53 -5.17 29.56
N SER D 316 -2.65 -5.85 29.33
CA SER D 316 -3.02 -6.24 27.97
C SER D 316 -3.25 -5.01 27.10
N MET D 317 -3.92 -3.99 27.64
CA MET D 317 -4.14 -2.77 26.89
C MET D 317 -2.83 -2.08 26.55
N ILE D 318 -1.93 -1.99 27.54
CA ILE D 318 -0.66 -1.33 27.30
C ILE D 318 0.15 -2.07 26.25
N THR D 319 0.10 -3.40 26.28
CA THR D 319 0.77 -4.18 25.23
C THR D 319 0.10 -4.00 23.88
N MET D 320 -1.22 -3.79 23.87
CA MET D 320 -1.94 -3.62 22.61
C MET D 320 -1.43 -2.40 21.85
N GLY D 321 -0.86 -1.42 22.54
CA GLY D 321 -0.38 -0.23 21.88
C GLY D 321 0.80 -0.47 20.96
N GLY D 322 1.55 -1.54 21.18
CA GLY D 322 2.68 -1.84 20.33
C GLY D 322 3.90 -1.00 20.58
N TYR D 323 4.11 -0.57 21.83
CA TYR D 323 5.30 0.20 22.16
C TYR D 323 6.53 -0.66 22.35
N GLY D 324 6.41 -1.97 22.30
CA GLY D 324 7.55 -2.84 22.48
C GLY D 324 8.14 -2.80 23.87
N LEU D 325 7.30 -2.82 24.91
CA LEU D 325 7.79 -2.88 26.28
C LEU D 325 7.64 -4.30 26.82
N PRO D 326 8.65 -4.83 27.52
CA PRO D 326 8.51 -6.17 28.10
C PRO D 326 7.53 -6.15 29.27
N SER D 327 7.13 -7.35 29.69
CA SER D 327 6.09 -7.47 30.70
C SER D 327 6.47 -6.77 31.99
N LYS D 328 7.70 -6.96 32.45
CA LYS D 328 8.08 -6.40 33.74
C LYS D 328 8.13 -4.87 33.69
N THR D 329 8.46 -4.29 32.55
CA THR D 329 8.40 -2.84 32.43
C THR D 329 6.99 -2.33 32.63
N ILE D 330 6.01 -2.98 31.98
CA ILE D 330 4.63 -2.57 32.14
C ILE D 330 4.18 -2.78 33.58
N LYS D 331 4.61 -3.87 34.21
CA LYS D 331 4.22 -4.11 35.60
C LYS D 331 4.80 -3.05 36.52
N GLU D 332 6.05 -2.65 36.32
CA GLU D 332 6.62 -1.57 37.12
C GLU D 332 5.87 -0.27 36.89
N MET D 333 5.49 0.00 35.63
CA MET D 333 4.72 1.19 35.34
C MET D 333 3.40 1.18 36.12
N ILE D 334 2.71 0.04 36.10
CA ILE D 334 1.43 -0.05 36.80
C ILE D 334 1.62 0.13 38.30
N VAL D 335 2.68 -0.45 38.84
CA VAL D 335 2.94 -0.33 40.27
C VAL D 335 3.21 1.12 40.64
N GLY D 336 4.00 1.82 39.84
CA GLY D 336 4.33 3.20 40.15
C GLY D 336 3.21 4.17 39.89
N SER D 337 2.27 3.82 39.02
CA SER D 337 1.20 4.75 38.64
C SER D 337 -0.04 4.60 39.52
N VAL D 338 -0.66 3.42 39.48
CA VAL D 338 -1.91 3.22 40.20
C VAL D 338 -1.65 3.16 41.70
N ASP D 339 -2.61 3.65 42.47
CA ASP D 339 -2.53 3.62 43.93
C ASP D 339 -3.67 2.86 44.58
N VAL D 340 -4.90 3.04 44.11
CA VAL D 340 -6.08 2.41 44.71
C VAL D 340 -6.96 1.90 43.58
N ILE D 341 -7.36 0.64 43.66
CA ILE D 341 -8.29 0.04 42.71
C ILE D 341 -9.57 -0.25 43.46
N ILE D 342 -10.66 0.39 43.07
CA ILE D 342 -11.96 0.21 43.70
C ILE D 342 -12.79 -0.71 42.83
N GLN D 343 -13.31 -1.78 43.41
CA GLN D 343 -14.02 -2.82 42.68
C GLN D 343 -15.50 -2.67 42.96
N ALA D 344 -16.25 -2.28 41.94
CA ALA D 344 -17.70 -2.38 41.98
C ALA D 344 -18.13 -3.69 41.36
N ALA D 345 -19.30 -4.17 41.74
CA ALA D 345 -19.78 -5.43 41.23
C ALA D 345 -21.28 -5.53 41.42
N ARG D 346 -21.96 -6.16 40.47
CA ARG D 346 -23.39 -6.42 40.55
C ARG D 346 -23.57 -7.89 40.91
N LEU D 347 -24.24 -8.14 42.03
CA LEU D 347 -24.34 -9.49 42.56
C LEU D 347 -25.45 -10.27 41.86
N ARG D 348 -25.67 -11.49 42.32
CA ARG D 348 -26.64 -12.38 41.68
C ARG D 348 -28.03 -11.78 41.71
N ASP D 349 -28.44 -11.22 42.85
CA ASP D 349 -29.81 -10.76 43.03
C ASP D 349 -30.06 -9.39 42.42
N GLY D 350 -29.20 -8.93 41.52
CA GLY D 350 -29.39 -7.64 40.90
C GLY D 350 -28.91 -6.46 41.72
N SER D 351 -28.40 -6.71 42.92
CA SER D 351 -27.86 -5.63 43.73
C SER D 351 -26.45 -5.28 43.28
N ARG D 352 -26.01 -4.08 43.67
CA ARG D 352 -24.68 -3.60 43.35
C ARG D 352 -23.95 -3.24 44.64
N ARG D 353 -22.72 -3.72 44.77
CA ARG D 353 -21.91 -3.51 45.95
C ARG D 353 -20.51 -3.09 45.53
N ILE D 354 -19.76 -2.53 46.47
CA ILE D 354 -18.35 -2.21 46.28
C ILE D 354 -17.57 -3.27 47.05
N THR D 355 -17.01 -4.23 46.33
CA THR D 355 -16.48 -5.45 46.94
C THR D 355 -15.02 -5.36 47.33
N HIS D 356 -14.27 -4.39 46.83
CA HIS D 356 -12.86 -4.26 47.19
C HIS D 356 -12.44 -2.81 47.15
N ILE D 357 -11.55 -2.43 48.06
CA ILE D 357 -10.78 -1.20 47.96
C ILE D 357 -9.32 -1.63 48.11
N THR D 358 -8.69 -1.94 46.99
CA THR D 358 -7.37 -2.55 46.96
C THR D 358 -6.29 -1.49 46.78
N GLU D 359 -5.10 -1.79 47.27
CA GLU D 359 -3.92 -0.96 47.08
C GLU D 359 -2.83 -1.78 46.43
N VAL D 360 -2.17 -1.19 45.43
CA VAL D 360 -1.08 -1.86 44.71
C VAL D 360 0.19 -1.64 45.52
N VAL D 361 0.56 -2.62 46.34
CA VAL D 361 1.67 -2.43 47.27
C VAL D 361 3.00 -2.37 46.54
N GLY D 362 3.22 -3.29 45.61
CA GLY D 362 4.48 -3.32 44.89
C GLY D 362 4.64 -4.60 44.12
N LEU D 363 5.89 -4.87 43.73
CA LEU D 363 6.26 -6.04 42.96
C LEU D 363 6.99 -7.05 43.84
N GLU D 364 6.52 -8.30 43.82
CA GLU D 364 7.23 -9.43 44.39
C GLU D 364 7.55 -10.37 43.24
N GLY D 365 8.81 -10.42 42.83
CA GLY D 365 9.20 -11.25 41.72
C GLY D 365 8.69 -10.73 40.39
N ASP D 366 7.70 -11.41 39.83
CA ASP D 366 7.14 -11.04 38.53
C ASP D 366 5.63 -10.85 38.59
N VAL D 367 5.07 -10.65 39.78
CA VAL D 367 3.63 -10.47 39.95
C VAL D 367 3.40 -9.31 40.92
N ILE D 368 2.45 -8.44 40.57
CA ILE D 368 2.14 -7.28 41.37
C ILE D 368 1.35 -7.72 42.59
N VAL D 369 1.72 -7.20 43.75
CA VAL D 369 1.10 -7.58 45.02
C VAL D 369 0.12 -6.49 45.43
N THR D 370 -0.98 -6.91 46.03
CA THR D 370 -2.06 -6.00 46.42
C THR D 370 -2.52 -6.32 47.83
N GLN D 371 -3.05 -5.31 48.50
CA GLN D 371 -3.60 -5.46 49.84
C GLN D 371 -4.95 -4.75 49.91
N ASP D 372 -5.96 -5.42 50.45
CA ASP D 372 -7.32 -4.90 50.45
C ASP D 372 -7.61 -4.20 51.76
N LEU D 373 -7.99 -2.92 51.68
CA LEU D 373 -8.43 -2.21 52.88
C LEU D 373 -9.80 -2.69 53.31
N PHE D 374 -10.72 -2.84 52.36
CA PHE D 374 -12.09 -3.27 52.63
C PHE D 374 -12.42 -4.46 51.75
N VAL D 375 -13.33 -5.30 52.24
CA VAL D 375 -13.82 -6.42 51.44
C VAL D 375 -15.27 -6.67 51.84
N TYR D 376 -16.06 -7.09 50.86
CA TYR D 376 -17.47 -7.43 51.08
C TYR D 376 -17.55 -8.95 51.19
N GLU D 377 -17.66 -9.44 52.41
CA GLU D 377 -17.78 -10.87 52.65
C GLU D 377 -19.24 -11.27 52.46
N ILE D 378 -19.51 -12.11 51.46
CA ILE D 378 -20.85 -12.58 51.17
C ILE D 378 -21.08 -13.86 51.96
N THR D 379 -21.98 -13.81 52.94
CA THR D 379 -22.19 -14.96 53.81
C THR D 379 -23.12 -15.98 53.17
N GLY D 380 -24.36 -15.57 52.88
CA GLY D 380 -25.34 -16.48 52.34
C GLY D 380 -26.44 -15.76 51.58
N GLU D 381 -27.68 -16.22 51.74
CA GLU D 381 -28.81 -15.68 51.00
C GLU D 381 -29.98 -15.44 51.95
N ASP D 382 -30.61 -14.28 51.80
CA ASP D 382 -31.84 -14.01 52.52
C ASP D 382 -32.95 -14.94 52.05
N GLU D 383 -33.87 -15.29 52.95
CA GLU D 383 -34.96 -16.17 52.57
C GLU D 383 -35.79 -15.55 51.45
N HIS D 384 -35.84 -14.22 51.39
CA HIS D 384 -36.53 -13.53 50.31
C HIS D 384 -35.86 -13.74 48.95
N GLY D 385 -34.65 -14.30 48.92
CA GLY D 385 -33.89 -14.46 47.70
C GLY D 385 -32.74 -13.48 47.56
N LYS D 386 -32.67 -12.46 48.40
CA LYS D 386 -31.58 -11.50 48.34
C LYS D 386 -30.28 -12.14 48.84
N VAL D 387 -29.17 -11.50 48.48
CA VAL D 387 -27.85 -11.90 48.94
C VAL D 387 -27.51 -11.10 50.20
N VAL D 388 -26.83 -11.75 51.14
CA VAL D 388 -26.49 -11.13 52.41
C VAL D 388 -24.98 -11.14 52.56
N GLY D 389 -24.42 -9.98 52.91
CA GLY D 389 -22.99 -9.85 53.12
C GLY D 389 -22.72 -8.67 54.01
N LYS D 390 -21.46 -8.57 54.43
CA LYS D 390 -21.05 -7.48 55.31
C LYS D 390 -19.71 -6.91 54.83
N HIS D 391 -19.59 -5.59 54.92
CA HIS D 391 -18.31 -4.94 54.64
C HIS D 391 -17.42 -5.03 55.86
N ARG D 392 -16.16 -5.41 55.63
CA ARG D 392 -15.21 -5.55 56.73
C ARG D 392 -13.86 -5.03 56.31
N SER D 393 -13.21 -4.31 57.22
CA SER D 393 -11.85 -3.87 57.02
C SER D 393 -10.88 -5.02 57.32
N THR D 394 -9.88 -5.18 56.48
CA THR D 394 -8.93 -6.29 56.64
C THR D 394 -7.97 -6.08 57.80
N GLY D 395 -8.12 -5.01 58.58
CA GLY D 395 -7.27 -4.77 59.72
C GLY D 395 -6.01 -3.99 59.43
N ILE D 396 -5.73 -3.68 58.17
CA ILE D 396 -4.54 -2.89 57.82
C ILE D 396 -4.70 -1.51 58.43
N ALA D 397 -3.83 -1.18 59.38
CA ALA D 397 -3.97 0.05 60.14
C ALA D 397 -3.47 1.25 59.34
N ARG D 398 -2.23 1.20 58.85
CA ARG D 398 -1.64 2.30 58.10
C ARG D 398 -1.57 1.91 56.63
N PRO D 399 -2.43 2.43 55.77
CA PRO D 399 -2.39 2.06 54.35
C PRO D 399 -1.15 2.63 53.67
N ARG D 400 -0.90 2.13 52.47
CA ARG D 400 0.27 2.58 51.72
C ARG D 400 0.27 4.09 51.54
N PHE D 401 -0.91 4.70 51.45
CA PHE D 401 -1.02 6.14 51.23
C PHE D 401 -1.13 6.92 52.53
N TRP D 402 -0.67 6.37 53.65
CA TRP D 402 -0.81 7.07 54.92
C TRP D 402 -0.04 8.38 54.91
N ASP D 403 1.19 8.38 54.39
CA ASP D 403 1.95 9.62 54.33
C ASP D 403 1.25 10.64 53.44
N ARG D 404 0.76 10.20 52.28
CA ARG D 404 0.05 11.11 51.41
C ARG D 404 -1.19 11.68 52.11
N ALA D 405 -1.90 10.85 52.85
CA ALA D 405 -3.05 11.33 53.61
C ALA D 405 -2.63 12.35 54.65
N ARG D 406 -1.51 12.10 55.33
CA ARG D 406 -1.07 13.02 56.38
C ARG D 406 -0.67 14.37 55.78
N TYR D 407 -0.03 14.37 54.61
CA TYR D 407 0.41 15.63 54.03
C TYR D 407 -0.75 16.58 53.83
N TYR D 408 -1.96 16.06 53.64
CA TYR D 408 -3.15 16.88 53.50
C TYR D 408 -3.89 17.08 54.81
N GLY D 409 -3.36 16.57 55.92
CA GLY D 409 -4.01 16.74 57.20
C GLY D 409 -5.19 15.83 57.42
N LEU D 410 -5.34 14.79 56.62
CA LEU D 410 -6.47 13.87 56.72
C LEU D 410 -6.09 12.58 57.44
N GLU D 411 -4.93 12.53 58.11
CA GLU D 411 -4.58 11.33 58.85
C GLU D 411 -5.58 11.08 59.98
N ARG D 412 -6.06 12.14 60.60
CA ARG D 412 -7.03 11.98 61.68
C ARG D 412 -8.30 11.29 61.17
N GLU D 413 -8.84 11.79 60.07
CA GLU D 413 -10.07 11.21 59.54
C GLU D 413 -9.85 9.76 59.12
N LEU D 414 -8.74 9.47 58.46
CA LEU D 414 -8.47 8.12 58.03
C LEU D 414 -8.34 7.18 59.23
N ALA D 415 -7.64 7.63 60.28
CA ALA D 415 -7.50 6.81 61.47
C ALA D 415 -8.85 6.56 62.11
N GLU D 416 -9.68 7.60 62.22
CA GLU D 416 -11.01 7.41 62.80
C GLU D 416 -11.83 6.42 61.98
N ALA D 417 -11.81 6.55 60.66
CA ALA D 417 -12.60 5.67 59.81
C ALA D 417 -12.12 4.23 59.95
N LEU D 418 -10.81 4.01 59.92
CA LEU D 418 -10.31 2.64 60.00
C LEU D 418 -10.46 2.05 61.39
N ASP D 419 -10.49 2.88 62.44
CA ASP D 419 -10.77 2.37 63.77
C ASP D 419 -12.24 2.00 63.92
N ALA D 420 -13.15 2.85 63.42
CA ALA D 420 -14.56 2.51 63.46
C ALA D 420 -14.83 1.23 62.67
N ALA D 421 -14.18 1.08 61.52
CA ALA D 421 -14.30 -0.16 60.77
C ALA D 421 -13.73 -1.32 61.57
N GLU D 422 -12.59 -1.11 62.24
CA GLU D 422 -12.00 -2.15 63.06
C GLU D 422 -12.69 -2.30 64.41
N ALA D 423 -13.42 -1.29 64.86
CA ALA D 423 -14.16 -1.35 66.11
C ALA D 423 -15.53 -1.98 65.94
N LEU D 424 -15.75 -2.73 64.86
CA LEU D 424 -17.03 -3.37 64.63
C LEU D 424 -16.81 -4.78 64.05
N ASP E 1 -58.68 -19.88 -28.52
CA ASP E 1 -58.14 -19.77 -29.86
C ASP E 1 -58.14 -18.32 -30.34
N TYR E 2 -59.33 -17.76 -30.51
CA TYR E 2 -59.45 -16.38 -30.98
C TYR E 2 -59.05 -15.37 -29.92
N TYR E 3 -58.82 -15.80 -28.68
CA TYR E 3 -58.50 -14.85 -27.61
C TYR E 3 -57.22 -14.10 -27.92
N HIS E 4 -56.19 -14.80 -28.40
CA HIS E 4 -54.94 -14.14 -28.74
C HIS E 4 -55.14 -13.14 -29.87
N ALA E 5 -55.83 -13.55 -30.94
CA ALA E 5 -56.06 -12.65 -32.07
C ALA E 5 -56.93 -11.47 -31.66
N THR E 6 -57.99 -11.72 -30.89
CA THR E 6 -58.86 -10.65 -30.44
C THR E 6 -58.10 -9.65 -29.59
N LYS E 7 -57.27 -10.14 -28.68
CA LYS E 7 -56.48 -9.25 -27.83
C LYS E 7 -55.48 -8.46 -28.66
N THR E 8 -54.84 -9.09 -29.64
CA THR E 8 -53.89 -8.37 -30.48
C THR E 8 -54.59 -7.26 -31.26
N THR E 9 -55.75 -7.56 -31.85
CA THR E 9 -56.48 -6.54 -32.59
C THR E 9 -56.93 -5.41 -31.67
N ILE E 10 -57.45 -5.75 -30.48
CA ILE E 10 -57.92 -4.73 -29.55
C ILE E 10 -56.75 -3.85 -29.11
N PHE E 11 -55.60 -4.46 -28.82
CA PHE E 11 -54.43 -3.69 -28.41
C PHE E 11 -53.97 -2.77 -29.53
N ASN E 12 -53.96 -3.26 -30.77
CA ASN E 12 -53.56 -2.41 -31.89
C ASN E 12 -54.51 -1.22 -32.02
N ALA E 13 -55.82 -1.48 -31.93
CA ALA E 13 -56.80 -0.41 -32.04
C ALA E 13 -56.63 0.60 -30.92
N LEU E 14 -56.41 0.12 -29.69
CA LEU E 14 -56.23 1.02 -28.56
C LEU E 14 -54.99 1.88 -28.77
N LEU E 15 -53.86 1.26 -29.12
CA LEU E 15 -52.64 2.01 -29.36
C LEU E 15 -52.84 3.05 -30.44
N ASN E 16 -53.62 2.71 -31.47
CA ASN E 16 -53.97 3.72 -32.48
C ASN E 16 -54.76 4.85 -31.86
N THR E 17 -55.71 4.53 -30.98
CA THR E 17 -56.52 5.56 -30.33
C THR E 17 -55.78 6.14 -29.13
N ILE E 18 -55.48 5.32 -28.13
CA ILE E 18 -54.73 5.73 -26.95
C ILE E 18 -53.48 4.87 -26.88
N ASP E 19 -52.32 5.48 -27.07
CA ASP E 19 -51.04 4.79 -27.09
C ASP E 19 -50.38 4.86 -25.72
N LEU E 20 -49.56 3.85 -25.41
CA LEU E 20 -48.83 3.85 -24.15
C LEU E 20 -47.92 5.06 -24.02
N SER E 21 -47.54 5.68 -25.14
CA SER E 21 -46.74 6.90 -25.08
C SER E 21 -47.49 8.06 -24.45
N GLN E 22 -48.81 7.96 -24.30
CA GLN E 22 -49.60 8.99 -23.67
C GLN E 22 -49.63 8.87 -22.15
N LEU E 23 -48.65 8.18 -21.56
CA LEU E 23 -48.61 8.01 -20.12
C LEU E 23 -48.78 9.34 -19.41
N ALA E 24 -49.43 9.30 -18.25
CA ALA E 24 -49.85 10.42 -17.43
C ALA E 24 -51.08 11.12 -18.01
N GLN E 25 -51.54 10.74 -19.20
CA GLN E 25 -52.78 11.23 -19.76
C GLN E 25 -53.80 10.11 -19.70
N LEU E 26 -54.99 10.40 -19.16
CA LEU E 26 -55.96 9.37 -18.82
C LEU E 26 -55.36 8.39 -17.80
N ASP E 27 -55.15 8.93 -16.60
CA ASP E 27 -54.39 8.23 -15.56
C ASP E 27 -55.16 7.00 -15.10
N LEU E 28 -54.58 6.28 -14.12
CA LEU E 28 -55.02 4.94 -13.76
C LEU E 28 -56.53 4.74 -13.83
N LYS E 29 -57.28 5.55 -13.08
CA LYS E 29 -58.73 5.44 -13.13
C LYS E 29 -59.26 5.75 -14.53
N GLN E 30 -58.78 6.85 -15.11
CA GLN E 30 -59.17 7.20 -16.47
C GLN E 30 -58.71 6.13 -17.45
N ALA E 31 -57.50 5.60 -17.26
CA ALA E 31 -57.01 4.55 -18.14
C ALA E 31 -57.94 3.35 -18.13
N GLY E 32 -58.33 2.90 -16.93
CA GLY E 32 -59.21 1.75 -16.84
C GLY E 32 -60.57 2.02 -17.46
N GLU E 33 -61.15 3.18 -17.17
CA GLU E 33 -62.46 3.51 -17.73
C GLU E 33 -62.41 3.54 -19.25
N GLU E 34 -61.41 4.22 -19.81
CA GLU E 34 -61.27 4.32 -21.25
C GLU E 34 -61.02 2.96 -21.87
N ILE E 35 -60.19 2.13 -21.22
CA ILE E 35 -59.90 0.80 -21.75
C ILE E 35 -61.16 -0.04 -21.80
N ARG E 36 -61.95 0.00 -20.72
CA ARG E 36 -63.19 -0.77 -20.70
C ARG E 36 -64.15 -0.30 -21.78
N ASP E 37 -64.31 1.02 -21.91
CA ASP E 37 -65.22 1.55 -22.93
C ASP E 37 -64.76 1.17 -24.33
N ILE E 38 -63.47 1.32 -24.60
CA ILE E 38 -62.94 1.02 -25.93
C ILE E 38 -63.05 -0.46 -26.24
N VAL E 39 -62.81 -1.31 -25.23
CA VAL E 39 -62.92 -2.75 -25.44
C VAL E 39 -64.37 -3.12 -25.73
N ALA E 40 -65.32 -2.55 -24.99
CA ALA E 40 -66.73 -2.83 -25.27
C ALA E 40 -67.10 -2.37 -26.68
N GLU E 41 -66.66 -1.17 -27.07
CA GLU E 41 -66.98 -0.67 -28.39
C GLU E 41 -66.40 -1.57 -29.48
N LEU E 42 -65.13 -1.97 -29.32
CA LEU E 42 -64.51 -2.82 -30.33
C LEU E 42 -65.18 -4.19 -30.40
N VAL E 43 -65.49 -4.78 -29.24
CA VAL E 43 -66.13 -6.10 -29.23
C VAL E 43 -67.51 -6.03 -29.86
N ALA E 44 -68.24 -4.92 -29.63
CA ALA E 44 -69.55 -4.77 -30.25
C ALA E 44 -69.43 -4.58 -31.76
N ILE E 45 -68.50 -3.73 -32.19
CA ILE E 45 -68.34 -3.45 -33.62
C ILE E 45 -67.46 -4.49 -34.27
N LYS E 46 -66.26 -4.72 -33.72
CA LYS E 46 -65.36 -5.71 -34.28
C LYS E 46 -65.85 -7.12 -33.98
N ASN E 47 -65.57 -8.04 -34.89
CA ASN E 47 -66.00 -9.42 -34.73
C ASN E 47 -65.29 -10.04 -33.54
N VAL E 48 -66.02 -10.22 -32.44
CA VAL E 48 -65.50 -10.85 -31.23
C VAL E 48 -66.52 -11.87 -30.75
N SER E 49 -66.08 -13.13 -30.66
CA SER E 49 -66.96 -14.20 -30.20
C SER E 49 -66.95 -14.36 -28.70
N MET E 50 -66.02 -13.73 -28.00
CA MET E 50 -65.93 -13.88 -26.55
C MET E 50 -67.21 -13.40 -25.89
N SER E 51 -67.66 -14.15 -24.88
CA SER E 51 -68.88 -13.81 -24.17
C SER E 51 -68.65 -12.58 -23.29
N VAL E 52 -69.69 -12.20 -22.55
CA VAL E 52 -69.58 -11.04 -21.66
C VAL E 52 -68.50 -11.29 -20.62
N ALA E 53 -68.48 -12.48 -20.03
CA ALA E 53 -67.41 -12.82 -19.09
C ALA E 53 -66.06 -12.85 -19.79
N GLU E 54 -66.01 -13.44 -20.99
CA GLU E 54 -64.78 -13.40 -21.77
C GLU E 54 -64.43 -11.98 -22.17
N GLN E 55 -65.44 -11.15 -22.44
CA GLN E 55 -65.18 -9.74 -22.73
C GLN E 55 -64.52 -9.05 -21.54
N GLU E 56 -65.01 -9.33 -20.33
CA GLU E 56 -64.40 -8.76 -19.13
C GLU E 56 -62.98 -9.27 -18.95
N HIS E 57 -62.76 -10.56 -19.20
CA HIS E 57 -61.40 -11.10 -19.12
C HIS E 57 -60.47 -10.39 -20.10
N LEU E 58 -60.93 -10.17 -21.33
CA LEU E 58 -60.09 -9.51 -22.32
C LEU E 58 -59.85 -8.05 -21.97
N VAL E 59 -60.86 -7.39 -21.40
CA VAL E 59 -60.69 -6.01 -20.95
C VAL E 59 -59.61 -5.96 -19.87
N GLN E 60 -59.67 -6.88 -18.91
CA GLN E 60 -58.64 -6.93 -17.87
C GLN E 60 -57.27 -7.22 -18.46
N ASP E 61 -57.21 -8.10 -19.47
CA ASP E 61 -55.93 -8.40 -20.10
C ASP E 61 -55.34 -7.17 -20.76
N ILE E 62 -56.15 -6.40 -21.49
CA ILE E 62 -55.67 -5.18 -22.11
C ILE E 62 -55.21 -4.20 -21.04
N ILE E 63 -55.98 -4.07 -19.96
CA ILE E 63 -55.61 -3.17 -18.86
C ILE E 63 -54.25 -3.55 -18.30
N ASN E 64 -54.04 -4.85 -18.05
CA ASN E 64 -52.75 -5.29 -17.52
C ASN E 64 -51.63 -5.02 -18.49
N ASP E 65 -51.81 -5.36 -19.77
CA ASP E 65 -50.76 -5.16 -20.75
C ASP E 65 -50.35 -3.70 -20.81
N VAL E 66 -51.33 -2.79 -20.87
CA VAL E 66 -51.02 -1.37 -20.97
C VAL E 66 -50.42 -0.86 -19.65
N LEU E 67 -50.90 -1.36 -18.51
CA LEU E 67 -50.57 -0.82 -17.20
C LEU E 67 -49.88 -1.82 -16.29
N GLY E 68 -50.45 -3.02 -16.13
CA GLY E 68 -50.03 -3.95 -15.09
C GLY E 68 -48.76 -4.69 -15.45
N TYR E 69 -48.34 -5.54 -14.52
CA TYR E 69 -47.12 -6.34 -14.68
C TYR E 69 -47.38 -7.60 -15.49
N GLY E 70 -47.98 -7.46 -16.66
CA GLY E 70 -48.04 -8.51 -17.64
C GLY E 70 -48.43 -9.87 -17.09
N PRO E 71 -48.04 -10.94 -17.81
CA PRO E 71 -48.46 -12.29 -17.42
C PRO E 71 -47.92 -12.71 -16.06
N LEU E 72 -47.14 -11.86 -15.40
CA LEU E 72 -46.70 -12.18 -14.05
C LEU E 72 -47.80 -11.98 -13.02
N GLU E 73 -48.83 -11.21 -13.34
CA GLU E 73 -49.87 -10.94 -12.34
C GLU E 73 -50.52 -12.20 -11.81
N PRO E 74 -50.90 -13.18 -12.63
CA PRO E 74 -51.43 -14.43 -12.05
C PRO E 74 -50.48 -15.09 -11.07
N LEU E 75 -49.18 -15.03 -11.34
CA LEU E 75 -48.20 -15.71 -10.49
C LEU E 75 -47.96 -14.94 -9.19
N LEU E 76 -47.75 -13.62 -9.30
CA LEU E 76 -47.53 -12.84 -8.09
C LEU E 76 -48.72 -12.93 -7.14
N ALA E 77 -49.93 -13.08 -7.68
CA ALA E 77 -51.11 -13.15 -6.83
C ALA E 77 -51.09 -14.39 -5.94
N ARG E 78 -50.68 -15.54 -6.49
CA ARG E 78 -50.71 -16.77 -5.73
C ARG E 78 -49.77 -16.69 -4.54
N ASP E 79 -50.13 -17.39 -3.47
CA ASP E 79 -49.33 -17.42 -2.26
C ASP E 79 -48.52 -18.70 -2.09
N ASP E 80 -48.90 -19.79 -2.76
CA ASP E 80 -48.07 -20.99 -2.74
C ASP E 80 -46.82 -20.84 -3.59
N ILE E 81 -46.80 -19.88 -4.51
CA ILE E 81 -45.61 -19.59 -5.30
C ILE E 81 -44.57 -18.93 -4.39
N ALA E 82 -43.41 -19.56 -4.27
CA ALA E 82 -42.34 -19.02 -3.43
C ALA E 82 -41.40 -18.11 -4.20
N ASP E 83 -40.86 -18.59 -5.32
CA ASP E 83 -39.95 -17.82 -6.15
C ASP E 83 -40.41 -17.89 -7.59
N ILE E 84 -40.20 -16.80 -8.32
CA ILE E 84 -40.51 -16.70 -9.75
C ILE E 84 -39.22 -16.43 -10.49
N MET E 85 -38.91 -17.27 -11.48
CA MET E 85 -37.62 -17.24 -12.15
C MET E 85 -37.87 -17.22 -13.65
N VAL E 86 -37.72 -16.05 -14.26
CA VAL E 86 -37.99 -15.85 -15.67
C VAL E 86 -36.64 -15.73 -16.38
N ASN E 87 -36.23 -16.78 -17.09
CA ASN E 87 -35.03 -16.76 -17.91
C ASN E 87 -35.47 -16.48 -19.34
N GLY E 88 -35.12 -15.31 -19.86
CA GLY E 88 -35.55 -14.94 -21.19
C GLY E 88 -37.04 -14.74 -21.23
N ALA E 89 -37.57 -14.28 -22.36
CA ALA E 89 -38.99 -13.96 -22.46
C ALA E 89 -39.86 -15.17 -22.71
N HIS E 90 -39.29 -16.36 -22.94
CA HIS E 90 -40.07 -17.53 -23.34
C HIS E 90 -39.87 -18.71 -22.40
N ARG E 91 -39.39 -18.49 -21.18
CA ARG E 91 -39.24 -19.58 -20.22
C ARG E 91 -39.42 -19.03 -18.83
N VAL E 92 -40.39 -19.56 -18.10
CA VAL E 92 -40.73 -19.09 -16.76
C VAL E 92 -40.85 -20.31 -15.85
N PHE E 93 -40.10 -20.32 -14.76
CA PHE E 93 -40.19 -21.35 -13.74
C PHE E 93 -40.73 -20.72 -12.45
N ILE E 94 -41.32 -21.57 -11.61
CA ILE E 94 -41.82 -21.13 -10.32
C ILE E 94 -41.53 -22.23 -9.30
N GLU E 95 -41.27 -21.82 -8.06
CA GLU E 95 -41.02 -22.76 -6.98
C GLU E 95 -42.28 -22.88 -6.15
N VAL E 96 -42.85 -24.08 -6.11
CA VAL E 96 -44.09 -24.36 -5.39
C VAL E 96 -43.84 -25.55 -4.47
N GLY E 97 -43.92 -25.31 -3.17
CA GLY E 97 -43.73 -26.38 -2.21
C GLY E 97 -42.30 -26.84 -2.02
N GLY E 98 -41.33 -26.09 -2.54
CA GLY E 98 -39.94 -26.48 -2.45
C GLY E 98 -39.42 -27.30 -3.61
N LYS E 99 -40.13 -27.32 -4.73
CA LYS E 99 -39.74 -28.10 -5.90
C LYS E 99 -40.03 -27.27 -7.13
N VAL E 100 -38.97 -26.72 -7.74
CA VAL E 100 -39.17 -25.84 -8.89
C VAL E 100 -39.88 -26.60 -10.01
N GLN E 101 -40.55 -25.86 -10.88
CA GLN E 101 -41.26 -26.46 -11.99
C GLN E 101 -41.49 -25.42 -13.06
N LEU E 102 -41.41 -25.84 -14.32
CA LEU E 102 -41.69 -24.96 -15.44
C LEU E 102 -43.18 -24.67 -15.51
N THR E 103 -43.54 -23.64 -16.28
CA THR E 103 -44.93 -23.29 -16.47
C THR E 103 -45.16 -22.87 -17.91
N ASN E 104 -46.42 -23.00 -18.34
CA ASN E 104 -46.84 -22.60 -19.69
C ASN E 104 -47.34 -21.16 -19.65
N VAL E 105 -46.41 -20.26 -19.34
CA VAL E 105 -46.41 -18.80 -19.21
C VAL E 105 -45.30 -18.25 -20.09
N ARG E 106 -45.62 -17.23 -20.87
CA ARG E 106 -44.64 -16.64 -21.76
C ARG E 106 -44.93 -15.15 -21.90
N PHE E 107 -43.89 -14.39 -22.21
CA PHE E 107 -44.01 -12.99 -22.52
C PHE E 107 -44.01 -12.78 -24.03
N ARG E 108 -44.44 -11.59 -24.45
CA ARG E 108 -44.49 -11.31 -25.88
C ARG E 108 -43.11 -11.41 -26.51
N ASP E 109 -42.11 -10.80 -25.88
CA ASP E 109 -40.73 -10.87 -26.35
C ASP E 109 -39.85 -10.16 -25.33
N ASN E 110 -38.54 -10.18 -25.58
CA ASN E 110 -37.60 -9.61 -24.62
C ASN E 110 -37.85 -8.13 -24.38
N LEU E 111 -38.38 -7.42 -25.38
CA LEU E 111 -38.67 -6.00 -25.17
C LEU E 111 -39.76 -5.82 -24.11
N GLN E 112 -40.83 -6.60 -24.21
CA GLN E 112 -41.87 -6.53 -23.18
C GLN E 112 -41.33 -6.95 -21.82
N LEU E 113 -40.48 -7.97 -21.80
CA LEU E 113 -39.91 -8.41 -20.53
C LEU E 113 -39.07 -7.31 -19.90
N MET E 114 -38.25 -6.62 -20.70
CA MET E 114 -37.46 -5.54 -20.16
C MET E 114 -38.35 -4.39 -19.69
N ASN E 115 -39.41 -4.11 -20.44
CA ASN E 115 -40.38 -3.10 -19.99
C ASN E 115 -40.93 -3.47 -18.62
N ILE E 116 -41.35 -4.72 -18.45
CA ILE E 116 -41.93 -5.15 -17.18
C ILE E 116 -40.91 -5.07 -16.07
N CYS E 117 -39.66 -5.47 -16.36
CA CYS E 117 -38.62 -5.42 -15.33
C CYS E 117 -38.35 -3.98 -14.90
N GLN E 118 -38.29 -3.05 -15.85
CA GLN E 118 -38.08 -1.66 -15.49
C GLN E 118 -39.25 -1.14 -14.66
N ARG E 119 -40.48 -1.50 -15.03
CA ARG E 119 -41.63 -1.09 -14.24
C ARG E 119 -41.55 -1.65 -12.82
N ILE E 120 -41.16 -2.91 -12.69
CA ILE E 120 -41.09 -3.54 -11.37
C ILE E 120 -40.05 -2.84 -10.51
N VAL E 121 -38.86 -2.60 -11.06
CA VAL E 121 -37.82 -1.99 -10.25
C VAL E 121 -38.06 -0.51 -10.02
N SER E 122 -38.94 0.12 -10.80
CA SER E 122 -39.23 1.53 -10.58
C SER E 122 -39.89 1.78 -9.23
N GLN E 123 -40.55 0.77 -8.65
CA GLN E 123 -41.23 0.97 -7.38
C GLN E 123 -40.29 1.55 -6.33
N VAL E 124 -39.03 1.13 -6.34
CA VAL E 124 -38.03 1.59 -5.39
C VAL E 124 -37.09 2.60 -6.01
N GLY E 125 -37.41 3.12 -7.19
CA GLY E 125 -36.60 4.16 -7.79
C GLY E 125 -35.23 3.72 -8.23
N ARG E 126 -35.06 2.46 -8.59
CA ARG E 126 -33.81 1.96 -9.14
C ARG E 126 -33.92 1.83 -10.65
N ARG E 127 -32.78 1.97 -11.32
CA ARG E 127 -32.72 2.01 -12.77
C ARG E 127 -32.00 0.77 -13.28
N VAL E 128 -32.65 0.05 -14.21
CA VAL E 128 -32.06 -1.11 -14.85
C VAL E 128 -32.18 -0.94 -16.36
N ASP E 129 -31.07 -1.08 -17.06
CA ASP E 129 -31.03 -0.86 -18.50
C ASP E 129 -29.65 -1.31 -18.99
N GLU E 130 -29.43 -1.19 -20.30
CA GLU E 130 -28.15 -1.59 -20.87
C GLU E 130 -26.99 -0.80 -20.29
N SER E 131 -27.25 0.41 -19.76
CA SER E 131 -26.18 1.18 -19.14
C SER E 131 -25.84 0.65 -17.75
N SER E 132 -26.85 0.21 -17.01
CA SER E 132 -26.67 -0.40 -15.69
C SER E 132 -27.42 -1.73 -15.69
N PRO E 133 -26.83 -2.79 -16.24
CA PRO E 133 -27.60 -3.99 -16.55
C PRO E 133 -28.00 -4.82 -15.33
N ILE E 134 -27.42 -4.58 -14.16
CA ILE E 134 -27.67 -5.39 -12.98
C ILE E 134 -28.46 -4.55 -11.97
N CYS E 135 -29.57 -5.10 -11.50
CA CYS E 135 -30.35 -4.45 -10.46
C CYS E 135 -30.74 -5.48 -9.41
N ASP E 136 -30.72 -5.08 -8.14
CA ASP E 136 -31.11 -5.97 -7.05
C ASP E 136 -31.66 -5.09 -5.93
N ALA E 137 -32.95 -5.25 -5.64
CA ALA E 137 -33.61 -4.39 -4.68
C ALA E 137 -34.62 -5.20 -3.88
N ARG E 138 -35.19 -4.55 -2.86
CA ARG E 138 -36.23 -5.13 -2.04
C ARG E 138 -37.51 -4.32 -2.24
N LEU E 139 -38.56 -4.99 -2.70
CA LEU E 139 -39.82 -4.32 -2.92
C LEU E 139 -40.50 -4.01 -1.59
N PRO E 140 -41.46 -3.08 -1.59
CA PRO E 140 -42.09 -2.70 -0.32
C PRO E 140 -42.67 -3.87 0.46
N ASP E 141 -43.25 -4.85 -0.22
CA ASP E 141 -43.89 -5.97 0.44
C ASP E 141 -42.90 -7.00 0.95
N GLY E 142 -41.60 -6.71 0.93
CA GLY E 142 -40.59 -7.61 1.45
C GLY E 142 -40.02 -8.57 0.43
N SER E 143 -40.59 -8.67 -0.76
CA SER E 143 -40.04 -9.53 -1.80
C SER E 143 -38.84 -8.86 -2.43
N ARG E 144 -37.86 -9.67 -2.82
CA ARG E 144 -36.61 -9.19 -3.40
C ARG E 144 -36.61 -9.44 -4.90
N VAL E 145 -36.26 -8.41 -5.66
CA VAL E 145 -36.26 -8.46 -7.12
C VAL E 145 -34.83 -8.34 -7.61
N ASN E 146 -34.42 -9.26 -8.47
CA ASN E 146 -33.12 -9.21 -9.11
C ASN E 146 -33.31 -9.30 -10.61
N VAL E 147 -32.66 -8.39 -11.35
CA VAL E 147 -32.83 -8.29 -12.79
C VAL E 147 -31.47 -8.17 -13.44
N ILE E 148 -31.26 -8.92 -14.52
CA ILE E 148 -30.04 -8.85 -15.32
C ILE E 148 -30.43 -8.62 -16.77
N ALA E 149 -29.77 -7.67 -17.42
CA ALA E 149 -30.20 -7.09 -18.68
C ALA E 149 -29.68 -7.91 -19.86
N PRO E 150 -30.18 -7.63 -21.05
CA PRO E 150 -29.80 -8.42 -22.24
C PRO E 150 -28.30 -8.38 -22.51
N PRO E 151 -27.62 -7.25 -22.29
CA PRO E 151 -26.17 -7.22 -22.60
C PRO E 151 -25.39 -8.31 -21.91
N LEU E 152 -25.74 -8.65 -20.66
CA LEU E 152 -25.08 -9.74 -19.95
C LEU E 152 -25.80 -11.05 -20.19
N ALA E 153 -27.07 -11.15 -19.80
CA ALA E 153 -27.82 -12.38 -19.99
C ALA E 153 -28.01 -12.63 -21.47
N LEU E 154 -27.31 -13.64 -22.00
CA LEU E 154 -27.35 -13.87 -23.44
C LEU E 154 -28.74 -14.27 -23.92
N ASP E 155 -29.44 -15.10 -23.15
CA ASP E 155 -30.74 -15.61 -23.56
C ASP E 155 -31.87 -14.58 -23.39
N GLY E 156 -31.55 -13.36 -22.98
CA GLY E 156 -32.56 -12.36 -22.74
C GLY E 156 -32.57 -11.93 -21.28
N PRO E 157 -33.38 -10.94 -20.94
CA PRO E 157 -33.41 -10.48 -19.55
C PRO E 157 -33.77 -11.62 -18.62
N THR E 158 -33.11 -11.64 -17.46
CA THR E 158 -33.40 -12.64 -16.43
C THR E 158 -33.95 -11.93 -15.21
N LEU E 159 -35.03 -12.46 -14.66
CA LEU E 159 -35.73 -11.87 -13.53
C LEU E 159 -35.90 -12.93 -12.47
N THR E 160 -35.61 -12.57 -11.21
CA THR E 160 -35.80 -13.47 -10.09
C THR E 160 -36.52 -12.70 -8.99
N ILE E 161 -37.72 -13.14 -8.65
CA ILE E 161 -38.53 -12.52 -7.60
C ILE E 161 -38.63 -13.53 -6.48
N ARG E 162 -38.03 -13.20 -5.34
CA ARG E 162 -38.00 -14.05 -4.16
C ARG E 162 -39.00 -13.48 -3.16
N LYS E 163 -40.15 -14.13 -3.03
CA LYS E 163 -41.15 -13.67 -2.08
C LYS E 163 -40.69 -13.96 -0.65
N PHE E 164 -41.30 -13.24 0.29
CA PHE E 164 -40.98 -13.42 1.70
C PHE E 164 -41.69 -14.65 2.23
N LYS E 165 -40.95 -15.52 2.92
CA LYS E 165 -41.52 -16.74 3.47
C LYS E 165 -42.38 -16.41 4.68
N LYS E 166 -43.67 -16.15 4.44
CA LYS E 166 -44.51 -15.60 5.48
C LYS E 166 -44.88 -16.63 6.54
N ASP E 167 -44.73 -17.92 6.27
CA ASP E 167 -45.08 -18.97 7.22
C ASP E 167 -43.78 -19.60 7.73
N LYS E 168 -43.38 -19.22 8.93
CA LYS E 168 -42.16 -19.72 9.53
C LYS E 168 -42.46 -20.92 10.41
N LEU E 169 -41.46 -21.79 10.58
CA LEU E 169 -41.58 -22.91 11.48
C LEU E 169 -41.46 -22.45 12.93
N THR E 170 -42.37 -22.92 13.77
CA THR E 170 -42.36 -22.60 15.18
C THR E 170 -41.60 -23.68 15.95
N MET E 171 -41.43 -23.46 17.26
CA MET E 171 -40.70 -24.44 18.05
C MET E 171 -41.43 -25.76 18.11
N LYS E 172 -42.76 -25.73 18.25
CA LYS E 172 -43.52 -26.97 18.25
C LYS E 172 -43.27 -27.76 16.97
N ASN E 173 -43.17 -27.06 15.83
CA ASN E 173 -42.90 -27.75 14.59
C ASN E 173 -41.54 -28.44 14.63
N LEU E 174 -40.53 -27.77 15.16
CA LEU E 174 -39.21 -28.40 15.26
C LEU E 174 -39.20 -29.53 16.29
N VAL E 175 -40.16 -29.55 17.22
CA VAL E 175 -40.26 -30.66 18.15
C VAL E 175 -40.93 -31.86 17.48
N GLU E 176 -41.94 -31.60 16.64
CA GLU E 176 -42.62 -32.68 15.96
C GLU E 176 -41.67 -33.43 15.03
N PHE E 177 -40.74 -32.72 14.39
CA PHE E 177 -39.82 -33.33 13.44
C PHE E 177 -38.72 -34.11 14.12
N ALA E 178 -38.75 -34.25 15.44
CA ALA E 178 -37.72 -34.95 16.19
C ALA E 178 -36.36 -34.29 16.03
N SER E 179 -36.34 -33.01 15.63
CA SER E 179 -35.08 -32.29 15.57
C SER E 179 -34.59 -31.93 16.97
N ILE E 180 -35.50 -31.78 17.92
CA ILE E 180 -35.14 -31.46 19.30
C ILE E 180 -36.18 -32.08 20.22
N SER E 181 -35.72 -32.88 21.19
CA SER E 181 -36.63 -33.52 22.11
C SER E 181 -37.34 -32.48 22.97
N PRO E 182 -38.53 -32.79 23.49
CA PRO E 182 -39.27 -31.78 24.27
C PRO E 182 -38.49 -31.23 25.46
N GLU E 183 -37.64 -32.04 26.09
CA GLU E 183 -36.75 -31.50 27.11
C GLU E 183 -35.83 -30.45 26.50
N GLY E 184 -35.31 -30.73 25.31
CA GLY E 184 -34.55 -29.72 24.61
C GLY E 184 -35.36 -28.47 24.35
N ALA E 185 -36.65 -28.63 24.03
CA ALA E 185 -37.50 -27.47 23.81
C ALA E 185 -37.64 -26.64 25.08
N ARG E 186 -37.81 -27.30 26.23
CA ARG E 186 -37.91 -26.56 27.48
C ARG E 186 -36.60 -25.82 27.78
N VAL E 187 -35.47 -26.48 27.56
CA VAL E 187 -34.19 -25.83 27.84
C VAL E 187 -33.97 -24.66 26.89
N LEU E 188 -34.39 -24.80 25.63
CA LEU E 188 -34.28 -23.68 24.71
C LEU E 188 -35.20 -22.53 25.12
N GLY E 189 -36.39 -22.84 25.61
CA GLY E 189 -37.25 -21.80 26.13
C GLY E 189 -36.60 -21.06 27.30
N VAL E 190 -35.96 -21.80 28.21
CA VAL E 190 -35.26 -21.17 29.31
C VAL E 190 -34.15 -20.27 28.78
N ILE E 191 -33.31 -20.81 27.89
CA ILE E 191 -32.17 -20.06 27.38
C ILE E 191 -32.61 -18.83 26.58
N GLY E 192 -33.81 -18.87 26.02
CA GLY E 192 -34.32 -17.72 25.30
C GLY E 192 -34.86 -16.66 26.22
N ALA E 193 -35.71 -17.06 27.17
CA ALA E 193 -36.28 -16.09 28.10
C ALA E 193 -35.27 -15.60 29.13
N CYS E 194 -34.17 -16.34 29.32
CA CYS E 194 -33.17 -16.02 30.32
C CYS E 194 -32.18 -14.95 29.87
N ARG E 195 -32.24 -14.53 28.62
CA ARG E 195 -31.32 -13.54 28.07
C ARG E 195 -29.88 -14.03 28.13
N CYS E 196 -29.62 -15.14 27.45
CA CYS E 196 -28.28 -15.67 27.26
C CYS E 196 -27.80 -15.31 25.86
N ASN E 197 -26.54 -14.91 25.75
CA ASN E 197 -25.97 -14.53 24.46
C ASN E 197 -25.60 -15.81 23.72
N LEU E 198 -26.37 -16.17 22.70
CA LEU E 198 -26.21 -17.43 22.01
C LEU E 198 -25.74 -17.23 20.57
N VAL E 199 -24.88 -18.13 20.14
CA VAL E 199 -24.36 -18.17 18.77
C VAL E 199 -24.77 -19.50 18.18
N ILE E 200 -25.63 -19.45 17.17
CA ILE E 200 -26.11 -20.67 16.50
C ILE E 200 -25.13 -21.01 15.38
N SER E 201 -24.60 -22.22 15.40
CA SER E 201 -23.65 -22.69 14.40
C SER E 201 -24.33 -23.68 13.46
N GLY E 202 -23.54 -24.30 12.59
CA GLY E 202 -24.06 -25.31 11.70
C GLY E 202 -23.61 -25.13 10.27
N GLY E 203 -23.63 -26.21 9.49
CA GLY E 203 -23.36 -26.10 8.08
C GLY E 203 -24.52 -25.51 7.32
N THR E 204 -24.22 -25.01 6.13
CA THR E 204 -25.24 -24.33 5.33
C THR E 204 -26.40 -25.28 5.04
N GLY E 205 -27.60 -24.73 5.10
CA GLY E 205 -28.80 -25.52 4.93
C GLY E 205 -29.20 -26.29 6.17
N SER E 206 -28.44 -26.17 7.26
CA SER E 206 -28.74 -26.91 8.48
C SER E 206 -29.89 -26.33 9.27
N GLY E 207 -30.35 -25.13 8.94
CA GLY E 207 -31.51 -24.56 9.60
C GLY E 207 -31.17 -23.61 10.73
N LYS E 208 -30.12 -22.82 10.56
CA LYS E 208 -29.74 -21.87 11.60
C LYS E 208 -30.72 -20.72 11.69
N THR E 209 -31.11 -20.15 10.56
CA THR E 209 -32.01 -18.99 10.58
C THR E 209 -33.37 -19.35 11.16
N THR E 210 -33.90 -20.52 10.80
CA THR E 210 -35.18 -20.92 11.36
C THR E 210 -35.08 -21.13 12.86
N LEU E 211 -33.98 -21.72 13.33
CA LEU E 211 -33.80 -21.89 14.77
C LEU E 211 -33.71 -20.54 15.47
N LEU E 212 -33.00 -19.59 14.87
CA LEU E 212 -32.92 -18.26 15.46
C LEU E 212 -34.28 -17.60 15.53
N ASN E 213 -35.07 -17.72 14.47
CA ASN E 213 -36.39 -17.10 14.47
C ASN E 213 -37.31 -17.75 15.48
N THR E 214 -37.18 -19.07 15.69
CA THR E 214 -37.97 -19.71 16.73
C THR E 214 -37.52 -19.26 18.11
N MET E 215 -36.22 -19.14 18.33
CA MET E 215 -35.71 -18.68 19.62
C MET E 215 -36.22 -17.27 19.92
N THR E 216 -36.26 -16.41 18.92
CA THR E 216 -36.77 -15.07 19.15
C THR E 216 -38.24 -15.04 19.50
N ALA E 217 -38.93 -16.17 19.68
CA ALA E 217 -40.28 -16.14 20.18
C ALA E 217 -40.34 -16.06 21.70
N PHE E 218 -39.23 -16.35 22.38
CA PHE E 218 -39.16 -16.29 23.83
C PHE E 218 -38.78 -14.91 24.36
N ILE E 219 -38.48 -13.97 23.47
CA ILE E 219 -38.10 -12.63 23.90
C ILE E 219 -39.29 -11.97 24.60
N ASP E 220 -39.02 -11.37 25.76
CA ASP E 220 -40.08 -10.69 26.48
C ASP E 220 -40.61 -9.53 25.63
N PRO E 221 -41.93 -9.34 25.57
CA PRO E 221 -42.47 -8.32 24.66
C PRO E 221 -42.00 -6.91 24.96
N THR E 222 -41.59 -6.60 26.19
CA THR E 222 -41.26 -5.23 26.57
C THR E 222 -39.86 -4.81 26.15
N GLU E 223 -39.07 -5.71 25.58
CA GLU E 223 -37.69 -5.40 25.22
C GLU E 223 -37.63 -4.74 23.85
N ARG E 224 -36.70 -3.79 23.72
CA ARG E 224 -36.44 -3.13 22.45
C ARG E 224 -35.40 -3.96 21.70
N VAL E 225 -35.84 -4.68 20.68
CA VAL E 225 -34.97 -5.57 19.91
C VAL E 225 -34.57 -4.87 18.63
N VAL E 226 -33.33 -5.11 18.20
CA VAL E 226 -32.80 -4.58 16.96
C VAL E 226 -32.20 -5.74 16.18
N THR E 227 -32.68 -5.95 14.96
CA THR E 227 -32.25 -7.09 14.14
C THR E 227 -31.52 -6.56 12.92
N CYS E 228 -30.22 -6.84 12.84
CA CYS E 228 -29.43 -6.51 11.67
C CYS E 228 -29.42 -7.69 10.72
N GLU E 229 -29.57 -7.41 9.43
CA GLU E 229 -29.68 -8.46 8.44
C GLU E 229 -29.06 -8.00 7.13
N ASP E 230 -28.58 -8.97 6.34
CA ASP E 230 -28.22 -8.69 4.96
C ASP E 230 -29.43 -8.79 4.05
N ALA E 231 -30.39 -9.65 4.40
CA ALA E 231 -31.65 -9.75 3.68
C ALA E 231 -32.72 -10.14 4.69
N ALA E 232 -33.83 -9.40 4.69
CA ALA E 232 -34.86 -9.61 5.70
C ALA E 232 -35.38 -11.04 5.66
N GLU E 233 -35.12 -11.80 6.71
CA GLU E 233 -35.63 -13.17 6.83
C GLU E 233 -36.33 -13.41 8.16
N LEU E 234 -35.81 -12.86 9.25
CA LEU E 234 -36.45 -13.06 10.54
C LEU E 234 -37.79 -12.34 10.58
N GLN E 235 -38.75 -12.94 11.29
CA GLN E 235 -40.09 -12.38 11.45
C GLN E 235 -40.44 -12.51 12.93
N LEU E 236 -40.15 -11.46 13.69
CA LEU E 236 -40.42 -11.45 15.11
C LEU E 236 -41.83 -10.92 15.38
N GLN E 237 -42.47 -11.48 16.40
CA GLN E 237 -43.82 -11.10 16.78
C GLN E 237 -43.87 -9.97 17.81
N GLN E 238 -42.73 -9.58 18.37
CA GLN E 238 -42.74 -8.57 19.41
C GLN E 238 -43.21 -7.24 18.85
N PRO E 239 -43.79 -6.37 19.69
CA PRO E 239 -44.29 -5.08 19.21
C PRO E 239 -43.25 -3.99 19.15
N HIS E 240 -42.02 -4.25 19.58
CA HIS E 240 -40.99 -3.24 19.75
C HIS E 240 -39.70 -3.67 19.07
N VAL E 241 -39.80 -4.12 17.83
CA VAL E 241 -38.65 -4.61 17.08
C VAL E 241 -38.27 -3.56 16.04
N VAL E 242 -36.99 -3.25 15.95
CA VAL E 242 -36.44 -2.34 14.96
C VAL E 242 -35.67 -3.17 13.94
N ARG E 243 -36.06 -3.08 12.68
CA ARG E 243 -35.52 -3.91 11.62
C ARG E 243 -34.60 -3.07 10.75
N LEU E 244 -33.33 -3.46 10.66
CA LEU E 244 -32.34 -2.80 9.84
C LEU E 244 -31.94 -3.73 8.69
N GLU E 245 -31.08 -3.22 7.81
CA GLU E 245 -30.63 -4.01 6.68
C GLU E 245 -29.46 -3.33 5.99
N THR E 246 -28.38 -4.08 5.75
CA THR E 246 -27.20 -3.50 5.13
C THR E 246 -27.52 -3.07 3.70
N ARG E 247 -26.64 -2.23 3.15
CA ARG E 247 -26.78 -1.74 1.78
C ARG E 247 -25.47 -2.03 1.04
N PRO E 248 -25.48 -2.84 0.00
CA PRO E 248 -24.23 -3.18 -0.69
C PRO E 248 -23.73 -2.00 -1.51
N PRO E 249 -22.45 -1.97 -1.84
CA PRO E 249 -21.93 -0.87 -2.66
C PRO E 249 -22.61 -0.82 -4.02
N ASN E 250 -22.77 0.39 -4.53
CA ASN E 250 -23.49 0.61 -5.78
C ASN E 250 -22.59 0.26 -6.96
N LEU E 251 -23.02 0.62 -8.17
CA LEU E 251 -22.23 0.34 -9.36
C LEU E 251 -20.87 1.04 -9.29
N GLU E 252 -20.86 2.29 -8.82
CA GLU E 252 -19.61 3.04 -8.76
C GLU E 252 -18.63 2.42 -7.77
N GLY E 253 -19.13 1.79 -6.72
CA GLY E 253 -18.27 1.26 -5.68
C GLY E 253 -18.21 2.18 -4.48
N SER E 254 -19.36 2.74 -4.10
CA SER E 254 -19.42 3.68 -2.99
C SER E 254 -20.82 3.62 -2.38
N GLY E 255 -20.95 4.22 -1.21
CA GLY E 255 -22.23 4.21 -0.51
C GLY E 255 -22.59 2.89 0.11
N ALA E 256 -21.61 2.15 0.62
CA ALA E 256 -21.87 0.86 1.23
C ALA E 256 -21.99 1.01 2.74
N VAL E 257 -22.96 0.31 3.31
CA VAL E 257 -23.20 0.27 4.74
C VAL E 257 -23.06 -1.19 5.17
N THR E 258 -21.89 -1.56 5.67
CA THR E 258 -21.62 -2.93 6.05
C THR E 258 -22.31 -3.27 7.37
N MET E 259 -22.43 -4.57 7.64
CA MET E 259 -23.02 -5.01 8.90
C MET E 259 -22.26 -4.46 10.09
N ARG E 260 -20.95 -4.26 9.94
CA ARG E 260 -20.17 -3.70 11.03
C ARG E 260 -20.71 -2.32 11.43
N ASP E 261 -21.01 -1.48 10.44
CA ASP E 261 -21.54 -0.17 10.75
C ASP E 261 -22.90 -0.25 11.41
N LEU E 262 -23.75 -1.16 10.92
CA LEU E 262 -25.07 -1.30 11.53
C LEU E 262 -24.96 -1.69 12.99
N VAL E 263 -24.05 -2.62 13.32
CA VAL E 263 -23.93 -3.05 14.71
C VAL E 263 -23.32 -1.94 15.56
N LYS E 264 -22.29 -1.27 15.04
CA LYS E 264 -21.68 -0.20 15.81
C LYS E 264 -22.66 0.92 16.08
N ASN E 265 -23.64 1.11 15.19
CA ASN E 265 -24.68 2.10 15.47
C ASN E 265 -25.73 1.55 16.42
N CYS E 266 -26.10 0.27 16.27
CA CYS E 266 -27.06 -0.33 17.20
C CYS E 266 -26.56 -0.24 18.63
N LEU E 267 -25.24 -0.22 18.82
CA LEU E 267 -24.73 0.01 20.16
C LEU E 267 -25.17 1.36 20.70
N ARG E 268 -25.55 2.29 19.85
CA ARG E 268 -25.96 3.63 20.27
C ARG E 268 -27.47 3.83 20.26
N MET E 269 -28.24 2.84 19.82
CA MET E 269 -29.69 2.96 19.73
C MET E 269 -30.39 2.56 21.02
N ARG E 270 -29.64 2.25 22.07
CA ARG E 270 -30.23 1.83 23.34
C ARG E 270 -31.07 0.59 23.18
N PRO E 271 -30.60 -0.46 22.51
CA PRO E 271 -31.36 -1.70 22.44
C PRO E 271 -31.13 -2.56 23.67
N GLU E 272 -32.02 -3.53 23.85
CA GLU E 272 -31.82 -4.54 24.87
C GLU E 272 -31.40 -5.88 24.30
N ARG E 273 -31.66 -6.12 23.02
CA ARG E 273 -31.14 -7.29 22.32
C ARG E 273 -30.72 -6.87 20.93
N ILE E 274 -29.56 -7.34 20.50
CA ILE E 274 -29.10 -7.18 19.12
C ILE E 274 -29.05 -8.57 18.49
N ILE E 275 -29.69 -8.72 17.34
CA ILE E 275 -29.85 -10.03 16.70
C ILE E 275 -29.24 -9.91 15.31
N VAL E 276 -27.95 -10.25 15.19
CA VAL E 276 -27.30 -10.20 13.90
C VAL E 276 -27.75 -11.38 13.06
N GLY E 277 -28.25 -11.09 11.85
CA GLY E 277 -28.80 -12.16 11.02
C GLY E 277 -27.81 -13.27 10.77
N GLU E 278 -26.56 -12.92 10.45
CA GLU E 278 -25.51 -13.91 10.30
C GLU E 278 -24.17 -13.20 10.33
N VAL E 279 -23.23 -13.74 11.10
CA VAL E 279 -21.92 -13.14 11.25
C VAL E 279 -21.00 -13.67 10.16
N ARG E 280 -20.41 -12.76 9.38
CA ARG E 280 -19.53 -13.15 8.29
C ARG E 280 -18.22 -12.39 8.25
N GLY E 281 -18.11 -11.22 8.87
CA GLY E 281 -16.92 -10.42 8.78
C GLY E 281 -16.43 -9.98 10.14
N PRO E 282 -15.77 -8.83 10.21
CA PRO E 282 -15.27 -8.34 11.51
C PRO E 282 -16.38 -7.91 12.46
N GLU E 283 -17.63 -7.79 12.00
CA GLU E 283 -18.69 -7.37 12.89
C GLU E 283 -18.82 -8.29 14.09
N ALA E 284 -18.38 -9.54 13.97
CA ALA E 284 -18.32 -10.41 15.13
C ALA E 284 -17.79 -9.66 16.33
N PHE E 285 -16.64 -9.01 16.18
CA PHE E 285 -16.08 -8.23 17.28
C PHE E 285 -17.14 -7.37 17.94
N ASP E 286 -17.73 -6.46 17.18
CA ASP E 286 -18.74 -5.57 17.73
C ASP E 286 -19.85 -6.36 18.41
N LEU E 287 -20.33 -7.42 17.74
CA LEU E 287 -21.37 -8.23 18.33
C LEU E 287 -20.97 -8.69 19.72
N LEU E 288 -19.77 -9.25 19.85
CA LEU E 288 -19.32 -9.68 21.17
C LEU E 288 -19.25 -8.50 22.12
N GLN E 289 -18.74 -7.37 21.65
CA GLN E 289 -18.73 -6.17 22.48
C GLN E 289 -20.14 -5.82 22.94
N ALA E 290 -21.13 -5.99 22.07
CA ALA E 290 -22.51 -5.78 22.49
C ALA E 290 -22.90 -6.78 23.56
N MET E 291 -22.55 -8.05 23.37
CA MET E 291 -22.90 -9.06 24.36
C MET E 291 -22.25 -8.79 25.70
N ASN E 292 -21.15 -8.04 25.72
CA ASN E 292 -20.34 -7.85 26.91
C ASN E 292 -20.41 -6.43 27.45
N THR E 293 -21.43 -5.67 27.06
CA THR E 293 -21.60 -4.30 27.56
C THR E 293 -23.06 -4.03 27.87
N GLY E 294 -23.74 -5.00 28.47
CA GLY E 294 -25.08 -4.82 28.98
C GLY E 294 -26.19 -5.23 28.04
N HIS E 295 -25.90 -5.46 26.77
CA HIS E 295 -26.93 -5.90 25.84
C HIS E 295 -27.07 -7.42 25.89
N ASP E 296 -27.24 -7.95 27.10
CA ASP E 296 -27.38 -9.40 27.25
C ASP E 296 -28.62 -9.89 26.52
N GLY E 297 -28.52 -11.08 25.96
CA GLY E 297 -29.59 -11.66 25.18
C GLY E 297 -29.39 -11.56 23.69
N SER E 298 -28.36 -10.85 23.23
CA SER E 298 -28.07 -10.79 21.81
C SER E 298 -27.93 -12.20 21.25
N MET E 299 -28.11 -12.32 19.94
CA MET E 299 -28.02 -13.60 19.28
C MET E 299 -27.26 -13.43 17.97
N GLY E 300 -26.63 -14.52 17.54
CA GLY E 300 -25.93 -14.48 16.27
C GLY E 300 -25.97 -15.86 15.63
N THR E 301 -25.60 -15.89 14.35
CA THR E 301 -25.44 -17.15 13.64
C THR E 301 -24.21 -17.06 12.76
N LEU E 302 -23.45 -18.14 12.69
CA LEU E 302 -22.29 -18.21 11.81
C LEU E 302 -22.24 -19.58 11.15
N HIS E 303 -21.26 -19.76 10.28
CA HIS E 303 -21.09 -20.99 9.52
C HIS E 303 -19.94 -21.79 10.11
N ALA E 304 -20.27 -22.92 10.72
CA ALA E 304 -19.27 -23.82 11.27
C ALA E 304 -19.93 -25.19 11.47
N ASN E 305 -19.09 -26.20 11.61
CA ASN E 305 -19.59 -27.57 11.78
C ASN E 305 -19.60 -28.03 13.23
N SER E 306 -18.68 -27.54 14.05
CA SER E 306 -18.61 -27.92 15.45
C SER E 306 -18.47 -26.67 16.32
N PRO E 307 -18.97 -26.71 17.56
CA PRO E 307 -18.83 -25.52 18.42
C PRO E 307 -17.40 -25.04 18.54
N ARG E 308 -16.44 -25.96 18.63
CA ARG E 308 -15.05 -25.54 18.68
C ARG E 308 -14.64 -24.89 17.36
N GLU E 309 -15.11 -25.42 16.24
CA GLU E 309 -14.87 -24.76 14.96
C GLU E 309 -15.52 -23.39 14.93
N ALA E 310 -16.72 -23.26 15.51
CA ALA E 310 -17.36 -21.96 15.57
C ALA E 310 -16.52 -20.96 16.35
N ILE E 311 -15.97 -21.41 17.48
CA ILE E 311 -15.11 -20.53 18.27
C ILE E 311 -13.87 -20.13 17.49
N SER E 312 -13.26 -21.09 16.79
CA SER E 312 -12.08 -20.78 16.00
C SER E 312 -12.40 -19.76 14.91
N ARG E 313 -13.57 -19.91 14.27
CA ARG E 313 -13.94 -18.96 13.23
C ARG E 313 -14.28 -17.58 13.81
N ILE E 314 -14.84 -17.54 15.01
CA ILE E 314 -15.04 -16.25 15.67
C ILE E 314 -13.70 -15.56 15.89
N GLU E 315 -12.71 -16.31 16.38
CA GLU E 315 -11.38 -15.73 16.54
C GLU E 315 -10.83 -15.26 15.21
N SER E 316 -11.03 -16.05 14.15
CA SER E 316 -10.52 -15.68 12.84
C SER E 316 -11.15 -14.37 12.36
N MET E 317 -12.46 -14.23 12.53
CA MET E 317 -13.12 -13.00 12.11
C MET E 317 -12.63 -11.81 12.92
N ILE E 318 -12.53 -11.96 14.23
CA ILE E 318 -12.08 -10.84 15.06
C ILE E 318 -10.67 -10.44 14.66
N THR E 319 -9.82 -11.41 14.33
CA THR E 319 -8.49 -11.09 13.82
C THR E 319 -8.58 -10.39 12.47
N MET E 320 -9.50 -10.83 11.62
CA MET E 320 -9.73 -10.16 10.34
C MET E 320 -10.08 -8.70 10.56
N GLY E 321 -10.66 -8.38 11.72
CA GLY E 321 -10.94 -6.98 12.02
C GLY E 321 -9.70 -6.11 12.02
N GLY E 322 -8.56 -6.68 12.41
CA GLY E 322 -7.32 -5.94 12.40
C GLY E 322 -7.13 -5.01 13.57
N TYR E 323 -7.70 -5.34 14.73
CA TYR E 323 -7.56 -4.51 15.91
C TYR E 323 -6.28 -4.77 16.68
N GLY E 324 -5.43 -5.67 16.20
CA GLY E 324 -4.18 -5.96 16.88
C GLY E 324 -4.37 -6.62 18.24
N LEU E 325 -5.28 -7.58 18.33
CA LEU E 325 -5.53 -8.29 19.58
C LEU E 325 -4.88 -9.66 19.54
N PRO E 326 -4.12 -10.06 20.56
CA PRO E 326 -3.53 -11.40 20.55
C PRO E 326 -4.61 -12.47 20.74
N SER E 327 -4.19 -13.72 20.54
CA SER E 327 -5.14 -14.82 20.58
C SER E 327 -5.79 -14.96 21.96
N LYS E 328 -5.00 -14.83 23.02
CA LYS E 328 -5.56 -15.01 24.36
C LYS E 328 -6.59 -13.93 24.67
N THR E 329 -6.34 -12.69 24.23
CA THR E 329 -7.33 -11.64 24.45
C THR E 329 -8.65 -11.98 23.77
N ILE E 330 -8.58 -12.48 22.55
CA ILE E 330 -9.80 -12.82 21.81
C ILE E 330 -10.50 -14.00 22.47
N LYS E 331 -9.74 -14.97 22.96
CA LYS E 331 -10.36 -16.10 23.65
C LYS E 331 -11.05 -15.66 24.93
N GLU E 332 -10.43 -14.77 25.68
CA GLU E 332 -11.07 -14.24 26.88
C GLU E 332 -12.32 -13.47 26.51
N MET E 333 -12.28 -12.69 25.44
CA MET E 333 -13.46 -11.96 24.99
C MET E 333 -14.60 -12.93 24.65
N ILE E 334 -14.28 -14.00 23.92
CA ILE E 334 -15.30 -14.97 23.55
C ILE E 334 -15.87 -15.63 24.79
N VAL E 335 -15.01 -15.97 25.74
CA VAL E 335 -15.48 -16.61 26.97
C VAL E 335 -16.43 -15.67 27.72
N GLY E 336 -16.07 -14.40 27.83
CA GLY E 336 -16.88 -13.46 28.59
C GLY E 336 -18.17 -13.10 27.91
N SER E 337 -18.18 -13.05 26.59
CA SER E 337 -19.36 -12.59 25.86
C SER E 337 -20.35 -13.73 25.63
N VAL E 338 -19.91 -14.77 24.93
CA VAL E 338 -20.81 -15.86 24.58
C VAL E 338 -21.13 -16.69 25.82
N ASP E 339 -22.36 -17.20 25.88
CA ASP E 339 -22.79 -18.09 26.95
C ASP E 339 -23.15 -19.47 26.42
N VAL E 340 -23.94 -19.55 25.36
CA VAL E 340 -24.40 -20.82 24.81
C VAL E 340 -24.05 -20.85 23.33
N ILE E 341 -23.85 -22.06 22.81
CA ILE E 341 -23.59 -22.28 21.39
C ILE E 341 -24.47 -23.44 20.96
N ILE E 342 -25.50 -23.16 20.18
CA ILE E 342 -26.40 -24.20 19.70
C ILE E 342 -25.94 -24.64 18.32
N GLN E 343 -25.59 -25.90 18.19
CA GLN E 343 -25.05 -26.45 16.95
C GLN E 343 -26.13 -27.30 16.30
N ALA E 344 -26.67 -26.81 15.19
CA ALA E 344 -27.53 -27.59 14.31
C ALA E 344 -26.68 -28.19 13.21
N ALA E 345 -27.28 -29.12 12.46
CA ALA E 345 -26.55 -29.78 11.39
C ALA E 345 -27.54 -30.56 10.53
N ARG E 346 -27.10 -30.85 9.31
CA ARG E 346 -27.86 -31.68 8.37
C ARG E 346 -27.11 -32.99 8.21
N LEU E 347 -27.80 -34.09 8.45
CA LEU E 347 -27.15 -35.39 8.58
C LEU E 347 -26.90 -36.00 7.20
N ARG E 348 -26.33 -37.20 7.22
CA ARG E 348 -26.00 -37.88 5.96
C ARG E 348 -27.24 -38.11 5.11
N ASP E 349 -28.36 -38.45 5.73
CA ASP E 349 -29.58 -38.75 5.02
C ASP E 349 -30.40 -37.51 4.70
N GLY E 350 -29.81 -36.33 4.81
CA GLY E 350 -30.51 -35.10 4.52
C GLY E 350 -31.35 -34.57 5.65
N SER E 351 -31.40 -35.25 6.80
CA SER E 351 -32.21 -34.82 7.92
C SER E 351 -31.45 -33.82 8.77
N ARG E 352 -32.19 -32.85 9.32
CA ARG E 352 -31.63 -31.80 10.16
C ARG E 352 -32.01 -32.05 11.61
N ARG E 353 -31.02 -31.99 12.49
CA ARG E 353 -31.23 -32.25 13.91
C ARG E 353 -30.27 -31.41 14.72
N ILE E 354 -30.76 -30.76 15.76
CA ILE E 354 -29.91 -29.94 16.62
C ILE E 354 -28.96 -30.88 17.36
N THR E 355 -27.67 -30.80 17.04
CA THR E 355 -26.73 -31.79 17.52
C THR E 355 -26.04 -31.40 18.81
N HIS E 356 -26.00 -30.12 19.17
CA HIS E 356 -25.37 -29.77 20.45
C HIS E 356 -26.01 -28.52 21.03
N ILE E 357 -25.99 -28.45 22.36
CA ILE E 357 -26.26 -27.22 23.11
C ILE E 357 -25.07 -27.05 24.04
N THR E 358 -24.02 -26.39 23.57
CA THR E 358 -22.77 -26.29 24.27
C THR E 358 -22.73 -25.01 25.11
N GLU E 359 -21.81 -24.95 26.06
CA GLU E 359 -21.63 -23.77 26.89
C GLU E 359 -20.14 -23.45 26.96
N VAL E 360 -19.78 -22.20 26.77
CA VAL E 360 -18.39 -21.79 26.89
C VAL E 360 -18.07 -21.71 28.39
N VAL E 361 -17.48 -22.76 28.93
CA VAL E 361 -17.29 -22.83 30.38
C VAL E 361 -16.24 -21.83 30.83
N GLY E 362 -15.13 -21.73 30.13
CA GLY E 362 -14.10 -20.77 30.50
C GLY E 362 -12.76 -21.16 29.93
N LEU E 363 -11.84 -20.20 30.01
CA LEU E 363 -10.49 -20.42 29.52
C LEU E 363 -9.70 -21.29 30.50
N GLU E 364 -8.80 -22.10 29.94
CA GLU E 364 -7.90 -22.93 30.74
C GLU E 364 -6.59 -23.05 29.97
N GLY E 365 -5.61 -22.23 30.33
CA GLY E 365 -4.39 -22.17 29.57
C GLY E 365 -4.56 -21.33 28.32
N ASP E 366 -4.63 -21.98 27.16
CA ASP E 366 -4.87 -21.29 25.90
C ASP E 366 -5.91 -22.03 25.08
N VAL E 367 -6.83 -22.72 25.73
CA VAL E 367 -7.91 -23.45 25.07
C VAL E 367 -9.21 -23.17 25.79
N ILE E 368 -10.26 -22.94 25.03
CA ILE E 368 -11.57 -22.65 25.60
C ILE E 368 -12.27 -23.97 25.93
N VAL E 369 -12.67 -24.12 27.18
CA VAL E 369 -13.33 -25.34 27.62
C VAL E 369 -14.83 -25.22 27.34
N THR E 370 -15.47 -26.36 27.08
CA THR E 370 -16.89 -26.39 26.79
C THR E 370 -17.51 -27.62 27.41
N GLN E 371 -18.80 -27.52 27.71
CA GLN E 371 -19.57 -28.64 28.24
C GLN E 371 -20.91 -28.68 27.55
N ASP E 372 -21.30 -29.85 27.04
CA ASP E 372 -22.53 -29.99 26.27
C ASP E 372 -23.68 -30.37 27.20
N LEU E 373 -24.69 -29.50 27.27
CA LEU E 373 -25.88 -29.85 28.03
C LEU E 373 -26.65 -30.98 27.35
N PHE E 374 -26.75 -30.94 26.02
CA PHE E 374 -27.41 -31.96 25.24
C PHE E 374 -26.50 -32.39 24.11
N VAL E 375 -26.71 -33.62 23.62
CA VAL E 375 -26.05 -34.08 22.42
C VAL E 375 -26.94 -35.11 21.74
N TYR E 376 -26.84 -35.16 20.41
CA TYR E 376 -27.55 -36.14 19.60
C TYR E 376 -26.59 -37.27 19.29
N GLU E 377 -26.73 -38.37 20.02
CA GLU E 377 -25.88 -39.54 19.85
C GLU E 377 -26.42 -40.38 18.69
N ILE E 378 -25.57 -40.66 17.71
CA ILE E 378 -25.95 -41.47 16.55
C ILE E 378 -25.67 -42.93 16.91
N THR E 379 -26.74 -43.72 17.03
CA THR E 379 -26.59 -45.12 17.40
C THR E 379 -26.37 -45.99 16.16
N GLY E 380 -27.17 -45.79 15.12
CA GLY E 380 -27.05 -46.60 13.94
C GLY E 380 -27.91 -46.09 12.81
N GLU E 381 -28.11 -46.95 11.81
CA GLU E 381 -28.84 -46.60 10.60
C GLU E 381 -30.13 -47.39 10.52
N ASP E 382 -31.12 -46.80 9.85
CA ASP E 382 -32.39 -47.45 9.61
C ASP E 382 -32.28 -48.37 8.39
N GLU E 383 -33.34 -49.11 8.11
CA GLU E 383 -33.34 -50.01 6.97
C GLU E 383 -33.56 -49.28 5.65
N HIS E 384 -33.90 -48.00 5.69
CA HIS E 384 -34.06 -47.17 4.50
C HIS E 384 -32.84 -46.26 4.27
N GLY E 385 -31.73 -46.55 4.94
CA GLY E 385 -30.55 -45.71 4.86
C GLY E 385 -30.58 -44.50 5.78
N LYS E 386 -31.64 -44.32 6.55
CA LYS E 386 -31.73 -43.17 7.44
C LYS E 386 -30.75 -43.30 8.60
N VAL E 387 -30.51 -42.18 9.27
CA VAL E 387 -29.68 -42.14 10.46
C VAL E 387 -30.56 -42.23 11.68
N VAL E 388 -30.14 -43.02 12.66
CA VAL E 388 -30.88 -43.23 13.90
C VAL E 388 -30.05 -42.69 15.05
N GLY E 389 -30.65 -41.83 15.86
CA GLY E 389 -29.96 -41.27 17.00
C GLY E 389 -30.96 -40.76 18.01
N LYS E 390 -30.45 -40.46 19.20
CA LYS E 390 -31.26 -40.00 20.31
C LYS E 390 -30.62 -38.78 20.97
N HIS E 391 -31.46 -37.84 21.36
CA HIS E 391 -31.05 -36.67 22.11
C HIS E 391 -30.96 -37.04 23.58
N ARG E 392 -29.77 -36.94 24.18
CA ARG E 392 -29.63 -37.18 25.59
C ARG E 392 -28.85 -36.03 26.23
N SER E 393 -29.25 -35.70 27.46
CA SER E 393 -28.54 -34.71 28.24
C SER E 393 -27.28 -35.33 28.84
N THR E 394 -26.25 -34.52 28.99
CA THR E 394 -25.02 -35.01 29.61
C THR E 394 -25.12 -35.10 31.12
N GLY E 395 -26.31 -34.95 31.70
CA GLY E 395 -26.49 -35.08 33.13
C GLY E 395 -26.19 -33.84 33.94
N ILE E 396 -25.74 -32.76 33.30
CA ILE E 396 -25.46 -31.54 34.03
C ILE E 396 -26.74 -31.04 34.69
N ALA E 397 -26.61 -30.62 35.95
CA ALA E 397 -27.74 -30.09 36.70
C ALA E 397 -27.63 -28.60 36.98
N ARG E 398 -26.43 -28.05 36.98
CA ARG E 398 -26.19 -26.63 37.25
C ARG E 398 -25.35 -26.06 36.11
N PRO E 399 -25.97 -25.68 35.01
CA PRO E 399 -25.22 -25.07 33.90
C PRO E 399 -24.55 -23.78 34.35
N ARG E 400 -23.69 -23.25 33.48
CA ARG E 400 -22.99 -22.02 33.80
C ARG E 400 -23.97 -20.86 33.96
N PHE E 401 -25.10 -20.90 33.28
CA PHE E 401 -26.08 -19.82 33.33
C PHE E 401 -27.18 -20.07 34.37
N TRP E 402 -26.88 -20.82 35.42
CA TRP E 402 -27.89 -21.10 36.44
C TRP E 402 -28.36 -19.82 37.12
N ASP E 403 -27.42 -18.95 37.50
CA ASP E 403 -27.79 -17.72 38.18
C ASP E 403 -28.61 -16.82 37.26
N ARG E 404 -28.22 -16.73 35.99
CA ARG E 404 -28.96 -15.91 35.05
C ARG E 404 -30.38 -16.41 34.90
N ALA E 405 -30.57 -17.73 34.84
CA ALA E 405 -31.91 -18.30 34.74
C ALA E 405 -32.70 -18.04 36.01
N ARG E 406 -32.06 -18.18 37.17
CA ARG E 406 -32.76 -17.96 38.43
C ARG E 406 -33.22 -16.51 38.55
N TYR E 407 -32.40 -15.56 38.10
CA TYR E 407 -32.74 -14.16 38.28
C TYR E 407 -34.09 -13.83 37.67
N TYR E 408 -34.54 -14.59 36.67
CA TYR E 408 -35.82 -14.37 36.03
C TYR E 408 -36.90 -15.34 36.51
N GLY E 409 -36.65 -16.06 37.59
CA GLY E 409 -37.64 -16.99 38.09
C GLY E 409 -37.89 -18.17 37.19
N LEU E 410 -36.84 -18.72 36.58
CA LEU E 410 -36.93 -19.89 35.73
C LEU E 410 -36.09 -21.06 36.22
N GLU E 411 -35.42 -20.92 37.37
CA GLU E 411 -34.51 -21.97 37.82
C GLU E 411 -35.24 -23.29 37.96
N ARG E 412 -36.49 -23.27 38.40
CA ARG E 412 -37.23 -24.53 38.56
C ARG E 412 -37.55 -25.16 37.22
N GLU E 413 -37.92 -24.36 36.22
CA GLU E 413 -38.18 -24.90 34.89
C GLU E 413 -36.94 -25.57 34.34
N LEU E 414 -35.79 -24.90 34.44
CA LEU E 414 -34.54 -25.47 33.95
C LEU E 414 -34.20 -26.74 34.71
N ALA E 415 -34.36 -26.72 36.03
CA ALA E 415 -34.04 -27.90 36.83
C ALA E 415 -34.91 -29.07 36.42
N GLU E 416 -36.21 -28.84 36.24
CA GLU E 416 -37.11 -29.92 35.82
C GLU E 416 -36.73 -30.45 34.45
N ALA E 417 -36.44 -29.55 33.51
CA ALA E 417 -36.09 -30.00 32.16
C ALA E 417 -34.84 -30.86 32.19
N LEU E 418 -33.80 -30.40 32.88
CA LEU E 418 -32.56 -31.16 32.94
C LEU E 418 -32.75 -32.49 33.67
N ASP E 419 -33.52 -32.49 34.75
CA ASP E 419 -33.77 -33.75 35.46
C ASP E 419 -34.53 -34.74 34.60
N ALA E 420 -35.56 -34.27 33.89
CA ALA E 420 -36.31 -35.16 33.01
C ALA E 420 -35.41 -35.71 31.92
N ALA E 421 -34.56 -34.87 31.32
CA ALA E 421 -33.63 -35.36 30.32
C ALA E 421 -32.69 -36.40 30.93
N GLU E 422 -32.23 -36.15 32.16
CA GLU E 422 -31.35 -37.08 32.86
C GLU E 422 -32.06 -38.34 33.31
N ALA E 423 -33.39 -38.37 33.26
CA ALA E 423 -34.13 -39.57 33.64
C ALA E 423 -33.97 -40.69 32.65
N LEU E 424 -33.13 -40.52 31.64
CA LEU E 424 -32.87 -41.56 30.65
C LEU E 424 -31.41 -42.02 30.73
N ASP F 1 0.33 -7.88 -63.10
CA ASP F 1 1.25 -6.98 -62.39
C ASP F 1 0.61 -5.61 -62.20
N TYR F 2 -0.33 -5.27 -63.07
CA TYR F 2 -1.01 -3.98 -62.98
C TYR F 2 -1.98 -3.91 -61.80
N TYR F 3 -2.24 -5.03 -61.13
CA TYR F 3 -3.20 -5.02 -60.02
C TYR F 3 -2.76 -4.07 -58.92
N HIS F 4 -1.48 -4.14 -58.55
CA HIS F 4 -0.99 -3.31 -57.44
C HIS F 4 -1.05 -1.83 -57.78
N ALA F 5 -0.60 -1.45 -58.98
CA ALA F 5 -0.64 -0.05 -59.39
C ALA F 5 -2.07 0.44 -59.48
N THR F 6 -2.97 -0.37 -60.04
CA THR F 6 -4.37 0.01 -60.10
C THR F 6 -4.96 0.20 -58.71
N LYS F 7 -4.60 -0.69 -57.79
CA LYS F 7 -5.10 -0.56 -56.41
C LYS F 7 -4.60 0.72 -55.77
N THR F 8 -3.32 1.05 -55.96
CA THR F 8 -2.77 2.27 -55.38
C THR F 8 -3.46 3.50 -55.97
N THR F 9 -3.64 3.51 -57.29
CA THR F 9 -4.31 4.64 -57.94
C THR F 9 -5.73 4.78 -57.44
N ILE F 10 -6.46 3.67 -57.33
CA ILE F 10 -7.84 3.71 -56.88
C ILE F 10 -7.93 4.16 -55.43
N PHE F 11 -6.97 3.73 -54.59
CA PHE F 11 -6.97 4.18 -53.21
C PHE F 11 -6.72 5.68 -53.12
N ASN F 12 -5.77 6.19 -53.89
CA ASN F 12 -5.54 7.64 -53.91
C ASN F 12 -6.79 8.38 -54.38
N ALA F 13 -7.43 7.88 -55.42
CA ALA F 13 -8.63 8.54 -55.95
C ALA F 13 -9.77 8.50 -54.93
N LEU F 14 -9.95 7.37 -54.25
CA LEU F 14 -10.98 7.26 -53.24
C LEU F 14 -10.72 8.19 -52.06
N LEU F 15 -9.46 8.27 -51.62
CA LEU F 15 -9.12 9.20 -50.56
C LEU F 15 -9.41 10.64 -50.97
N ASN F 16 -9.06 10.99 -52.22
CA ASN F 16 -9.37 12.33 -52.70
C ASN F 16 -10.88 12.57 -52.71
N THR F 17 -11.66 11.58 -53.15
CA THR F 17 -13.11 11.74 -53.21
C THR F 17 -13.73 11.53 -51.82
N ILE F 18 -13.52 10.36 -51.24
CA ILE F 18 -14.04 10.03 -49.91
C ILE F 18 -12.86 9.65 -49.03
N ASP F 19 -12.42 10.59 -48.19
CA ASP F 19 -11.27 10.38 -47.33
C ASP F 19 -11.67 9.63 -46.07
N LEU F 20 -10.71 8.87 -45.52
CA LEU F 20 -10.98 8.08 -44.32
C LEU F 20 -11.42 8.96 -43.16
N SER F 21 -11.00 10.23 -43.15
CA SER F 21 -11.39 11.14 -42.08
C SER F 21 -12.90 11.33 -42.00
N GLN F 22 -13.62 11.00 -43.07
CA GLN F 22 -15.07 11.13 -43.09
C GLN F 22 -15.78 9.92 -42.49
N LEU F 23 -15.09 9.16 -41.64
CA LEU F 23 -15.70 7.99 -41.02
C LEU F 23 -16.95 8.39 -40.27
N ALA F 24 -17.95 7.51 -40.31
CA ALA F 24 -19.31 7.69 -39.81
C ALA F 24 -20.13 8.56 -40.76
N GLN F 25 -19.52 9.16 -41.78
CA GLN F 25 -20.22 9.87 -42.83
C GLN F 25 -20.07 9.08 -44.12
N LEU F 26 -21.19 8.89 -44.83
CA LEU F 26 -21.25 7.92 -45.92
C LEU F 26 -20.98 6.52 -45.38
N ASP F 27 -21.93 6.03 -44.58
CA ASP F 27 -21.73 4.83 -43.77
C ASP F 27 -21.80 3.59 -44.66
N LEU F 28 -21.84 2.42 -44.02
CA LEU F 28 -21.64 1.14 -44.69
C LEU F 28 -22.29 1.09 -46.07
N LYS F 29 -23.61 1.24 -46.14
CA LYS F 29 -24.30 1.21 -47.42
C LYS F 29 -23.95 2.44 -48.25
N GLN F 30 -23.90 3.61 -47.62
CA GLN F 30 -23.55 4.83 -48.34
C GLN F 30 -22.15 4.72 -48.93
N ALA F 31 -21.21 4.17 -48.17
CA ALA F 31 -19.87 3.95 -48.69
C ALA F 31 -19.89 2.92 -49.82
N GLY F 32 -20.60 1.81 -49.63
CA GLY F 32 -20.65 0.80 -50.66
C GLY F 32 -21.18 1.33 -51.97
N GLU F 33 -22.06 2.32 -51.91
CA GLU F 33 -22.57 2.94 -53.14
C GLU F 33 -21.62 4.00 -53.69
N GLU F 34 -21.16 4.90 -52.82
CA GLU F 34 -20.34 6.03 -53.27
C GLU F 34 -19.00 5.56 -53.80
N ILE F 35 -18.33 4.66 -53.08
CA ILE F 35 -17.04 4.16 -53.52
C ILE F 35 -17.18 3.40 -54.84
N ARG F 36 -18.25 2.64 -55.00
CA ARG F 36 -18.48 1.93 -56.25
C ARG F 36 -18.66 2.92 -57.40
N ASP F 37 -19.46 3.96 -57.18
CA ASP F 37 -19.67 4.96 -58.22
C ASP F 37 -18.35 5.68 -58.55
N ILE F 38 -17.56 5.98 -57.52
CA ILE F 38 -16.29 6.67 -57.74
C ILE F 38 -15.33 5.78 -58.52
N VAL F 39 -15.30 4.48 -58.20
CA VAL F 39 -14.43 3.56 -58.93
C VAL F 39 -14.87 3.43 -60.37
N ALA F 40 -16.18 3.38 -60.63
CA ALA F 40 -16.66 3.35 -61.99
C ALA F 40 -16.27 4.62 -62.74
N GLU F 41 -16.45 5.78 -62.11
CA GLU F 41 -16.09 7.04 -62.75
C GLU F 41 -14.60 7.12 -63.01
N LEU F 42 -13.78 6.55 -62.12
CA LEU F 42 -12.34 6.54 -62.34
C LEU F 42 -11.95 5.60 -63.47
N VAL F 43 -12.53 4.40 -63.49
CA VAL F 43 -12.27 3.47 -64.59
C VAL F 43 -12.65 4.09 -65.92
N ALA F 44 -13.69 4.93 -65.93
CA ALA F 44 -14.03 5.68 -67.14
C ALA F 44 -13.00 6.75 -67.46
N ILE F 45 -12.72 7.63 -66.48
CA ILE F 45 -11.80 8.74 -66.73
C ILE F 45 -10.37 8.23 -66.90
N LYS F 46 -9.92 7.36 -65.99
CA LYS F 46 -8.56 6.84 -66.03
C LYS F 46 -8.57 5.45 -66.65
N ASN F 47 -7.86 5.29 -67.76
CA ASN F 47 -7.83 4.02 -68.46
C ASN F 47 -7.03 3.00 -67.66
N VAL F 48 -7.60 1.81 -67.51
CA VAL F 48 -6.96 0.71 -66.80
C VAL F 48 -7.30 -0.59 -67.50
N SER F 49 -6.36 -1.53 -67.47
CA SER F 49 -6.59 -2.85 -68.06
C SER F 49 -7.66 -3.63 -67.34
N MET F 50 -8.06 -3.21 -66.13
CA MET F 50 -9.11 -3.89 -65.39
C MET F 50 -10.41 -3.88 -66.19
N SER F 51 -11.01 -5.05 -66.33
CA SER F 51 -12.27 -5.18 -67.05
C SER F 51 -13.44 -4.87 -66.11
N VAL F 52 -14.67 -5.17 -66.55
CA VAL F 52 -15.83 -4.95 -65.69
C VAL F 52 -15.73 -5.77 -64.42
N ALA F 53 -15.36 -7.04 -64.56
CA ALA F 53 -15.11 -7.86 -63.38
C ALA F 53 -13.97 -7.29 -62.54
N GLU F 54 -12.91 -6.83 -63.21
CA GLU F 54 -11.79 -6.24 -62.49
C GLU F 54 -12.20 -4.94 -61.80
N GLN F 55 -13.04 -4.14 -62.45
CA GLN F 55 -13.53 -2.91 -61.81
C GLN F 55 -14.37 -3.23 -60.58
N GLU F 56 -15.24 -4.24 -60.68
CA GLU F 56 -16.03 -4.66 -59.53
C GLU F 56 -15.13 -5.18 -58.42
N HIS F 57 -14.06 -5.88 -58.77
CA HIS F 57 -13.12 -6.37 -57.77
C HIS F 57 -12.35 -5.23 -57.11
N LEU F 58 -12.02 -4.19 -57.87
CA LEU F 58 -11.38 -3.02 -57.27
C LEU F 58 -12.32 -2.32 -56.30
N VAL F 59 -13.61 -2.22 -56.68
CA VAL F 59 -14.61 -1.72 -55.74
C VAL F 59 -14.67 -2.59 -54.49
N GLN F 60 -14.58 -3.91 -54.68
CA GLN F 60 -14.60 -4.82 -53.55
C GLN F 60 -13.40 -4.60 -52.64
N ASP F 61 -12.22 -4.39 -53.22
CA ASP F 61 -11.03 -4.13 -52.42
C ASP F 61 -11.15 -2.81 -51.67
N ILE F 62 -11.71 -1.79 -52.31
CA ILE F 62 -11.98 -0.54 -51.60
C ILE F 62 -12.93 -0.78 -50.44
N ILE F 63 -13.94 -1.62 -50.65
CA ILE F 63 -14.88 -1.95 -49.58
C ILE F 63 -14.14 -2.64 -48.44
N ASN F 64 -13.24 -3.56 -48.76
CA ASN F 64 -12.45 -4.23 -47.73
C ASN F 64 -11.62 -3.23 -46.94
N ASP F 65 -10.96 -2.31 -47.65
CA ASP F 65 -10.17 -1.29 -46.98
C ASP F 65 -11.02 -0.37 -46.12
N VAL F 66 -12.29 -0.19 -46.48
CA VAL F 66 -13.19 0.65 -45.71
C VAL F 66 -13.91 -0.15 -44.63
N LEU F 67 -14.17 -1.44 -44.88
CA LEU F 67 -14.95 -2.26 -43.97
C LEU F 67 -14.25 -3.55 -43.53
N GLY F 68 -13.37 -4.11 -44.35
CA GLY F 68 -12.84 -5.44 -44.15
C GLY F 68 -11.51 -5.46 -43.42
N TYR F 69 -10.85 -6.63 -43.47
CA TYR F 69 -9.60 -6.87 -42.78
C TYR F 69 -8.43 -7.05 -43.74
N GLY F 70 -8.54 -6.53 -44.95
CA GLY F 70 -7.47 -6.62 -45.90
C GLY F 70 -7.22 -8.05 -46.36
N PRO F 71 -5.99 -8.35 -46.78
CA PRO F 71 -5.73 -9.64 -47.44
C PRO F 71 -6.00 -10.86 -46.57
N LEU F 72 -6.46 -10.67 -45.34
CA LEU F 72 -6.85 -11.81 -44.51
C LEU F 72 -8.23 -12.34 -44.85
N GLU F 73 -9.05 -11.58 -45.57
CA GLU F 73 -10.41 -12.05 -45.86
C GLU F 73 -10.40 -13.33 -46.67
N PRO F 74 -9.60 -13.48 -47.73
CA PRO F 74 -9.58 -14.77 -48.44
C PRO F 74 -9.23 -15.94 -47.55
N LEU F 75 -8.37 -15.72 -46.55
CA LEU F 75 -7.94 -16.82 -45.69
C LEU F 75 -8.98 -17.14 -44.63
N LEU F 76 -9.41 -16.13 -43.87
CA LEU F 76 -10.41 -16.37 -42.85
C LEU F 76 -11.69 -16.96 -43.45
N ALA F 77 -11.97 -16.63 -44.71
CA ALA F 77 -13.16 -17.19 -45.36
C ALA F 77 -13.05 -18.72 -45.47
N ARG F 78 -11.87 -19.22 -45.84
CA ARG F 78 -11.70 -20.65 -46.00
C ARG F 78 -11.87 -21.36 -44.66
N ASP F 79 -12.28 -22.61 -44.72
CA ASP F 79 -12.51 -23.43 -43.53
C ASP F 79 -11.47 -24.52 -43.34
N ASP F 80 -10.86 -25.01 -44.41
CA ASP F 80 -9.80 -26.00 -44.26
C ASP F 80 -8.58 -25.43 -43.56
N ILE F 81 -8.42 -24.11 -43.54
CA ILE F 81 -7.29 -23.47 -42.90
C ILE F 81 -7.55 -23.44 -41.39
N ALA F 82 -6.63 -24.03 -40.63
CA ALA F 82 -6.79 -24.09 -39.18
C ALA F 82 -6.08 -22.97 -38.44
N ASP F 83 -4.95 -22.50 -38.97
CA ASP F 83 -4.17 -21.45 -38.33
C ASP F 83 -3.63 -20.50 -39.38
N ILE F 84 -3.49 -19.24 -39.00
CA ILE F 84 -2.94 -18.19 -39.85
C ILE F 84 -1.85 -17.48 -39.05
N MET F 85 -0.63 -17.49 -39.57
CA MET F 85 0.53 -16.95 -38.88
C MET F 85 1.18 -15.94 -39.80
N VAL F 86 1.35 -14.70 -39.33
CA VAL F 86 1.63 -13.58 -40.22
C VAL F 86 3.10 -13.18 -40.19
N ASN F 87 3.78 -13.37 -39.07
CA ASN F 87 5.23 -13.18 -38.95
C ASN F 87 5.71 -11.99 -39.78
N GLY F 88 5.16 -10.83 -39.49
CA GLY F 88 5.51 -9.64 -40.23
C GLY F 88 4.63 -9.44 -41.44
N ALA F 89 4.95 -8.41 -42.21
CA ALA F 89 4.08 -8.01 -43.30
C ALA F 89 4.29 -8.81 -44.58
N HIS F 90 5.37 -9.59 -44.67
CA HIS F 90 5.75 -10.22 -45.93
C HIS F 90 5.87 -11.74 -45.86
N ARG F 91 5.32 -12.38 -44.83
CA ARG F 91 5.41 -13.84 -44.73
C ARG F 91 4.18 -14.34 -43.97
N VAL F 92 3.17 -14.78 -44.70
CA VAL F 92 1.93 -15.28 -44.11
C VAL F 92 1.88 -16.79 -44.32
N PHE F 93 1.96 -17.54 -43.24
CA PHE F 93 1.85 -18.99 -43.28
C PHE F 93 0.44 -19.41 -42.88
N ILE F 94 0.05 -20.60 -43.31
CA ILE F 94 -1.25 -21.17 -42.96
C ILE F 94 -1.09 -22.65 -42.69
N GLU F 95 -1.82 -23.15 -41.71
CA GLU F 95 -1.83 -24.57 -41.41
C GLU F 95 -3.00 -25.22 -42.16
N VAL F 96 -2.67 -26.13 -43.08
CA VAL F 96 -3.64 -26.86 -43.87
C VAL F 96 -3.46 -28.34 -43.57
N GLY F 97 -4.54 -29.02 -43.18
CA GLY F 97 -4.45 -30.44 -42.92
C GLY F 97 -3.39 -30.81 -41.91
N GLY F 98 -3.10 -29.92 -40.97
CA GLY F 98 -2.10 -30.20 -39.95
C GLY F 98 -0.67 -29.93 -40.36
N LYS F 99 -0.44 -29.35 -41.53
CA LYS F 99 0.92 -29.04 -42.00
C LYS F 99 0.99 -27.57 -42.37
N VAL F 100 2.07 -26.92 -41.96
CA VAL F 100 2.23 -25.48 -42.17
C VAL F 100 2.82 -25.25 -43.56
N GLN F 101 2.30 -24.25 -44.27
CA GLN F 101 2.78 -23.93 -45.60
C GLN F 101 2.79 -22.43 -45.81
N LEU F 102 3.74 -21.97 -46.62
CA LEU F 102 3.87 -20.56 -46.95
C LEU F 102 2.91 -20.20 -48.06
N THR F 103 2.16 -19.12 -47.87
CA THR F 103 1.21 -18.65 -48.86
C THR F 103 1.76 -17.45 -49.61
N ASN F 104 1.23 -17.25 -50.82
CA ASN F 104 1.56 -16.08 -51.63
C ASN F 104 0.61 -14.93 -51.26
N VAL F 105 0.76 -14.47 -50.02
CA VAL F 105 -0.04 -13.37 -49.50
C VAL F 105 0.93 -12.37 -48.88
N ARG F 106 0.68 -11.08 -49.12
CA ARG F 106 1.64 -10.06 -48.77
C ARG F 106 0.91 -8.78 -48.42
N PHE F 107 1.10 -8.29 -47.19
CA PHE F 107 0.56 -7.00 -46.81
C PHE F 107 1.37 -5.88 -47.42
N ARG F 108 0.76 -4.70 -47.50
CA ARG F 108 1.44 -3.54 -48.09
C ARG F 108 2.71 -3.21 -47.32
N ASP F 109 2.59 -3.05 -46.00
CA ASP F 109 3.72 -2.70 -45.16
C ASP F 109 3.34 -2.94 -43.72
N ASN F 110 4.32 -2.81 -42.82
CA ASN F 110 4.07 -3.08 -41.41
C ASN F 110 3.00 -2.16 -40.84
N LEU F 111 2.80 -0.98 -41.41
CA LEU F 111 1.75 -0.10 -40.90
C LEU F 111 0.37 -0.68 -41.19
N GLN F 112 0.14 -1.19 -42.40
CA GLN F 112 -1.14 -1.80 -42.70
C GLN F 112 -1.42 -2.96 -41.76
N LEU F 113 -0.44 -3.83 -41.58
CA LEU F 113 -0.64 -4.98 -40.69
C LEU F 113 -0.87 -4.54 -39.26
N MET F 114 -0.13 -3.54 -38.79
CA MET F 114 -0.30 -3.10 -37.42
C MET F 114 -1.64 -2.43 -37.20
N ASN F 115 -2.22 -1.81 -38.23
CA ASN F 115 -3.56 -1.27 -38.09
C ASN F 115 -4.60 -2.37 -38.13
N ILE F 116 -4.41 -3.37 -39.00
CA ILE F 116 -5.37 -4.46 -39.10
C ILE F 116 -5.39 -5.26 -37.81
N CYS F 117 -4.22 -5.42 -37.16
CA CYS F 117 -4.19 -6.13 -35.88
C CYS F 117 -5.00 -5.38 -34.83
N GLN F 118 -4.85 -4.06 -34.77
CA GLN F 118 -5.65 -3.27 -33.83
C GLN F 118 -7.13 -3.41 -34.14
N ARG F 119 -7.48 -3.40 -35.44
CA ARG F 119 -8.88 -3.56 -35.82
C ARG F 119 -9.42 -4.91 -35.36
N ILE F 120 -8.63 -5.97 -35.55
CA ILE F 120 -9.09 -7.31 -35.17
C ILE F 120 -9.24 -7.41 -33.66
N VAL F 121 -8.26 -6.91 -32.90
CA VAL F 121 -8.33 -7.01 -31.44
C VAL F 121 -9.24 -5.98 -30.83
N SER F 122 -9.80 -5.06 -31.60
CA SER F 122 -10.78 -4.12 -31.09
C SER F 122 -12.18 -4.69 -31.02
N GLN F 123 -12.43 -5.84 -31.66
CA GLN F 123 -13.76 -6.43 -31.62
C GLN F 123 -14.19 -6.78 -30.21
N VAL F 124 -13.24 -6.98 -29.30
CA VAL F 124 -13.55 -7.32 -27.91
C VAL F 124 -13.07 -6.21 -27.00
N GLY F 125 -13.10 -4.98 -27.48
CA GLY F 125 -12.70 -3.84 -26.67
C GLY F 125 -11.28 -3.90 -26.19
N ARG F 126 -10.37 -4.44 -27.01
CA ARG F 126 -8.96 -4.55 -26.67
C ARG F 126 -8.13 -3.80 -27.69
N ARG F 127 -7.01 -3.24 -27.22
CA ARG F 127 -6.10 -2.50 -28.07
C ARG F 127 -4.68 -2.98 -27.83
N VAL F 128 -3.91 -3.05 -28.91
CA VAL F 128 -2.51 -3.43 -28.87
C VAL F 128 -1.71 -2.36 -29.60
N ASP F 129 -0.69 -1.84 -28.94
CA ASP F 129 0.16 -0.81 -29.52
C ASP F 129 1.46 -0.76 -28.72
N GLU F 130 2.27 0.26 -28.98
CA GLU F 130 3.53 0.39 -28.26
C GLU F 130 3.33 0.64 -26.77
N SER F 131 2.11 0.98 -26.34
CA SER F 131 1.84 1.09 -24.92
C SER F 131 1.79 -0.29 -24.27
N SER F 132 1.11 -1.25 -24.92
CA SER F 132 1.01 -2.62 -24.44
C SER F 132 1.12 -3.53 -25.64
N PRO F 133 2.35 -3.90 -26.04
CA PRO F 133 2.53 -4.58 -27.33
C PRO F 133 1.93 -5.98 -27.39
N ILE F 134 1.72 -6.65 -26.27
CA ILE F 134 1.25 -8.04 -26.27
C ILE F 134 -0.26 -8.04 -26.02
N CYS F 135 -0.99 -8.75 -26.87
CA CYS F 135 -2.45 -8.82 -26.72
C CYS F 135 -2.95 -10.19 -27.12
N ASP F 136 -3.64 -10.88 -26.21
CA ASP F 136 -4.28 -12.15 -26.49
C ASP F 136 -5.77 -12.02 -26.25
N ALA F 137 -6.57 -12.55 -27.18
CA ALA F 137 -8.02 -12.41 -27.08
C ALA F 137 -8.68 -13.54 -27.85
N ARG F 138 -10.00 -13.63 -27.69
CA ARG F 138 -10.80 -14.61 -28.40
C ARG F 138 -11.94 -13.89 -29.10
N LEU F 139 -12.10 -14.14 -30.39
CA LEU F 139 -13.13 -13.48 -31.18
C LEU F 139 -14.49 -14.14 -30.96
N PRO F 140 -15.57 -13.44 -31.30
CA PRO F 140 -16.90 -14.05 -31.16
C PRO F 140 -17.07 -15.31 -32.01
N ASP F 141 -16.45 -15.37 -33.19
CA ASP F 141 -16.69 -16.49 -34.09
C ASP F 141 -16.14 -17.80 -33.55
N GLY F 142 -15.34 -17.76 -32.49
CA GLY F 142 -14.81 -18.98 -31.89
C GLY F 142 -13.39 -19.26 -32.31
N SER F 143 -12.56 -18.21 -32.36
CA SER F 143 -11.17 -18.32 -32.73
C SER F 143 -10.33 -17.44 -31.82
N ARG F 144 -9.08 -17.83 -31.63
CA ARG F 144 -8.18 -17.12 -30.75
C ARG F 144 -7.18 -16.30 -31.57
N VAL F 145 -6.89 -15.10 -31.09
CA VAL F 145 -6.01 -14.17 -31.76
C VAL F 145 -4.93 -13.70 -30.79
N ASN F 146 -3.68 -13.78 -31.23
CA ASN F 146 -2.54 -13.31 -30.45
C ASN F 146 -1.76 -12.32 -31.30
N VAL F 147 -1.33 -11.22 -30.69
CA VAL F 147 -0.67 -10.13 -31.41
C VAL F 147 0.51 -9.64 -30.59
N ILE F 148 1.65 -9.47 -31.25
CA ILE F 148 2.81 -8.83 -30.66
C ILE F 148 3.25 -7.70 -31.58
N ALA F 149 3.54 -6.55 -30.99
CA ALA F 149 3.75 -5.31 -31.71
C ALA F 149 5.21 -5.12 -32.08
N PRO F 150 5.52 -4.15 -32.93
CA PRO F 150 6.89 -3.99 -33.43
C PRO F 150 7.90 -3.73 -32.32
N PRO F 151 7.53 -3.04 -31.24
CA PRO F 151 8.53 -2.80 -30.19
C PRO F 151 9.19 -4.07 -29.68
N LEU F 152 8.43 -5.16 -29.57
CA LEU F 152 9.00 -6.45 -29.19
C LEU F 152 9.38 -7.26 -30.42
N ALA F 153 8.41 -7.55 -31.28
CA ALA F 153 8.67 -8.33 -32.48
C ALA F 153 9.54 -7.52 -33.44
N LEU F 154 10.78 -7.97 -33.64
CA LEU F 154 11.71 -7.22 -34.47
C LEU F 154 11.25 -7.18 -35.92
N ASP F 155 10.77 -8.31 -36.45
CA ASP F 155 10.41 -8.39 -37.86
C ASP F 155 9.18 -7.59 -38.23
N GLY F 156 8.43 -7.09 -37.25
CA GLY F 156 7.17 -6.43 -37.50
C GLY F 156 6.06 -7.10 -36.73
N PRO F 157 4.86 -6.54 -36.77
CA PRO F 157 3.76 -7.11 -35.99
C PRO F 157 3.55 -8.58 -36.33
N THR F 158 3.43 -9.39 -35.29
CA THR F 158 3.19 -10.82 -35.46
C THR F 158 1.77 -11.13 -35.00
N LEU F 159 1.01 -11.79 -35.87
CA LEU F 159 -0.38 -12.13 -35.61
C LEU F 159 -0.56 -13.62 -35.78
N THR F 160 -1.20 -14.26 -34.81
CA THR F 160 -1.49 -15.69 -34.85
C THR F 160 -2.98 -15.88 -34.61
N ILE F 161 -3.66 -16.50 -35.57
CA ILE F 161 -5.10 -16.74 -35.49
C ILE F 161 -5.32 -18.23 -35.56
N ARG F 162 -5.85 -18.81 -34.49
CA ARG F 162 -6.21 -20.23 -34.46
C ARG F 162 -7.73 -20.31 -34.55
N LYS F 163 -8.22 -20.94 -35.62
CA LYS F 163 -9.66 -21.12 -35.80
C LYS F 163 -10.02 -22.51 -35.28
N PHE F 164 -10.52 -22.56 -34.06
CA PHE F 164 -10.86 -23.83 -33.43
C PHE F 164 -12.17 -24.38 -33.99
N LYS F 165 -12.27 -25.70 -34.01
CA LYS F 165 -13.45 -26.35 -34.56
C LYS F 165 -14.68 -26.03 -33.72
N LYS F 166 -15.84 -26.07 -34.37
CA LYS F 166 -17.09 -25.75 -33.69
C LYS F 166 -17.57 -26.91 -32.83
N ASP F 167 -17.83 -28.06 -33.44
CA ASP F 167 -18.35 -29.19 -32.71
C ASP F 167 -17.37 -29.62 -31.61
N LYS F 168 -17.90 -29.87 -30.42
CA LYS F 168 -17.09 -30.24 -29.28
C LYS F 168 -17.14 -31.75 -29.06
N LEU F 169 -16.38 -32.20 -28.08
CA LEU F 169 -16.25 -33.62 -27.77
C LEU F 169 -17.13 -33.99 -26.60
N THR F 170 -17.60 -35.23 -26.60
CA THR F 170 -18.35 -35.80 -25.50
C THR F 170 -17.46 -36.77 -24.73
N MET F 171 -17.92 -37.15 -23.54
CA MET F 171 -17.13 -38.09 -22.73
C MET F 171 -16.82 -39.36 -23.50
N LYS F 172 -17.71 -39.76 -24.40
CA LYS F 172 -17.44 -40.93 -25.23
C LYS F 172 -16.21 -40.70 -26.10
N ASN F 173 -16.10 -39.51 -26.68
CA ASN F 173 -14.91 -39.21 -27.48
C ASN F 173 -13.66 -39.24 -26.61
N LEU F 174 -13.72 -38.65 -25.42
CA LEU F 174 -12.56 -38.67 -24.55
C LEU F 174 -12.14 -40.09 -24.21
N VAL F 175 -13.10 -40.99 -24.01
CA VAL F 175 -12.75 -42.38 -23.78
C VAL F 175 -12.15 -43.01 -25.03
N GLU F 176 -12.67 -42.64 -26.19
CA GLU F 176 -12.14 -43.20 -27.44
C GLU F 176 -10.69 -42.81 -27.65
N PHE F 177 -10.34 -41.55 -27.38
CA PHE F 177 -8.98 -41.06 -27.56
C PHE F 177 -8.03 -41.50 -26.46
N ALA F 178 -8.45 -42.40 -25.59
CA ALA F 178 -7.63 -42.85 -24.47
C ALA F 178 -7.27 -41.71 -23.53
N SER F 179 -7.98 -40.59 -23.65
CA SER F 179 -7.70 -39.47 -22.75
C SER F 179 -7.99 -39.83 -21.31
N ILE F 180 -9.09 -40.54 -21.06
CA ILE F 180 -9.43 -41.04 -19.74
C ILE F 180 -9.97 -42.46 -19.89
N SER F 181 -9.51 -43.37 -19.05
CA SER F 181 -9.96 -44.74 -19.13
C SER F 181 -11.45 -44.83 -18.80
N PRO F 182 -12.14 -45.85 -19.33
CA PRO F 182 -13.59 -45.94 -19.06
C PRO F 182 -13.92 -45.97 -17.59
N GLU F 183 -13.08 -46.57 -16.75
CA GLU F 183 -13.31 -46.49 -15.31
C GLU F 183 -13.22 -45.06 -14.83
N GLY F 184 -12.24 -44.31 -15.32
CA GLY F 184 -12.18 -42.89 -15.01
C GLY F 184 -13.40 -42.16 -15.53
N ALA F 185 -13.92 -42.57 -16.68
CA ALA F 185 -15.12 -41.94 -17.22
C ALA F 185 -16.30 -42.16 -16.29
N ARG F 186 -16.46 -43.37 -15.76
CA ARG F 186 -17.55 -43.64 -14.83
C ARG F 186 -17.38 -42.85 -13.54
N VAL F 187 -16.14 -42.75 -13.04
CA VAL F 187 -15.93 -41.97 -11.83
C VAL F 187 -16.23 -40.50 -12.08
N LEU F 188 -15.88 -39.99 -13.27
CA LEU F 188 -16.21 -38.61 -13.61
C LEU F 188 -17.71 -38.41 -13.70
N GLY F 189 -18.42 -39.39 -14.26
CA GLY F 189 -19.87 -39.29 -14.29
C GLY F 189 -20.46 -39.23 -12.89
N VAL F 190 -19.95 -40.06 -11.99
CA VAL F 190 -20.42 -40.02 -10.60
C VAL F 190 -20.14 -38.65 -10.00
N ILE F 191 -18.93 -38.14 -10.20
CA ILE F 191 -18.57 -36.84 -9.62
C ILE F 191 -19.48 -35.74 -10.16
N GLY F 192 -19.73 -35.74 -11.47
CA GLY F 192 -20.59 -34.72 -12.04
C GLY F 192 -22.01 -34.80 -11.53
N ALA F 193 -22.57 -36.01 -11.46
CA ALA F 193 -23.93 -36.18 -10.97
C ALA F 193 -23.99 -36.02 -9.45
N CYS F 194 -22.89 -36.32 -8.77
CA CYS F 194 -22.85 -36.30 -7.31
C CYS F 194 -22.85 -34.89 -6.74
N ARG F 195 -22.73 -33.86 -7.57
CA ARG F 195 -22.69 -32.48 -7.11
C ARG F 195 -21.49 -32.24 -6.20
N CYS F 196 -20.30 -32.38 -6.79
CA CYS F 196 -19.04 -32.08 -6.12
C CYS F 196 -18.47 -30.78 -6.66
N ASN F 197 -17.91 -29.97 -5.76
CA ASN F 197 -17.30 -28.70 -6.12
C ASN F 197 -15.93 -28.97 -6.72
N LEU F 198 -15.88 -29.12 -8.04
CA LEU F 198 -14.66 -29.52 -8.73
C LEU F 198 -14.06 -28.36 -9.49
N VAL F 199 -12.74 -28.25 -9.44
CA VAL F 199 -11.98 -27.25 -10.18
C VAL F 199 -11.18 -27.98 -11.25
N ILE F 200 -11.26 -27.51 -12.49
CA ILE F 200 -10.63 -28.16 -13.62
C ILE F 200 -9.40 -27.33 -13.99
N SER F 201 -8.22 -27.80 -13.61
CA SER F 201 -6.98 -27.14 -13.95
C SER F 201 -6.45 -27.63 -15.28
N GLY F 202 -5.38 -27.01 -15.74
CA GLY F 202 -4.75 -27.43 -16.98
C GLY F 202 -3.91 -26.34 -17.57
N GLY F 203 -3.20 -26.69 -18.64
CA GLY F 203 -2.39 -25.76 -19.37
C GLY F 203 -3.10 -25.23 -20.61
N THR F 204 -2.44 -24.29 -21.28
CA THR F 204 -3.02 -23.70 -22.47
C THR F 204 -3.32 -24.78 -23.50
N GLY F 205 -4.52 -24.73 -24.06
CA GLY F 205 -4.91 -25.72 -25.05
C GLY F 205 -4.95 -27.13 -24.51
N SER F 206 -4.91 -27.29 -23.19
CA SER F 206 -4.87 -28.62 -22.60
C SER F 206 -6.21 -29.33 -22.64
N GLY F 207 -7.32 -28.59 -22.63
CA GLY F 207 -8.63 -29.20 -22.69
C GLY F 207 -9.52 -28.84 -21.52
N LYS F 208 -9.23 -27.72 -20.85
CA LYS F 208 -10.02 -27.35 -19.68
C LYS F 208 -11.48 -27.12 -20.04
N THR F 209 -11.74 -26.28 -21.04
CA THR F 209 -13.12 -25.96 -21.39
C THR F 209 -13.85 -27.19 -21.90
N THR F 210 -13.21 -28.01 -22.72
CA THR F 210 -13.86 -29.22 -23.21
C THR F 210 -14.18 -30.16 -22.06
N LEU F 211 -13.27 -30.31 -21.12
CA LEU F 211 -13.54 -31.17 -19.97
C LEU F 211 -14.70 -30.63 -19.15
N LEU F 212 -14.76 -29.32 -18.95
CA LEU F 212 -15.87 -28.73 -18.23
C LEU F 212 -17.19 -28.97 -18.97
N ASN F 213 -17.17 -28.83 -20.28
CA ASN F 213 -18.38 -29.04 -21.07
C ASN F 213 -18.84 -30.49 -21.01
N THR F 214 -17.90 -31.45 -20.98
CA THR F 214 -18.29 -32.84 -20.85
C THR F 214 -18.79 -33.15 -19.45
N MET F 215 -18.25 -32.47 -18.43
CA MET F 215 -18.72 -32.68 -17.07
C MET F 215 -20.11 -32.11 -16.84
N THR F 216 -20.43 -30.98 -17.49
CA THR F 216 -21.76 -30.41 -17.32
C THR F 216 -22.86 -31.30 -17.89
N ALA F 217 -22.52 -32.23 -18.77
CA ALA F 217 -23.55 -33.12 -19.31
C ALA F 217 -24.14 -34.02 -18.24
N PHE F 218 -23.50 -34.14 -17.09
CA PHE F 218 -23.99 -34.96 -16.00
C PHE F 218 -24.89 -34.21 -15.04
N ILE F 219 -25.17 -32.94 -15.30
CA ILE F 219 -26.02 -32.14 -14.42
C ILE F 219 -27.46 -32.61 -14.55
N ASP F 220 -28.13 -32.77 -13.42
CA ASP F 220 -29.52 -33.18 -13.43
C ASP F 220 -30.37 -32.13 -14.13
N PRO F 221 -31.25 -32.51 -15.07
CA PRO F 221 -31.97 -31.48 -15.85
C PRO F 221 -32.84 -30.58 -15.01
N THR F 222 -33.19 -30.97 -13.79
CA THR F 222 -34.09 -30.16 -12.98
C THR F 222 -33.40 -29.01 -12.26
N GLU F 223 -32.08 -28.94 -12.32
CA GLU F 223 -31.33 -27.95 -11.54
C GLU F 223 -31.19 -26.64 -12.30
N ARG F 224 -31.21 -25.55 -11.55
CA ARG F 224 -31.06 -24.20 -12.10
C ARG F 224 -29.58 -23.88 -12.19
N VAL F 225 -29.03 -23.91 -13.39
CA VAL F 225 -27.61 -23.70 -13.62
C VAL F 225 -27.40 -22.27 -14.09
N VAL F 226 -26.32 -21.64 -13.61
CA VAL F 226 -25.93 -20.31 -14.04
C VAL F 226 -24.47 -20.38 -14.46
N THR F 227 -24.19 -20.04 -15.71
CA THR F 227 -22.85 -20.15 -16.27
C THR F 227 -22.33 -18.76 -16.56
N CYS F 228 -21.35 -18.32 -15.78
CA CYS F 228 -20.66 -17.05 -16.02
C CYS F 228 -19.49 -17.31 -16.96
N GLU F 229 -19.37 -16.49 -18.00
CA GLU F 229 -18.35 -16.72 -19.02
C GLU F 229 -17.85 -15.39 -19.56
N ASP F 230 -16.84 -15.48 -20.41
CA ASP F 230 -16.32 -14.33 -21.14
C ASP F 230 -16.50 -14.43 -22.64
N ALA F 231 -16.73 -15.63 -23.19
CA ALA F 231 -16.81 -15.80 -24.63
C ALA F 231 -17.92 -16.74 -25.07
N ALA F 232 -18.84 -17.12 -24.20
CA ALA F 232 -19.95 -18.00 -24.56
C ALA F 232 -19.44 -19.29 -25.19
N GLU F 233 -18.49 -19.93 -24.50
CA GLU F 233 -17.91 -21.17 -25.00
C GLU F 233 -18.81 -22.36 -24.69
N LEU F 234 -19.25 -22.49 -23.45
CA LEU F 234 -19.92 -23.72 -23.02
C LEU F 234 -21.23 -23.91 -23.78
N GLN F 235 -21.60 -25.18 -23.95
CA GLN F 235 -22.81 -25.59 -24.65
C GLN F 235 -23.52 -26.62 -23.79
N LEU F 236 -24.38 -26.16 -22.90
CA LEU F 236 -25.15 -27.05 -22.05
C LEU F 236 -26.47 -27.39 -22.73
N GLN F 237 -26.97 -28.59 -22.44
CA GLN F 237 -28.23 -29.05 -23.01
C GLN F 237 -29.39 -29.01 -22.04
N GLN F 238 -29.15 -28.71 -20.77
CA GLN F 238 -30.23 -28.71 -19.79
C GLN F 238 -31.25 -27.64 -20.15
N PRO F 239 -32.51 -27.81 -19.72
CA PRO F 239 -33.54 -26.83 -20.06
C PRO F 239 -33.45 -25.58 -19.21
N HIS F 240 -33.10 -25.74 -17.94
CA HIS F 240 -33.08 -24.63 -16.98
C HIS F 240 -31.65 -24.14 -16.80
N VAL F 241 -31.18 -23.38 -17.79
CA VAL F 241 -29.83 -22.85 -17.82
C VAL F 241 -29.90 -21.35 -18.05
N VAL F 242 -29.08 -20.61 -17.29
CA VAL F 242 -28.99 -19.16 -17.42
C VAL F 242 -27.55 -18.83 -17.83
N ARG F 243 -27.40 -18.19 -18.97
CA ARG F 243 -26.10 -17.91 -19.55
C ARG F 243 -25.77 -16.43 -19.37
N LEU F 244 -24.62 -16.14 -18.78
CA LEU F 244 -24.15 -14.78 -18.56
C LEU F 244 -22.81 -14.59 -19.23
N GLU F 245 -22.49 -13.34 -19.55
CA GLU F 245 -21.22 -13.01 -20.18
C GLU F 245 -20.78 -11.63 -19.73
N THR F 246 -19.53 -11.53 -19.30
CA THR F 246 -19.01 -10.24 -18.87
C THR F 246 -18.93 -9.27 -20.04
N ARG F 247 -19.02 -7.97 -19.72
CA ARG F 247 -18.95 -6.93 -20.72
C ARG F 247 -17.61 -6.22 -20.62
N PRO F 248 -16.76 -6.26 -21.65
CA PRO F 248 -15.47 -5.60 -21.54
C PRO F 248 -15.64 -4.08 -21.50
N PRO F 249 -14.74 -3.37 -20.83
CA PRO F 249 -14.88 -1.91 -20.77
C PRO F 249 -14.83 -1.29 -22.15
N ASN F 250 -15.61 -0.21 -22.32
CA ASN F 250 -15.64 0.49 -23.59
C ASN F 250 -14.35 1.29 -23.77
N LEU F 251 -14.28 2.01 -24.89
CA LEU F 251 -13.06 2.77 -25.21
C LEU F 251 -12.72 3.79 -24.15
N GLU F 252 -13.70 4.22 -23.35
CA GLU F 252 -13.48 5.21 -22.31
C GLU F 252 -12.99 4.61 -21.01
N GLY F 253 -12.84 3.29 -20.95
CA GLY F 253 -12.46 2.64 -19.71
C GLY F 253 -13.52 2.70 -18.63
N SER F 254 -14.80 2.56 -19.01
CA SER F 254 -15.89 2.58 -18.06
C SER F 254 -17.02 1.71 -18.58
N GLY F 255 -17.89 1.28 -17.66
CA GLY F 255 -19.00 0.43 -18.02
C GLY F 255 -18.71 -1.05 -18.02
N ALA F 256 -17.63 -1.47 -17.36
CA ALA F 256 -17.26 -2.87 -17.34
C ALA F 256 -18.03 -3.64 -16.28
N VAL F 257 -18.32 -4.90 -16.58
CA VAL F 257 -18.94 -5.82 -15.64
C VAL F 257 -17.98 -7.00 -15.50
N THR F 258 -17.11 -6.93 -14.50
CA THR F 258 -16.10 -7.96 -14.32
C THR F 258 -16.76 -9.28 -13.92
N MET F 259 -16.03 -10.38 -14.15
CA MET F 259 -16.51 -11.68 -13.72
C MET F 259 -16.82 -11.69 -12.24
N ARG F 260 -16.10 -10.90 -11.46
CA ARG F 260 -16.37 -10.82 -10.03
C ARG F 260 -17.78 -10.32 -9.77
N ASP F 261 -18.20 -9.28 -10.49
CA ASP F 261 -19.56 -8.76 -10.32
C ASP F 261 -20.60 -9.79 -10.72
N LEU F 262 -20.37 -10.49 -11.83
CA LEU F 262 -21.31 -11.51 -12.25
C LEU F 262 -21.45 -12.61 -11.20
N VAL F 263 -20.32 -13.08 -10.66
CA VAL F 263 -20.40 -14.13 -9.65
C VAL F 263 -21.09 -13.61 -8.39
N LYS F 264 -20.77 -12.39 -7.96
CA LYS F 264 -21.40 -11.86 -6.76
C LYS F 264 -22.91 -11.75 -6.96
N ASN F 265 -23.36 -11.36 -8.14
CA ASN F 265 -24.79 -11.28 -8.39
C ASN F 265 -25.41 -12.65 -8.52
N CYS F 266 -24.66 -13.65 -9.00
CA CYS F 266 -25.19 -14.99 -9.14
C CYS F 266 -25.61 -15.58 -7.81
N LEU F 267 -25.05 -15.08 -6.70
CA LEU F 267 -25.48 -15.53 -5.39
C LEU F 267 -26.88 -15.06 -5.06
N ARG F 268 -27.38 -14.03 -5.74
CA ARG F 268 -28.72 -13.52 -5.51
C ARG F 268 -29.77 -14.23 -6.35
N MET F 269 -29.38 -14.84 -7.46
CA MET F 269 -30.32 -15.47 -8.37
C MET F 269 -30.79 -16.84 -7.91
N ARG F 270 -30.46 -17.24 -6.69
CA ARG F 270 -30.77 -18.55 -6.12
C ARG F 270 -30.49 -19.68 -7.13
N PRO F 271 -29.27 -19.77 -7.64
CA PRO F 271 -28.93 -20.90 -8.51
C PRO F 271 -28.50 -22.10 -7.69
N GLU F 272 -28.69 -23.28 -8.28
CA GLU F 272 -28.22 -24.50 -7.65
C GLU F 272 -26.80 -24.87 -8.08
N ARG F 273 -26.33 -24.32 -9.19
CA ARG F 273 -24.95 -24.50 -9.63
C ARG F 273 -24.45 -23.21 -10.26
N ILE F 274 -23.25 -22.80 -9.89
CA ILE F 274 -22.56 -21.71 -10.55
C ILE F 274 -21.36 -22.31 -11.28
N ILE F 275 -21.25 -22.02 -12.57
CA ILE F 275 -20.25 -22.62 -13.43
C ILE F 275 -19.44 -21.47 -14.02
N VAL F 276 -18.35 -21.12 -13.36
CA VAL F 276 -17.51 -20.02 -13.82
C VAL F 276 -16.70 -20.50 -15.02
N GLY F 277 -16.79 -19.76 -16.13
CA GLY F 277 -16.10 -20.19 -17.33
C GLY F 277 -14.61 -20.32 -17.14
N GLU F 278 -13.99 -19.37 -16.45
CA GLU F 278 -12.59 -19.48 -16.08
C GLU F 278 -12.22 -18.46 -15.02
N VAL F 279 -11.58 -18.91 -13.95
CA VAL F 279 -11.18 -18.05 -12.84
C VAL F 279 -9.84 -17.43 -13.19
N ARG F 280 -9.79 -16.09 -13.20
CA ARG F 280 -8.56 -15.37 -13.53
C ARG F 280 -8.13 -14.39 -12.46
N GLY F 281 -9.07 -13.77 -11.74
CA GLY F 281 -8.73 -12.73 -10.80
C GLY F 281 -9.43 -12.90 -9.47
N PRO F 282 -9.90 -11.80 -8.87
CA PRO F 282 -10.46 -11.88 -7.52
C PRO F 282 -11.71 -12.74 -7.42
N GLU F 283 -12.43 -12.97 -8.53
CA GLU F 283 -13.68 -13.70 -8.44
C GLU F 283 -13.49 -15.07 -7.82
N ALA F 284 -12.28 -15.63 -7.89
CA ALA F 284 -11.98 -16.86 -7.18
C ALA F 284 -12.63 -16.85 -5.81
N PHE F 285 -12.33 -15.81 -5.02
CA PHE F 285 -12.91 -15.72 -3.68
C PHE F 285 -14.41 -15.97 -3.72
N ASP F 286 -15.14 -15.13 -4.47
CA ASP F 286 -16.58 -15.28 -4.53
C ASP F 286 -16.97 -16.70 -4.92
N LEU F 287 -16.30 -17.27 -5.91
CA LEU F 287 -16.65 -18.62 -6.34
C LEU F 287 -16.60 -19.57 -5.17
N LEU F 288 -15.56 -19.49 -4.36
CA LEU F 288 -15.45 -20.39 -3.21
C LEU F 288 -16.64 -20.19 -2.29
N GLN F 289 -17.02 -18.94 -2.03
CA GLN F 289 -18.22 -18.68 -1.24
C GLN F 289 -19.40 -19.46 -1.81
N ALA F 290 -19.60 -19.37 -3.13
CA ALA F 290 -20.68 -20.13 -3.75
C ALA F 290 -20.52 -21.62 -3.49
N MET F 291 -19.30 -22.14 -3.67
CA MET F 291 -19.08 -23.55 -3.42
C MET F 291 -19.37 -23.91 -1.97
N ASN F 292 -19.24 -22.95 -1.07
CA ASN F 292 -19.31 -23.23 0.36
C ASN F 292 -20.71 -23.00 0.93
N THR F 293 -21.39 -21.94 0.51
CA THR F 293 -22.66 -21.56 1.09
C THR F 293 -23.82 -22.04 0.21
N GLY F 294 -23.94 -23.36 0.10
CA GLY F 294 -25.15 -23.99 -0.37
C GLY F 294 -25.23 -24.28 -1.85
N HIS F 295 -24.39 -23.68 -2.67
CA HIS F 295 -24.43 -23.92 -4.11
C HIS F 295 -23.50 -25.05 -4.52
N ASP F 296 -23.64 -26.19 -3.85
CA ASP F 296 -22.77 -27.32 -4.13
C ASP F 296 -22.94 -27.77 -5.58
N GLY F 297 -21.83 -28.22 -6.16
CA GLY F 297 -21.79 -28.58 -7.56
C GLY F 297 -21.19 -27.53 -8.45
N SER F 298 -20.78 -26.39 -7.90
CA SER F 298 -20.20 -25.33 -8.72
C SER F 298 -18.86 -25.78 -9.29
N MET F 299 -18.65 -25.50 -10.57
CA MET F 299 -17.43 -25.85 -11.26
C MET F 299 -16.77 -24.58 -11.77
N GLY F 300 -15.48 -24.68 -12.07
CA GLY F 300 -14.76 -23.56 -12.64
C GLY F 300 -13.33 -23.89 -12.99
N THR F 301 -12.91 -23.53 -14.19
CA THR F 301 -11.58 -23.87 -14.68
C THR F 301 -10.61 -22.74 -14.41
N LEU F 302 -9.33 -23.10 -14.32
CA LEU F 302 -8.26 -22.11 -14.20
C LEU F 302 -7.01 -22.67 -14.85
N HIS F 303 -6.04 -21.79 -15.05
CA HIS F 303 -4.79 -22.15 -15.72
C HIS F 303 -3.75 -22.57 -14.68
N ALA F 304 -3.29 -23.81 -14.78
CA ALA F 304 -2.29 -24.34 -13.86
C ALA F 304 -1.88 -25.71 -14.38
N ASN F 305 -0.67 -26.13 -14.00
CA ASN F 305 -0.08 -27.34 -14.53
C ASN F 305 -0.06 -28.50 -13.53
N SER F 306 -0.69 -28.35 -12.38
CA SER F 306 -0.79 -29.44 -11.42
C SER F 306 -1.68 -28.98 -10.26
N PRO F 307 -2.29 -29.92 -9.53
CA PRO F 307 -3.18 -29.52 -8.43
C PRO F 307 -2.52 -28.59 -7.43
N ARG F 308 -1.25 -28.81 -7.10
CA ARG F 308 -0.56 -27.93 -6.18
C ARG F 308 -0.45 -26.52 -6.76
N GLU F 309 -0.09 -26.42 -8.04
CA GLU F 309 -0.02 -25.11 -8.68
C GLU F 309 -1.40 -24.46 -8.74
N ALA F 310 -2.44 -25.25 -9.02
CA ALA F 310 -3.78 -24.70 -9.08
C ALA F 310 -4.19 -24.12 -7.73
N ILE F 311 -3.91 -24.84 -6.65
CA ILE F 311 -4.24 -24.34 -5.31
C ILE F 311 -3.44 -23.08 -5.01
N SER F 312 -2.16 -23.08 -5.36
CA SER F 312 -1.34 -21.90 -5.11
C SER F 312 -1.88 -20.69 -5.86
N ARG F 313 -2.34 -20.89 -7.09
CA ARG F 313 -2.85 -19.76 -7.86
C ARG F 313 -4.22 -19.33 -7.37
N ILE F 314 -5.02 -20.24 -6.81
CA ILE F 314 -6.26 -19.84 -6.15
C ILE F 314 -5.95 -18.93 -4.98
N GLU F 315 -4.98 -19.31 -4.16
CA GLU F 315 -4.56 -18.45 -3.05
C GLU F 315 -4.08 -17.10 -3.57
N SER F 316 -3.30 -17.12 -4.65
CA SER F 316 -2.77 -15.88 -5.20
C SER F 316 -3.89 -14.95 -5.67
N MET F 317 -4.90 -15.51 -6.33
CA MET F 317 -6.02 -14.69 -6.78
C MET F 317 -6.78 -14.12 -5.60
N ILE F 318 -7.05 -14.94 -4.57
CA ILE F 318 -7.77 -14.44 -3.41
C ILE F 318 -6.97 -13.31 -2.74
N THR F 319 -5.65 -13.47 -2.66
CA THR F 319 -4.82 -12.41 -2.11
C THR F 319 -4.90 -11.15 -2.97
N MET F 320 -4.86 -11.32 -4.29
CA MET F 320 -5.03 -10.18 -5.19
C MET F 320 -6.35 -9.46 -4.94
N GLY F 321 -7.37 -10.19 -4.49
CA GLY F 321 -8.63 -9.56 -4.18
C GLY F 321 -8.54 -8.44 -3.16
N GLY F 322 -7.56 -8.51 -2.26
CA GLY F 322 -7.37 -7.45 -1.28
C GLY F 322 -8.31 -7.50 -0.11
N TYR F 323 -8.78 -8.69 0.27
CA TYR F 323 -9.68 -8.81 1.41
C TYR F 323 -8.95 -8.87 2.75
N GLY F 324 -7.62 -8.88 2.74
CA GLY F 324 -6.89 -8.94 3.99
C GLY F 324 -7.11 -10.20 4.80
N LEU F 325 -7.09 -11.36 4.14
CA LEU F 325 -7.23 -12.62 4.83
C LEU F 325 -5.87 -13.27 5.03
N PRO F 326 -5.66 -14.01 6.12
CA PRO F 326 -4.39 -14.71 6.30
C PRO F 326 -4.32 -15.96 5.45
N SER F 327 -3.09 -16.45 5.27
CA SER F 327 -2.88 -17.59 4.39
C SER F 327 -3.66 -18.80 4.86
N LYS F 328 -3.61 -19.10 6.15
CA LYS F 328 -4.31 -20.29 6.64
C LYS F 328 -5.82 -20.14 6.51
N THR F 329 -6.34 -18.93 6.63
CA THR F 329 -7.77 -18.73 6.37
C THR F 329 -8.12 -19.13 4.95
N ILE F 330 -7.32 -18.70 3.99
CA ILE F 330 -7.59 -19.03 2.59
C ILE F 330 -7.46 -20.52 2.37
N LYS F 331 -6.48 -21.16 3.01
CA LYS F 331 -6.32 -22.60 2.83
C LYS F 331 -7.49 -23.36 3.45
N GLU F 332 -7.97 -22.94 4.61
CA GLU F 332 -9.15 -23.55 5.18
C GLU F 332 -10.35 -23.39 4.26
N MET F 333 -10.51 -22.19 3.69
CA MET F 333 -11.60 -21.96 2.75
C MET F 333 -11.51 -22.89 1.55
N ILE F 334 -10.31 -23.03 0.99
CA ILE F 334 -10.12 -23.89 -0.18
C ILE F 334 -10.43 -25.34 0.16
N VAL F 335 -9.94 -25.80 1.32
CA VAL F 335 -10.18 -27.19 1.71
C VAL F 335 -11.66 -27.42 1.96
N GLY F 336 -12.37 -26.45 2.52
CA GLY F 336 -13.79 -26.63 2.78
C GLY F 336 -14.64 -26.57 1.54
N SER F 337 -14.24 -25.74 0.56
CA SER F 337 -15.05 -25.52 -0.62
C SER F 337 -14.80 -26.56 -1.71
N VAL F 338 -13.54 -26.76 -2.08
CA VAL F 338 -13.20 -27.59 -3.22
C VAL F 338 -13.19 -29.06 -2.81
N ASP F 339 -13.63 -29.92 -3.71
CA ASP F 339 -13.66 -31.37 -3.48
C ASP F 339 -12.71 -32.12 -4.40
N VAL F 340 -12.79 -31.88 -5.71
CA VAL F 340 -12.01 -32.61 -6.69
C VAL F 340 -11.30 -31.61 -7.58
N ILE F 341 -10.06 -31.92 -7.97
CA ILE F 341 -9.27 -31.07 -8.86
C ILE F 341 -8.85 -31.93 -10.03
N ILE F 342 -9.65 -31.95 -11.09
CA ILE F 342 -9.31 -32.69 -12.29
C ILE F 342 -8.25 -31.90 -13.04
N GLN F 343 -7.19 -32.58 -13.45
CA GLN F 343 -6.02 -31.92 -14.04
C GLN F 343 -5.89 -32.34 -15.50
N ALA F 344 -6.35 -31.49 -16.40
CA ALA F 344 -6.02 -31.67 -17.80
C ALA F 344 -4.56 -31.27 -18.03
N ALA F 345 -3.97 -31.81 -19.09
CA ALA F 345 -2.61 -31.47 -19.42
C ALA F 345 -2.25 -32.07 -20.77
N ARG F 346 -1.40 -31.37 -21.49
CA ARG F 346 -0.95 -31.80 -22.81
C ARG F 346 0.40 -32.49 -22.66
N LEU F 347 0.60 -33.56 -23.42
CA LEU F 347 1.79 -34.39 -23.30
C LEU F 347 2.85 -33.97 -24.31
N ARG F 348 4.04 -34.54 -24.14
CA ARG F 348 5.19 -34.10 -24.93
C ARG F 348 5.03 -34.35 -26.41
N ASP F 349 4.07 -35.18 -26.82
CA ASP F 349 3.80 -35.41 -28.22
C ASP F 349 2.64 -34.57 -28.73
N GLY F 350 2.10 -33.66 -27.90
CA GLY F 350 1.01 -32.81 -28.30
C GLY F 350 -0.37 -33.38 -28.05
N SER F 351 -0.47 -34.61 -27.56
CA SER F 351 -1.76 -35.24 -27.30
C SER F 351 -2.21 -34.94 -25.87
N ARG F 352 -3.51 -34.71 -25.70
CA ARG F 352 -4.07 -34.34 -24.42
C ARG F 352 -4.34 -35.57 -23.56
N ARG F 353 -4.36 -35.34 -22.25
CA ARG F 353 -4.68 -36.38 -21.29
C ARG F 353 -5.28 -35.73 -20.05
N ILE F 354 -5.95 -36.54 -19.25
CA ILE F 354 -6.43 -36.13 -17.93
C ILE F 354 -5.49 -36.82 -16.94
N THR F 355 -4.46 -36.10 -16.52
CA THR F 355 -3.37 -36.72 -15.79
C THR F 355 -3.73 -37.03 -14.34
N HIS F 356 -4.56 -36.20 -13.70
CA HIS F 356 -4.89 -36.41 -12.29
C HIS F 356 -6.38 -36.23 -12.07
N ILE F 357 -6.93 -37.03 -11.16
CA ILE F 357 -8.22 -36.76 -10.54
C ILE F 357 -7.95 -36.72 -9.04
N THR F 358 -7.61 -35.54 -8.53
CA THR F 358 -7.13 -35.41 -7.16
C THR F 358 -8.33 -35.29 -6.22
N GLU F 359 -8.06 -34.97 -4.96
CA GLU F 359 -9.11 -34.81 -3.96
C GLU F 359 -8.52 -34.12 -2.76
N VAL F 360 -9.07 -32.97 -2.39
CA VAL F 360 -8.55 -32.20 -1.26
C VAL F 360 -9.05 -32.90 0.01
N VAL F 361 -8.22 -33.74 0.62
CA VAL F 361 -8.65 -34.50 1.78
C VAL F 361 -8.83 -33.59 2.98
N GLY F 362 -7.87 -32.70 3.20
CA GLY F 362 -7.93 -31.83 4.36
C GLY F 362 -6.71 -30.94 4.43
N LEU F 363 -6.65 -30.16 5.50
CA LEU F 363 -5.54 -29.25 5.76
C LEU F 363 -4.78 -29.75 6.98
N GLU F 364 -3.48 -29.97 6.82
CA GLU F 364 -2.59 -30.34 7.90
C GLU F 364 -1.49 -29.31 8.01
N GLY F 365 -1.30 -28.77 9.20
CA GLY F 365 -0.33 -27.70 9.37
C GLY F 365 -0.72 -26.52 8.51
N ASP F 366 0.19 -26.10 7.63
CA ASP F 366 -0.06 -25.01 6.70
C ASP F 366 0.01 -25.48 5.24
N VAL F 367 -0.09 -26.78 5.01
CA VAL F 367 -0.03 -27.36 3.67
C VAL F 367 -1.27 -28.20 3.45
N ILE F 368 -1.92 -28.02 2.30
CA ILE F 368 -3.12 -28.77 1.97
C ILE F 368 -2.74 -30.16 1.49
N VAL F 369 -3.52 -31.15 1.85
CA VAL F 369 -3.22 -32.55 1.57
C VAL F 369 -4.24 -33.08 0.56
N THR F 370 -3.75 -33.79 -0.44
CA THR F 370 -4.59 -34.33 -1.49
C THR F 370 -4.21 -35.78 -1.76
N GLN F 371 -5.17 -36.55 -2.28
CA GLN F 371 -4.95 -37.93 -2.63
C GLN F 371 -5.54 -38.18 -4.01
N ASP F 372 -4.75 -38.74 -4.91
CA ASP F 372 -5.18 -38.93 -6.29
C ASP F 372 -6.04 -40.18 -6.41
N LEU F 373 -7.23 -40.03 -6.98
CA LEU F 373 -8.03 -41.20 -7.32
C LEU F 373 -7.51 -41.89 -8.57
N PHE F 374 -6.97 -41.13 -9.52
CA PHE F 374 -6.35 -41.66 -10.72
C PHE F 374 -5.07 -40.90 -10.99
N VAL F 375 -4.14 -41.54 -11.69
CA VAL F 375 -2.93 -40.88 -12.12
C VAL F 375 -2.48 -41.48 -13.44
N TYR F 376 -1.88 -40.65 -14.28
CA TYR F 376 -1.37 -41.09 -15.58
C TYR F 376 0.08 -41.53 -15.39
N GLU F 377 0.36 -42.78 -15.73
CA GLU F 377 1.70 -43.34 -15.67
C GLU F 377 2.23 -43.45 -17.09
N ILE F 378 3.32 -42.75 -17.37
CA ILE F 378 3.95 -42.76 -18.69
C ILE F 378 5.02 -43.85 -18.69
N THR F 379 4.93 -44.78 -19.62
CA THR F 379 5.86 -45.89 -19.68
C THR F 379 6.95 -45.71 -20.73
N GLY F 380 6.71 -44.90 -21.77
CA GLY F 380 7.68 -44.70 -22.81
C GLY F 380 7.08 -44.06 -24.03
N GLU F 381 7.54 -44.46 -25.23
CA GLU F 381 6.97 -43.95 -26.47
C GLU F 381 7.00 -45.06 -27.51
N ASP F 382 5.93 -45.17 -28.27
CA ASP F 382 5.80 -46.23 -29.26
C ASP F 382 6.65 -45.90 -30.49
N GLU F 383 6.57 -46.76 -31.50
CA GLU F 383 7.38 -46.61 -32.70
C GLU F 383 7.00 -45.39 -33.52
N HIS F 384 5.80 -44.83 -33.32
CA HIS F 384 5.35 -43.66 -34.05
C HIS F 384 5.68 -42.36 -33.33
N GLY F 385 6.37 -42.43 -32.19
CA GLY F 385 6.76 -41.25 -31.46
C GLY F 385 5.74 -40.70 -30.50
N LYS F 386 4.61 -41.37 -30.33
CA LYS F 386 3.57 -40.90 -29.42
C LYS F 386 3.80 -41.44 -28.01
N VAL F 387 3.50 -40.61 -27.03
CA VAL F 387 3.70 -41.01 -25.64
C VAL F 387 2.73 -42.12 -25.29
N VAL F 388 3.22 -43.12 -24.56
CA VAL F 388 2.45 -44.29 -24.17
C VAL F 388 2.34 -44.32 -22.65
N GLY F 389 1.14 -44.58 -22.17
CA GLY F 389 0.92 -44.64 -20.73
C GLY F 389 -0.42 -45.26 -20.43
N LYS F 390 -0.75 -45.26 -19.14
CA LYS F 390 -2.01 -45.83 -18.69
C LYS F 390 -2.50 -45.10 -17.45
N HIS F 391 -3.82 -45.02 -17.31
CA HIS F 391 -4.43 -44.43 -16.13
C HIS F 391 -4.56 -45.51 -15.06
N ARG F 392 -3.89 -45.31 -13.93
CA ARG F 392 -3.93 -46.25 -12.83
C ARG F 392 -4.62 -45.60 -11.64
N SER F 393 -5.54 -46.34 -11.03
CA SER F 393 -6.18 -45.91 -9.79
C SER F 393 -5.26 -46.21 -8.62
N THR F 394 -5.19 -45.27 -7.67
CA THR F 394 -4.35 -45.48 -6.50
C THR F 394 -4.97 -46.46 -5.52
N GLY F 395 -6.09 -47.08 -5.85
CA GLY F 395 -6.72 -48.09 -5.01
C GLY F 395 -7.65 -47.54 -3.94
N ILE F 396 -7.75 -46.23 -3.80
CA ILE F 396 -8.61 -45.66 -2.77
C ILE F 396 -10.06 -45.96 -3.13
N ALA F 397 -10.75 -46.68 -2.23
CA ALA F 397 -12.12 -47.09 -2.44
C ALA F 397 -13.11 -46.32 -1.57
N ARG F 398 -12.65 -45.30 -0.85
CA ARG F 398 -13.51 -44.47 0.00
C ARG F 398 -13.13 -43.01 -0.17
N PRO F 399 -13.49 -42.41 -1.31
CA PRO F 399 -13.18 -40.99 -1.52
C PRO F 399 -13.90 -40.11 -0.49
N ARG F 400 -13.32 -38.94 -0.23
CA ARG F 400 -13.90 -38.06 0.76
C ARG F 400 -15.30 -37.62 0.38
N PHE F 401 -15.69 -37.73 -0.89
CA PHE F 401 -17.03 -37.41 -1.32
C PHE F 401 -17.94 -38.64 -1.35
N TRP F 402 -17.60 -39.69 -0.62
CA TRP F 402 -18.41 -40.90 -0.64
C TRP F 402 -19.82 -40.61 -0.14
N ASP F 403 -19.96 -39.81 0.91
CA ASP F 403 -21.28 -39.51 1.45
C ASP F 403 -22.16 -38.82 0.43
N ARG F 404 -21.60 -37.87 -0.32
CA ARG F 404 -22.36 -37.22 -1.37
C ARG F 404 -22.85 -38.24 -2.40
N ALA F 405 -21.95 -39.15 -2.81
CA ALA F 405 -22.34 -40.15 -3.80
C ALA F 405 -23.45 -41.04 -3.28
N ARG F 406 -23.37 -41.47 -2.02
CA ARG F 406 -24.42 -42.31 -1.46
C ARG F 406 -25.74 -41.57 -1.39
N TYR F 407 -25.72 -40.30 -0.98
CA TYR F 407 -26.96 -39.57 -0.81
C TYR F 407 -27.78 -39.54 -2.08
N TYR F 408 -27.14 -39.63 -3.24
CA TYR F 408 -27.83 -39.65 -4.52
C TYR F 408 -27.97 -41.05 -5.09
N GLY F 409 -27.59 -42.08 -4.34
CA GLY F 409 -27.75 -43.44 -4.80
C GLY F 409 -26.75 -43.88 -5.85
N LEU F 410 -25.59 -43.24 -5.91
CA LEU F 410 -24.57 -43.57 -6.89
C LEU F 410 -23.36 -44.28 -6.28
N GLU F 411 -23.32 -44.44 -4.96
CA GLU F 411 -22.15 -45.05 -4.33
C GLU F 411 -21.88 -46.44 -4.87
N ARG F 412 -22.93 -47.16 -5.28
CA ARG F 412 -22.71 -48.50 -5.84
C ARG F 412 -21.88 -48.42 -7.11
N GLU F 413 -22.26 -47.55 -8.03
CA GLU F 413 -21.50 -47.43 -9.28
C GLU F 413 -20.08 -46.92 -9.01
N LEU F 414 -19.94 -46.00 -8.06
CA LEU F 414 -18.61 -45.51 -7.72
C LEU F 414 -17.72 -46.65 -7.23
N ALA F 415 -18.24 -47.46 -6.30
CA ALA F 415 -17.45 -48.58 -5.80
C ALA F 415 -17.14 -49.57 -6.90
N GLU F 416 -18.12 -49.85 -7.76
CA GLU F 416 -17.90 -50.78 -8.86
C GLU F 416 -16.78 -50.28 -9.78
N ALA F 417 -16.82 -49.01 -10.16
CA ALA F 417 -15.80 -48.47 -11.05
C ALA F 417 -14.44 -48.50 -10.38
N LEU F 418 -14.36 -48.08 -9.12
CA LEU F 418 -13.07 -48.05 -8.44
C LEU F 418 -12.49 -49.45 -8.29
N ASP F 419 -13.33 -50.43 -8.00
CA ASP F 419 -12.84 -51.80 -7.82
C ASP F 419 -12.52 -52.47 -9.16
N ALA F 420 -13.22 -52.10 -10.23
CA ALA F 420 -12.86 -52.60 -11.55
C ALA F 420 -11.54 -52.02 -12.03
N ALA F 421 -11.29 -50.73 -11.74
CA ALA F 421 -9.98 -50.16 -12.04
C ALA F 421 -8.91 -50.77 -11.16
N GLU F 422 -9.23 -51.03 -9.89
CA GLU F 422 -8.26 -51.64 -8.98
C GLU F 422 -7.91 -53.06 -9.38
N ALA F 423 -8.79 -53.74 -10.13
CA ALA F 423 -8.48 -55.09 -10.58
C ALA F 423 -7.29 -55.12 -11.52
N LEU F 424 -6.92 -53.99 -12.10
CA LEU F 424 -5.77 -53.92 -12.99
C LEU F 424 -4.51 -53.55 -12.23
#